data_6LQ4
#
_entry.id   6LQ4
#
_cell.length_a   97.972
_cell.length_b   206.435
_cell.length_c   74.041
_cell.angle_alpha   90.000
_cell.angle_beta   90.000
_cell.angle_gamma   90.000
#
_symmetry.space_group_name_H-M   'P 21 21 2'
#
loop_
_entity.id
_entity.type
_entity.pdbx_description
1 polymer 'Acyl-CoA dehydrogenase'
2 non-polymer 'FLAVIN-ADENINE DINUCLEOTIDE'
3 non-polymer 'MYRISTIC ACID'
4 non-polymer 'COENZYME A'
5 water water
#
_entity_poly.entity_id   1
_entity_poly.type   'polypeptide(L)'
_entity_poly.pdbx_seq_one_letter_code
;MSHYKSNVRDQVFNLFEVFGVDKVLGADKFSDLDADTAREMLTEIARLAEGPIAESFVEGDRNPPVFDPETHTVTLPEGF
KKSMRALFDGGWDKVGLAEHLGGIPMPRALQWALIEHILGANPAAYMYAMGPGMSEIFYNNGTDEQKKWATIAAERGWGA
TMVLTEPDAGSDVGAGRTKAVQQPDGTWHIEGVKRFITSADSDDLFENIMHLVLARPEGAGPGTKGLSLFFVPKFHFDHE
TGEIGERNGVFVTNVEHKMGLKVSATCELSLGQHGIPAVGWLVGEVHNGIAQMFDVIEQARMMVGTKAIATLSTGYLNAL
EYAKERVQGADMTQMTDKTAPRVTITHHPDVRRSLMTQKAYAEGLRAIYLYTATFQDAEVAQAVHGVDGDLAARVNDLLL
PIVKGFGSETAYAKLTESLQTLGGSGFLQDYPIEQYIRDSKIDSLYAGTTAIQAQDFFFRKIIRDKGQALAYVAGEIEQF
IKNENGNGRLKTERELLATALADVQGMAASLTGYLMAAQEDAASIYKVGLGSVRFLMAVGDLLSGWLLARQAAVAIEKLD
AGATGADKSFYEGKIAAASFFAKNMLPLLTSTRQIIENLDNDVMELDEAAF
;
_entity_poly.pdbx_strand_id   A,B
#
loop_
_chem_comp.id
_chem_comp.type
_chem_comp.name
_chem_comp.formula
COA non-polymer 'COENZYME A' 'C21 H36 N7 O16 P3 S'
FAD non-polymer 'FLAVIN-ADENINE DINUCLEOTIDE' 'C27 H33 N9 O15 P2'
MYR non-polymer 'MYRISTIC ACID' 'C14 H28 O2'
#
# COMPACT_ATOMS: atom_id res chain seq x y z
N MET A 1 -18.89 -17.11 5.20
CA MET A 1 -19.78 -16.55 6.29
C MET A 1 -19.52 -15.04 6.58
N SER A 2 -18.53 -14.82 7.42
CA SER A 2 -18.05 -13.52 7.85
C SER A 2 -17.08 -13.00 6.78
N HIS A 3 -16.47 -11.85 7.08
CA HIS A 3 -15.30 -11.45 6.33
C HIS A 3 -14.14 -12.42 6.51
N TYR A 4 -14.05 -13.06 7.69
CA TYR A 4 -12.85 -13.79 8.05
C TYR A 4 -12.87 -15.18 7.42
N LYS A 5 -11.84 -15.50 6.67
CA LYS A 5 -11.68 -16.85 6.13
C LYS A 5 -10.45 -17.49 6.76
N SER A 6 -10.66 -18.57 7.52
CA SER A 6 -9.63 -19.27 8.28
C SER A 6 -8.94 -20.28 7.39
N ASN A 7 -7.74 -20.67 7.81
CA ASN A 7 -7.05 -21.80 7.23
C ASN A 7 -6.47 -22.74 8.29
N VAL A 8 -7.36 -23.41 9.03
CA VAL A 8 -6.86 -24.40 9.98
C VAL A 8 -6.05 -25.48 9.29
N ARG A 9 -6.40 -25.84 8.04
CA ARG A 9 -5.73 -26.92 7.32
C ARG A 9 -4.25 -26.62 7.14
N ASP A 10 -3.93 -25.37 6.75
CA ASP A 10 -2.54 -25.01 6.52
C ASP A 10 -1.79 -25.02 7.84
N GLN A 11 -2.45 -24.55 8.91
CA GLN A 11 -1.83 -24.52 10.23
C GLN A 11 -1.48 -25.94 10.71
N VAL A 12 -2.44 -26.87 10.63
CA VAL A 12 -2.21 -28.24 11.10
C VAL A 12 -1.12 -28.90 10.27
N PHE A 13 -1.13 -28.65 8.95
CA PHE A 13 -0.05 -29.14 8.10
C PHE A 13 1.31 -28.66 8.58
N ASN A 14 1.43 -27.36 8.88
CA ASN A 14 2.69 -26.80 9.37
C ASN A 14 3.09 -27.44 10.68
N LEU A 15 2.16 -27.51 11.64
CA LEU A 15 2.53 -27.95 13.00
C LEU A 15 2.88 -29.42 13.01
N PHE A 16 2.12 -30.23 12.29
CA PHE A 16 2.20 -31.68 12.40
C PHE A 16 3.05 -32.28 11.28
N GLU A 17 2.68 -32.02 10.01
CA GLU A 17 3.34 -32.73 8.92
C GLU A 17 4.70 -32.15 8.58
N VAL A 18 5.00 -30.91 8.96
CA VAL A 18 6.26 -30.24 8.57
C VAL A 18 7.21 -30.11 9.76
N PHE A 19 6.75 -29.49 10.85
CA PHE A 19 7.61 -29.25 12.00
C PHE A 19 7.49 -30.32 13.08
N GLY A 20 6.46 -31.16 13.05
CA GLY A 20 6.37 -32.22 14.03
C GLY A 20 6.19 -31.74 15.45
N VAL A 21 5.41 -30.69 15.66
CA VAL A 21 5.19 -30.21 17.01
C VAL A 21 4.44 -31.25 17.82
N ASP A 22 3.68 -32.11 17.15
CA ASP A 22 2.93 -33.13 17.86
C ASP A 22 3.83 -34.11 18.61
N LYS A 23 5.10 -34.23 18.19
CA LYS A 23 6.01 -35.13 18.87
C LYS A 23 6.14 -34.85 20.36
N VAL A 24 5.85 -33.60 20.79
CA VAL A 24 5.90 -33.26 22.22
C VAL A 24 4.52 -33.23 22.86
N LEU A 25 3.45 -33.40 22.08
CA LEU A 25 2.11 -33.37 22.65
C LEU A 25 1.81 -34.67 23.37
N GLY A 26 1.21 -34.55 24.54
CA GLY A 26 0.87 -35.72 25.31
C GLY A 26 1.89 -36.15 26.33
N ALA A 27 2.95 -35.39 26.52
CA ALA A 27 4.02 -35.80 27.43
C ALA A 27 4.61 -34.59 28.13
N ASP A 28 4.96 -34.78 29.40
CA ASP A 28 5.73 -33.82 30.20
C ASP A 28 4.86 -32.57 30.39
N LYS A 29 5.37 -31.37 30.11
CA LYS A 29 4.62 -30.15 30.37
C LYS A 29 3.26 -30.19 29.67
N PHE A 30 3.22 -30.78 28.48
CA PHE A 30 1.99 -30.92 27.72
C PHE A 30 1.41 -32.31 27.92
N SER A 31 1.68 -32.86 29.08
CA SER A 31 1.17 -34.15 29.52
C SER A 31 -0.33 -34.41 29.14
N ASP A 32 -1.17 -33.41 29.20
CA ASP A 32 -2.62 -33.61 29.16
C ASP A 32 -3.16 -32.77 28.02
N LEU A 33 -2.41 -32.74 26.91
CA LEU A 33 -2.90 -32.08 25.69
C LEU A 33 -2.36 -32.87 24.50
N ASP A 34 -3.21 -33.72 23.94
CA ASP A 34 -2.79 -34.59 22.85
C ASP A 34 -3.04 -33.92 21.51
N ALA A 35 -2.50 -34.54 20.46
CA ALA A 35 -2.64 -33.96 19.13
C ALA A 35 -4.09 -33.75 18.76
N ASP A 36 -4.95 -34.73 19.08
CA ASP A 36 -6.35 -34.61 18.69
C ASP A 36 -6.97 -33.38 19.34
N THR A 37 -6.74 -33.19 20.64
CA THR A 37 -7.27 -32.03 21.33
C THR A 37 -6.74 -30.73 20.74
N ALA A 38 -5.49 -30.71 20.30
CA ALA A 38 -4.92 -29.49 19.71
C ALA A 38 -5.67 -29.11 18.44
N ARG A 39 -5.87 -30.11 17.57
CA ARG A 39 -6.63 -29.90 16.35
C ARG A 39 -8.01 -29.38 16.69
N GLU A 40 -8.64 -29.94 17.72
CA GLU A 40 -9.98 -29.51 18.05
C GLU A 40 -9.99 -28.07 18.52
N MET A 41 -8.94 -27.66 19.25
CA MET A 41 -8.87 -26.29 19.72
C MET A 41 -8.76 -25.30 18.56
N LEU A 42 -7.92 -25.64 17.56
CA LEU A 42 -7.75 -24.79 16.39
C LEU A 42 -9.06 -24.65 15.64
N THR A 43 -9.72 -25.77 15.40
CA THR A 43 -11.03 -25.72 14.75
C THR A 43 -12.02 -24.87 15.53
N GLU A 44 -12.02 -25.01 16.86
CA GLU A 44 -13.01 -24.34 17.71
C GLU A 44 -12.80 -22.83 17.70
N ILE A 45 -11.55 -22.38 17.86
CA ILE A 45 -11.30 -20.96 17.91
C ILE A 45 -11.45 -20.35 16.52
N ALA A 46 -11.15 -21.13 15.48
CA ALA A 46 -11.40 -20.66 14.13
C ALA A 46 -12.89 -20.38 13.94
N ARG A 47 -13.75 -21.23 14.50
CA ARG A 47 -15.19 -21.00 14.36
C ARG A 47 -15.65 -19.80 15.16
N LEU A 48 -15.02 -19.59 16.33
CA LEU A 48 -15.30 -18.41 17.13
C LEU A 48 -14.88 -17.17 16.38
N ALA A 49 -13.71 -17.22 15.72
CA ALA A 49 -13.22 -16.08 14.97
C ALA A 49 -14.13 -15.80 13.79
N GLU A 50 -14.54 -16.86 13.07
CA GLU A 50 -15.41 -16.65 11.91
C GLU A 50 -16.80 -16.18 12.31
N GLY A 51 -17.24 -16.45 13.53
CA GLY A 51 -18.57 -16.08 13.93
C GLY A 51 -18.56 -14.83 14.80
N PRO A 52 -18.69 -15.04 16.12
CA PRO A 52 -18.86 -13.89 17.02
C PRO A 52 -17.76 -12.84 16.93
N ILE A 53 -16.48 -13.21 16.79
CA ILE A 53 -15.41 -12.22 16.75
C ILE A 53 -15.47 -11.36 15.48
N ALA A 54 -15.51 -12.02 14.32
CA ALA A 54 -15.56 -11.31 13.03
C ALA A 54 -16.83 -10.51 12.86
N GLU A 55 -17.85 -10.80 13.65
CA GLU A 55 -19.13 -10.19 13.42
C GLU A 55 -19.08 -8.69 13.61
N SER A 56 -18.20 -8.19 14.49
CA SER A 56 -18.07 -6.76 14.75
C SER A 56 -16.84 -6.12 14.07
N PHE A 57 -16.19 -6.83 13.17
CA PHE A 57 -15.10 -6.24 12.42
C PHE A 57 -15.49 -4.92 11.77
N VAL A 58 -16.52 -4.95 10.93
CA VAL A 58 -16.94 -3.74 10.26
C VAL A 58 -17.46 -2.71 11.27
N GLU A 59 -18.29 -3.13 12.24
CA GLU A 59 -18.86 -2.18 13.20
C GLU A 59 -17.77 -1.38 13.93
N GLY A 60 -16.76 -2.08 14.41
CA GLY A 60 -15.68 -1.41 15.12
C GLY A 60 -14.99 -0.33 14.30
N ASP A 61 -14.99 -0.48 12.97
CA ASP A 61 -14.44 0.51 12.06
C ASP A 61 -15.45 1.61 11.71
N ARG A 62 -16.72 1.26 11.50
CA ARG A 62 -17.68 2.28 11.08
C ARG A 62 -18.26 3.10 12.24
N ASN A 63 -18.30 2.52 13.45
CA ASN A 63 -18.79 3.16 14.66
C ASN A 63 -17.71 3.11 15.73
N PRO A 64 -16.67 3.92 15.56
CA PRO A 64 -15.45 3.70 16.37
C PRO A 64 -15.58 4.20 17.79
N PRO A 65 -14.62 3.86 18.65
CA PRO A 65 -14.64 4.36 20.03
C PRO A 65 -14.71 5.88 20.13
N VAL A 66 -15.39 6.34 21.18
CA VAL A 66 -15.53 7.75 21.48
C VAL A 66 -14.85 8.09 22.81
N PHE A 67 -14.13 9.21 22.85
CA PHE A 67 -13.61 9.73 24.11
C PHE A 67 -14.62 10.63 24.84
N ASP A 68 -14.82 10.38 26.14
CA ASP A 68 -15.69 11.23 26.94
C ASP A 68 -14.84 12.10 27.87
N PRO A 69 -14.71 13.40 27.57
CA PRO A 69 -13.93 14.27 28.45
C PRO A 69 -14.63 14.55 29.75
N GLU A 70 -15.92 14.29 29.85
CA GLU A 70 -16.60 14.48 31.14
C GLU A 70 -16.08 13.53 32.21
N THR A 71 -15.68 12.33 31.81
CA THR A 71 -15.26 11.30 32.73
C THR A 71 -13.87 10.75 32.47
N HIS A 72 -13.16 11.24 31.45
CA HIS A 72 -11.86 10.69 31.06
C HIS A 72 -11.91 9.17 30.83
N THR A 73 -12.95 8.71 30.15
CA THR A 73 -13.09 7.32 29.77
C THR A 73 -13.34 7.25 28.26
N VAL A 74 -13.27 6.04 27.74
CA VAL A 74 -13.57 5.74 26.35
C VAL A 74 -14.72 4.76 26.32
N THR A 75 -15.67 4.97 25.41
CA THR A 75 -16.80 4.09 25.21
C THR A 75 -16.62 3.33 23.89
N LEU A 76 -16.98 2.10 23.90
CA LEU A 76 -16.79 1.21 22.76
C LEU A 76 -18.11 0.75 22.16
N PRO A 77 -18.13 0.45 20.87
CA PRO A 77 -19.39 0.03 20.24
C PRO A 77 -19.88 -1.28 20.82
N GLU A 78 -21.21 -1.38 20.97
CA GLU A 78 -21.81 -2.51 21.68
C GLU A 78 -21.47 -3.83 20.99
N GLY A 79 -21.56 -3.87 19.67
CA GLY A 79 -21.25 -5.08 18.95
C GLY A 79 -19.85 -5.60 19.22
N PHE A 80 -18.87 -4.71 19.34
CA PHE A 80 -17.52 -5.14 19.66
C PHE A 80 -17.39 -5.68 21.09
N LYS A 81 -18.01 -5.02 22.07
CA LYS A 81 -17.97 -5.53 23.43
C LYS A 81 -18.53 -6.95 23.50
N LYS A 82 -19.57 -7.22 22.69
CA LYS A 82 -20.18 -8.55 22.65
C LYS A 82 -19.22 -9.61 22.10
N SER A 83 -18.48 -9.24 21.05
CA SER A 83 -17.39 -10.09 20.60
C SER A 83 -16.36 -10.36 21.70
N MET A 84 -15.98 -9.32 22.46
CA MET A 84 -15.00 -9.51 23.52
C MET A 84 -15.51 -10.54 24.52
N ARG A 85 -16.81 -10.51 24.82
CA ARG A 85 -17.37 -11.41 25.82
C ARG A 85 -17.36 -12.84 25.31
N ALA A 86 -17.60 -13.01 24.00
CA ALA A 86 -17.50 -14.34 23.42
C ALA A 86 -16.11 -14.91 23.63
N LEU A 87 -15.12 -14.03 23.60
CA LEU A 87 -13.74 -14.47 23.72
C LEU A 87 -13.40 -14.87 25.12
N PHE A 88 -13.88 -14.07 26.11
CA PHE A 88 -13.64 -14.34 27.53
C PHE A 88 -14.46 -15.55 27.98
N ASP A 89 -15.74 -15.62 27.59
CA ASP A 89 -16.58 -16.73 28.01
C ASP A 89 -16.04 -18.08 27.55
N GLY A 90 -15.25 -18.10 26.48
CA GLY A 90 -14.59 -19.31 26.08
C GLY A 90 -13.23 -19.53 26.69
N GLY A 91 -12.72 -18.54 27.40
CA GLY A 91 -11.43 -18.67 28.04
C GLY A 91 -10.23 -18.43 27.14
N TRP A 92 -10.45 -17.90 25.95
CA TRP A 92 -9.39 -17.74 24.98
C TRP A 92 -8.40 -16.64 25.36
N ASP A 93 -8.74 -15.78 26.31
CA ASP A 93 -7.72 -14.89 26.86
C ASP A 93 -6.73 -15.62 27.79
N LYS A 94 -6.83 -16.94 27.93
CA LYS A 94 -5.93 -17.76 28.77
C LYS A 94 -5.20 -18.78 27.88
N VAL A 95 -4.96 -18.41 26.63
CA VAL A 95 -4.32 -19.18 25.55
C VAL A 95 -2.80 -19.16 25.77
N GLY A 96 -2.22 -20.23 26.29
CA GLY A 96 -0.77 -20.28 26.60
C GLY A 96 -0.38 -19.65 27.94
N LEU A 97 -1.34 -19.16 28.71
CA LEU A 97 -1.10 -18.72 30.08
C LEU A 97 -0.55 -19.86 30.94
N ALA A 98 0.31 -19.50 31.88
CA ALA A 98 0.86 -20.50 32.77
C ALA A 98 -0.25 -21.20 33.54
N GLU A 99 -0.02 -22.46 33.89
CA GLU A 99 -1.07 -23.22 34.56
C GLU A 99 -1.42 -22.62 35.92
N HIS A 100 -0.41 -22.22 36.70
CA HIS A 100 -0.65 -21.67 38.03
C HIS A 100 -1.44 -20.37 37.99
N LEU A 101 -1.59 -19.75 36.82
CA LEU A 101 -2.46 -18.59 36.64
C LEU A 101 -3.79 -18.95 36.00
N GLY A 102 -4.08 -20.23 35.86
CA GLY A 102 -5.34 -20.65 35.26
C GLY A 102 -5.30 -21.01 33.78
N GLY A 103 -4.13 -21.06 33.19
CA GLY A 103 -4.04 -21.34 31.77
C GLY A 103 -4.00 -22.83 31.46
N ILE A 104 -4.05 -23.13 30.17
CA ILE A 104 -3.83 -24.48 29.67
C ILE A 104 -2.40 -24.51 29.07
N PRO A 105 -1.55 -25.40 29.53
CA PRO A 105 -0.19 -25.46 28.95
C PRO A 105 -0.25 -25.98 27.52
N MET A 106 0.56 -25.36 26.66
CA MET A 106 0.61 -25.74 25.25
C MET A 106 1.87 -25.18 24.63
N PRO A 107 2.38 -25.82 23.57
CA PRO A 107 3.53 -25.23 22.85
C PRO A 107 3.18 -23.86 22.27
N ARG A 108 4.15 -22.94 22.38
CA ARG A 108 3.97 -21.63 21.77
C ARG A 108 3.57 -21.73 20.30
N ALA A 109 4.09 -22.71 19.57
CA ALA A 109 3.65 -22.89 18.18
C ALA A 109 2.13 -23.06 18.09
N LEU A 110 1.52 -23.80 19.02
CA LEU A 110 0.07 -23.93 18.98
C LEU A 110 -0.61 -22.64 19.42
N GLN A 111 -0.08 -22.01 20.47
CA GLN A 111 -0.67 -20.79 20.99
C GLN A 111 -0.83 -19.74 19.89
N TRP A 112 0.26 -19.48 19.14
CA TRP A 112 0.22 -18.41 18.14
C TRP A 112 -0.66 -18.79 16.97
N ALA A 113 -0.77 -20.09 16.65
CA ALA A 113 -1.76 -20.51 15.66
C ALA A 113 -3.19 -20.25 16.14
N LEU A 114 -3.47 -20.48 17.42
CA LEU A 114 -4.80 -20.19 17.90
C LEU A 114 -5.09 -18.70 17.78
N ILE A 115 -4.12 -17.86 18.15
CA ILE A 115 -4.28 -16.41 18.18
C ILE A 115 -4.41 -15.86 16.78
N GLU A 116 -3.77 -16.51 15.80
CA GLU A 116 -3.87 -16.06 14.40
C GLU A 116 -5.33 -15.80 14.05
N HIS A 117 -6.24 -16.66 14.52
CA HIS A 117 -7.65 -16.58 14.11
C HIS A 117 -8.30 -15.31 14.64
N ILE A 118 -7.98 -14.93 15.87
CA ILE A 118 -8.51 -13.68 16.38
C ILE A 118 -7.90 -12.52 15.65
N LEU A 119 -6.59 -12.58 15.38
CA LEU A 119 -5.93 -11.50 14.65
C LEU A 119 -6.47 -11.36 13.21
N GLY A 120 -6.87 -12.46 12.56
CA GLY A 120 -7.56 -12.34 11.29
C GLY A 120 -8.96 -11.77 11.38
N ALA A 121 -9.69 -12.09 12.42
CA ALA A 121 -11.09 -11.74 12.46
C ALA A 121 -11.39 -10.35 13.02
N ASN A 122 -10.64 -9.91 14.01
CA ASN A 122 -10.85 -8.64 14.69
C ASN A 122 -9.63 -8.43 15.56
N PRO A 123 -8.49 -8.02 14.98
CA PRO A 123 -7.23 -8.07 15.75
C PRO A 123 -7.27 -7.24 17.02
N ALA A 124 -7.97 -6.11 17.04
CA ALA A 124 -8.07 -5.34 18.27
C ALA A 124 -8.63 -6.19 19.39
N ALA A 125 -9.45 -7.21 19.05
CA ALA A 125 -10.11 -8.00 20.09
C ALA A 125 -9.08 -8.76 20.89
N TYR A 126 -8.03 -9.23 20.23
CA TYR A 126 -6.96 -9.88 20.97
C TYR A 126 -6.15 -8.89 21.78
N MET A 127 -5.88 -7.70 21.21
CA MET A 127 -5.02 -6.74 21.89
C MET A 127 -5.63 -6.34 23.22
N TYR A 128 -6.94 -6.01 23.23
CA TYR A 128 -7.62 -5.77 24.49
C TYR A 128 -7.55 -6.97 25.46
N ALA A 129 -7.27 -8.19 24.97
CA ALA A 129 -7.36 -9.40 25.78
C ALA A 129 -5.98 -9.85 26.24
N MET A 130 -4.97 -9.04 26.02
CA MET A 130 -3.60 -9.37 26.41
C MET A 130 -3.31 -9.15 27.88
N GLY A 131 -4.33 -8.92 28.71
CA GLY A 131 -4.11 -8.64 30.11
C GLY A 131 -3.56 -9.81 30.91
N PRO A 132 -4.21 -10.97 30.82
CA PRO A 132 -3.66 -12.16 31.50
C PRO A 132 -2.21 -12.41 31.11
N GLY A 133 -1.86 -12.24 29.85
CA GLY A 133 -0.48 -12.46 29.47
C GLY A 133 0.46 -11.44 30.09
N MET A 134 -0.04 -10.22 30.32
CA MET A 134 0.76 -9.22 31.00
C MET A 134 0.86 -9.54 32.50
N SER A 135 -0.20 -10.06 33.08
CA SER A 135 -0.11 -10.55 34.46
C SER A 135 1.00 -11.58 34.62
N GLU A 136 1.12 -12.51 33.66
CA GLU A 136 2.19 -13.50 33.73
C GLU A 136 3.56 -12.85 33.69
N ILE A 137 3.73 -11.79 32.88
CA ILE A 137 5.05 -11.15 32.80
C ILE A 137 5.31 -10.37 34.08
N PHE A 138 4.27 -9.79 34.66
CA PHE A 138 4.41 -9.11 35.94
C PHE A 138 4.78 -10.11 37.02
N TYR A 139 4.16 -11.28 36.99
CA TYR A 139 4.48 -12.37 37.92
C TYR A 139 5.95 -12.76 37.84
N ASN A 140 6.43 -13.04 36.63
CA ASN A 140 7.79 -13.55 36.46
C ASN A 140 8.83 -12.54 36.93
N ASN A 141 8.52 -11.26 36.88
CA ASN A 141 9.48 -10.21 37.17
C ASN A 141 9.21 -9.59 38.52
N GLY A 142 8.11 -9.98 39.18
CA GLY A 142 7.73 -9.32 40.42
C GLY A 142 8.30 -9.97 41.68
N THR A 143 8.19 -9.23 42.78
CA THR A 143 8.50 -9.77 44.09
C THR A 143 7.43 -10.78 44.48
N ASP A 144 7.70 -11.48 45.60
CA ASP A 144 6.76 -12.48 46.12
C ASP A 144 5.44 -11.83 46.44
N GLU A 145 5.47 -10.62 47.00
CA GLU A 145 4.23 -9.88 47.24
C GLU A 145 3.52 -9.57 45.93
N GLN A 146 4.28 -9.20 44.89
CA GLN A 146 3.68 -8.77 43.63
C GLN A 146 3.17 -9.98 42.85
N LYS A 147 3.81 -11.13 43.06
CA LYS A 147 3.30 -12.36 42.47
C LYS A 147 1.87 -12.60 42.91
N LYS A 148 1.50 -12.18 44.12
CA LYS A 148 0.14 -12.39 44.57
C LYS A 148 -0.81 -11.46 43.85
N TRP A 149 -0.39 -10.20 43.66
CA TRP A 149 -1.21 -9.25 42.91
C TRP A 149 -1.43 -9.75 41.48
N ALA A 150 -0.33 -10.09 40.78
CA ALA A 150 -0.44 -10.59 39.41
C ALA A 150 -1.36 -11.80 39.33
N THR A 151 -1.32 -12.68 40.33
CA THR A 151 -2.21 -13.83 40.33
C THR A 151 -3.66 -13.36 40.41
N ILE A 152 -3.94 -12.42 41.32
CA ILE A 152 -5.27 -11.81 41.41
C ILE A 152 -5.66 -11.20 40.08
N ALA A 153 -4.74 -10.50 39.42
CA ALA A 153 -5.01 -9.83 38.16
C ALA A 153 -5.39 -10.81 37.06
N ALA A 154 -4.64 -11.93 36.97
CA ALA A 154 -4.98 -13.00 36.03
C ALA A 154 -6.35 -13.57 36.33
N GLU A 155 -6.61 -13.86 37.59
CA GLU A 155 -7.85 -14.54 37.93
C GLU A 155 -9.06 -13.66 37.63
N ARG A 156 -8.91 -12.35 37.77
CA ARG A 156 -10.01 -11.43 37.54
C ARG A 156 -10.03 -10.94 36.11
N GLY A 157 -9.06 -11.31 35.29
CA GLY A 157 -9.08 -10.89 33.91
C GLY A 157 -8.89 -9.41 33.65
N TRP A 158 -8.22 -8.69 34.54
CA TRP A 158 -7.91 -7.29 34.35
C TRP A 158 -7.21 -7.11 33.01
N GLY A 159 -7.49 -5.94 32.40
CA GLY A 159 -6.83 -5.48 31.19
C GLY A 159 -5.42 -5.01 31.48
N ALA A 160 -4.73 -4.56 30.42
CA ALA A 160 -3.34 -4.16 30.59
C ALA A 160 -2.86 -3.33 29.41
N THR A 161 -1.86 -2.49 29.69
CA THR A 161 -1.22 -1.65 28.69
C THR A 161 0.29 -1.70 28.90
N MET A 162 1.01 -1.38 27.84
CA MET A 162 2.45 -1.16 27.89
C MET A 162 2.68 0.30 27.54
N VAL A 163 3.30 1.02 28.47
CA VAL A 163 3.33 2.47 28.46
C VAL A 163 4.78 2.89 28.33
N LEU A 164 5.21 3.19 27.09
CA LEU A 164 6.58 3.64 26.83
C LEU A 164 6.62 5.01 26.17
N THR A 165 5.82 5.19 25.12
CA THR A 165 6.00 6.26 24.15
C THR A 165 5.54 7.59 24.72
N GLU A 166 6.29 8.63 24.36
CA GLU A 166 6.02 10.02 24.69
C GLU A 166 6.09 10.80 23.38
N PRO A 167 5.58 12.04 23.36
CA PRO A 167 5.69 12.86 22.14
C PRO A 167 7.11 12.94 21.58
N ASP A 168 8.11 12.93 22.46
CA ASP A 168 9.49 13.11 22.02
C ASP A 168 10.31 11.83 22.14
N ALA A 169 9.68 10.73 22.52
CA ALA A 169 10.40 9.46 22.69
C ALA A 169 9.54 8.31 22.16
N GLY A 170 9.77 7.98 20.90
CA GLY A 170 9.12 6.83 20.31
C GLY A 170 10.14 5.76 20.00
N SER A 171 10.78 5.83 18.83
CA SER A 171 11.92 4.95 18.56
C SER A 171 12.99 5.09 19.65
N ASP A 172 13.31 6.32 20.05
CA ASP A 172 14.29 6.56 21.11
C ASP A 172 13.54 6.50 22.45
N VAL A 173 13.30 5.28 22.89
CA VAL A 173 12.62 5.11 24.18
C VAL A 173 13.40 5.83 25.27
N GLY A 174 14.74 5.81 25.20
CA GLY A 174 15.59 6.33 26.26
C GLY A 174 15.46 7.83 26.50
N ALA A 175 14.90 8.55 25.52
CA ALA A 175 14.73 9.99 25.65
C ALA A 175 13.49 10.39 26.46
N GLY A 176 12.74 9.43 26.98
CA GLY A 176 11.55 9.78 27.73
C GLY A 176 11.88 10.54 29.02
N ARG A 177 11.01 11.49 29.36
CA ARG A 177 11.18 12.36 30.52
C ARG A 177 10.19 12.08 31.64
N THR A 178 9.25 11.15 31.46
CA THR A 178 8.34 10.80 32.55
C THR A 178 9.15 10.33 33.78
N LYS A 179 8.66 10.68 34.97
CA LYS A 179 9.47 10.81 36.17
C LYS A 179 8.78 10.10 37.33
N ALA A 180 9.59 9.40 38.11
CA ALA A 180 9.13 8.64 39.27
C ALA A 180 9.75 9.24 40.52
N VAL A 181 8.92 9.54 41.51
CA VAL A 181 9.35 10.15 42.75
C VAL A 181 9.01 9.17 43.88
N GLN A 182 10.04 8.66 44.57
CA GLN A 182 9.81 7.67 45.61
C GLN A 182 9.19 8.33 46.84
N GLN A 183 8.28 7.67 47.44
CA GLN A 183 7.51 8.12 48.59
C GLN A 183 7.97 7.39 49.82
N PRO A 184 7.68 7.94 51.01
CA PRO A 184 8.16 7.30 52.26
C PRO A 184 7.73 5.84 52.41
N ASP A 185 6.51 5.51 52.00
CA ASP A 185 6.02 4.15 52.16
C ASP A 185 6.54 3.19 51.09
N GLY A 186 7.50 3.62 50.27
CA GLY A 186 8.10 2.73 49.29
C GLY A 186 7.41 2.68 47.94
N THR A 187 6.25 3.35 47.80
CA THR A 187 5.63 3.51 46.49
C THR A 187 6.31 4.68 45.77
N TRP A 188 5.86 4.89 44.51
CA TRP A 188 6.34 5.97 43.69
C TRP A 188 5.16 6.71 43.07
N HIS A 189 5.30 8.02 42.95
CA HIS A 189 4.37 8.83 42.20
C HIS A 189 4.93 9.00 40.80
N ILE A 190 4.15 8.61 39.79
CA ILE A 190 4.56 8.74 38.40
C ILE A 190 3.99 10.04 37.83
N GLU A 191 4.87 10.81 37.20
CA GLU A 191 4.50 12.12 36.68
C GLU A 191 4.96 12.25 35.24
N GLY A 192 4.02 12.46 34.33
CA GLY A 192 4.37 12.54 32.92
C GLY A 192 3.18 12.34 32.01
N VAL A 193 3.46 12.52 30.74
CA VAL A 193 2.45 12.34 29.70
C VAL A 193 2.96 11.35 28.68
N LYS A 194 2.29 10.22 28.57
CA LYS A 194 2.62 9.20 27.59
C LYS A 194 1.64 9.26 26.41
N ARG A 195 2.11 8.94 25.22
CA ARG A 195 1.38 9.12 23.96
C ARG A 195 1.21 7.75 23.30
N PHE A 196 0.15 7.61 22.53
CA PHE A 196 -0.18 6.46 21.67
C PHE A 196 -0.32 5.16 22.45
N ILE A 197 -1.07 5.14 23.54
CA ILE A 197 -1.12 3.94 24.38
C ILE A 197 -2.34 3.14 23.97
N THR A 198 -2.09 1.92 23.52
CA THR A 198 -3.14 1.01 23.10
C THR A 198 -3.91 0.49 24.30
N SER A 199 -5.23 0.57 24.22
CA SER A 199 -6.14 0.07 25.26
C SER A 199 -6.04 0.84 26.57
N ALA A 200 -5.54 2.07 26.53
CA ALA A 200 -5.34 2.84 27.76
C ALA A 200 -6.64 3.00 28.57
N ASP A 201 -7.78 3.03 27.88
CA ASP A 201 -9.06 2.79 28.50
C ASP A 201 -9.88 1.88 27.60
N SER A 202 -10.87 1.22 28.18
CA SER A 202 -11.54 0.16 27.47
C SER A 202 -12.98 0.05 27.92
N ASP A 203 -13.59 1.19 28.25
CA ASP A 203 -15.04 1.19 28.56
C ASP A 203 -15.22 0.33 29.80
N ASP A 204 -16.28 -0.50 29.87
CA ASP A 204 -16.52 -1.41 30.98
C ASP A 204 -16.22 -2.87 30.63
N LEU A 205 -15.20 -3.10 29.83
CA LEU A 205 -14.80 -4.46 29.56
C LEU A 205 -14.22 -5.13 30.80
N PHE A 206 -13.48 -4.37 31.63
CA PHE A 206 -12.74 -4.91 32.76
C PHE A 206 -13.00 -4.08 34.02
N GLU A 207 -12.77 -4.68 35.17
CA GLU A 207 -12.89 -3.97 36.44
C GLU A 207 -11.60 -3.27 36.84
N ASN A 208 -10.49 -3.61 36.20
CA ASN A 208 -9.25 -2.87 36.39
C ASN A 208 -8.39 -3.00 35.14
N ILE A 209 -7.42 -2.10 35.04
CA ILE A 209 -6.42 -2.16 33.99
C ILE A 209 -5.07 -1.98 34.66
N MET A 210 -4.11 -2.77 34.25
CA MET A 210 -2.75 -2.66 34.77
C MET A 210 -1.92 -1.91 33.74
N HIS A 211 -1.51 -0.68 34.06
CA HIS A 211 -0.59 0.06 33.22
C HIS A 211 0.85 -0.28 33.61
N LEU A 212 1.63 -0.79 32.66
CA LEU A 212 3.04 -1.08 32.89
C LEU A 212 3.81 0.06 32.25
N VAL A 213 4.45 0.88 33.06
CA VAL A 213 4.88 2.22 32.70
C VAL A 213 6.37 2.35 32.93
N LEU A 214 7.07 2.85 31.92
CA LEU A 214 8.49 3.14 32.04
C LEU A 214 8.65 4.58 32.50
N ALA A 215 9.52 4.82 33.48
CA ALA A 215 9.72 6.15 33.99
C ALA A 215 11.11 6.23 34.63
N ARG A 216 11.62 7.45 34.68
CA ARG A 216 12.98 7.68 35.16
C ARG A 216 12.93 8.12 36.60
N PRO A 217 13.38 7.29 37.55
CA PRO A 217 13.53 7.77 38.94
C PRO A 217 14.32 9.06 39.01
N GLU A 218 13.87 9.98 39.85
CA GLU A 218 14.65 11.18 40.14
C GLU A 218 16.08 10.78 40.46
N GLY A 219 17.02 11.36 39.74
CA GLY A 219 18.42 11.14 40.01
C GLY A 219 19.09 10.07 39.19
N ALA A 220 18.34 9.30 38.43
CA ALA A 220 18.88 8.23 37.62
C ALA A 220 19.60 8.75 36.38
N GLY A 221 20.41 7.88 35.81
CA GLY A 221 21.17 8.25 34.64
C GLY A 221 20.30 8.38 33.40
N PRO A 222 20.95 8.62 32.27
CA PRO A 222 20.19 8.91 31.04
C PRO A 222 19.86 7.69 30.21
N GLY A 223 19.11 7.86 29.10
CA GLY A 223 18.88 6.75 28.20
C GLY A 223 17.97 5.67 28.73
N THR A 224 17.91 4.57 28.00
CA THR A 224 17.04 3.48 28.43
C THR A 224 17.55 2.81 29.71
N LYS A 225 18.86 2.79 29.93
CA LYS A 225 19.39 2.14 31.12
C LYS A 225 18.97 2.84 32.40
N GLY A 226 18.61 4.13 32.33
CA GLY A 226 18.13 4.80 33.51
C GLY A 226 16.67 4.61 33.82
N LEU A 227 15.95 3.88 32.97
CA LEU A 227 14.51 3.70 33.12
C LEU A 227 14.16 2.52 34.03
N SER A 228 13.10 2.71 34.82
CA SER A 228 12.52 1.65 35.63
C SER A 228 11.10 1.38 35.14
N LEU A 229 10.63 0.19 35.48
CA LEU A 229 9.31 -0.27 35.08
C LEU A 229 8.44 -0.26 36.32
N PHE A 230 7.20 0.22 36.17
CA PHE A 230 6.30 0.43 37.30
C PHE A 230 4.93 -0.17 37.01
N PHE A 231 4.32 -0.78 38.03
CA PHE A 231 2.96 -1.31 38.00
C PHE A 231 2.05 -0.19 38.51
N VAL A 232 1.29 0.39 37.58
CA VAL A 232 0.38 1.49 37.85
C VAL A 232 -1.03 1.05 37.49
N PRO A 233 -1.86 0.70 38.48
CA PRO A 233 -3.22 0.23 38.17
C PRO A 233 -4.15 1.41 38.04
N LYS A 234 -5.17 1.22 37.18
CA LYS A 234 -6.21 2.22 37.03
C LYS A 234 -6.92 2.46 38.35
N PHE A 235 -7.32 1.40 39.05
CA PHE A 235 -7.87 1.51 40.40
C PHE A 235 -6.90 0.89 41.41
N HIS A 236 -6.70 1.59 42.54
CA HIS A 236 -6.14 0.97 43.75
C HIS A 236 -6.97 -0.25 44.11
N PHE A 237 -6.32 -1.24 44.70
CA PHE A 237 -7.04 -2.44 45.09
C PHE A 237 -6.41 -3.02 46.33
N ASP A 238 -7.20 -3.82 47.05
CA ASP A 238 -6.74 -4.55 48.22
C ASP A 238 -5.76 -5.65 47.79
N HIS A 239 -4.53 -5.58 48.31
CA HIS A 239 -3.46 -6.44 47.83
C HIS A 239 -3.67 -7.89 48.19
N GLU A 240 -4.62 -8.19 49.07
CA GLU A 240 -4.87 -9.56 49.49
C GLU A 240 -6.09 -10.15 48.80
N THR A 241 -7.21 -9.44 48.80
CA THR A 241 -8.47 -9.96 48.28
C THR A 241 -8.77 -9.45 46.89
N GLY A 242 -8.15 -8.36 46.47
CA GLY A 242 -8.37 -7.83 45.14
C GLY A 242 -9.55 -6.90 44.99
N GLU A 243 -10.30 -6.64 46.06
CA GLU A 243 -11.43 -5.74 45.99
C GLU A 243 -10.98 -4.42 45.38
N ILE A 244 -11.74 -3.97 44.39
CA ILE A 244 -11.41 -2.71 43.74
C ILE A 244 -11.69 -1.54 44.69
N GLY A 245 -10.75 -0.61 44.73
CA GLY A 245 -10.88 0.55 45.58
C GLY A 245 -10.80 1.88 44.84
N GLU A 246 -10.02 2.78 45.41
CA GLU A 246 -9.94 4.16 44.96
C GLU A 246 -9.38 4.26 43.56
N ARG A 247 -9.78 5.31 42.85
CA ARG A 247 -9.22 5.55 41.53
C ARG A 247 -7.79 6.04 41.67
N ASN A 248 -6.89 5.46 40.89
CA ASN A 248 -5.52 5.93 40.79
C ASN A 248 -5.41 7.04 39.75
N GLY A 249 -4.36 7.85 39.88
CA GLY A 249 -4.25 9.11 39.16
C GLY A 249 -3.69 9.03 37.75
N VAL A 250 -4.29 8.14 36.95
CA VAL A 250 -3.80 7.86 35.60
C VAL A 250 -5.03 7.89 34.71
N PHE A 251 -5.09 8.88 33.84
CA PHE A 251 -6.29 9.11 33.08
C PHE A 251 -5.97 9.29 31.60
N VAL A 252 -6.87 8.78 30.78
CA VAL A 252 -6.88 9.05 29.35
C VAL A 252 -7.39 10.47 29.13
N THR A 253 -6.67 11.22 28.31
CA THR A 253 -7.07 12.58 28.02
C THR A 253 -7.50 12.77 26.58
N ASN A 254 -7.49 11.74 25.74
CA ASN A 254 -7.62 11.93 24.29
C ASN A 254 -7.54 10.59 23.57
N VAL A 255 -8.30 10.46 22.48
CA VAL A 255 -8.27 9.26 21.64
C VAL A 255 -7.93 9.65 20.22
N GLU A 256 -6.97 8.96 19.62
CA GLU A 256 -6.50 9.28 18.27
C GLU A 256 -7.48 8.83 17.18
N HIS A 257 -7.50 9.62 16.11
CA HIS A 257 -8.25 9.29 14.90
C HIS A 257 -7.26 8.71 13.89
N LYS A 258 -7.40 7.43 13.59
CA LYS A 258 -6.40 6.66 12.87
C LYS A 258 -6.91 6.19 11.51
N MET A 259 -5.96 5.81 10.66
CA MET A 259 -6.30 5.31 9.33
C MET A 259 -7.15 4.04 9.42
N GLY A 260 -6.82 3.17 10.37
CA GLY A 260 -7.43 1.88 10.56
C GLY A 260 -7.27 1.47 12.00
N LEU A 261 -7.49 0.18 12.26
CA LEU A 261 -7.44 -0.36 13.62
C LEU A 261 -8.25 0.54 14.53
N LYS A 262 -9.35 1.10 13.99
CA LYS A 262 -10.04 2.17 14.69
C LYS A 262 -10.60 1.72 16.03
N VAL A 263 -11.06 0.46 16.13
CA VAL A 263 -11.74 0.02 17.35
C VAL A 263 -10.78 -0.20 18.50
N SER A 264 -9.46 -0.12 18.26
CA SER A 264 -8.46 -0.14 19.31
C SER A 264 -8.19 1.29 19.80
N ALA A 265 -8.66 1.61 20.99
CA ALA A 265 -8.54 2.97 21.48
C ALA A 265 -7.08 3.27 21.78
N THR A 266 -6.53 4.26 21.09
CA THR A 266 -5.13 4.66 21.20
C THR A 266 -5.06 6.03 21.86
N CYS A 267 -4.51 6.10 23.06
CA CYS A 267 -4.80 7.26 23.89
C CYS A 267 -3.55 7.93 24.43
N GLU A 268 -3.65 9.26 24.56
CA GLU A 268 -2.79 10.02 25.45
C GLU A 268 -3.09 9.63 26.90
N LEU A 269 -2.06 9.22 27.63
CA LEU A 269 -2.20 8.79 29.00
C LEU A 269 -1.43 9.75 29.90
N SER A 270 -2.13 10.43 30.79
CA SER A 270 -1.52 11.40 31.68
C SER A 270 -1.44 10.79 33.07
N LEU A 271 -0.28 10.91 33.68
CA LEU A 271 -0.01 10.33 35.00
C LEU A 271 0.29 11.47 35.99
N GLY A 272 -0.50 11.52 37.06
CA GLY A 272 -0.37 12.55 38.07
C GLY A 272 -0.68 13.96 37.64
N GLN A 273 -1.54 14.17 36.64
CA GLN A 273 -1.78 15.51 36.13
C GLN A 273 -3.18 16.03 36.43
N HIS A 274 -4.03 15.23 37.05
CA HIS A 274 -5.43 15.58 37.29
C HIS A 274 -5.76 15.70 38.77
N GLY A 275 -4.76 16.02 39.61
CA GLY A 275 -5.04 16.30 41.00
C GLY A 275 -4.93 15.12 41.97
N ILE A 276 -4.78 13.89 41.49
CA ILE A 276 -4.42 12.79 42.39
C ILE A 276 -3.20 12.08 41.85
N PRO A 277 -2.31 11.60 42.71
CA PRO A 277 -1.09 10.97 42.21
C PRO A 277 -1.37 9.65 41.50
N ALA A 278 -0.54 9.35 40.50
CA ALA A 278 -0.49 8.01 39.94
C ALA A 278 0.49 7.20 40.78
N VAL A 279 -0.04 6.33 41.63
CA VAL A 279 0.81 5.50 42.47
C VAL A 279 1.28 4.31 41.67
N GLY A 280 2.58 4.05 41.71
CA GLY A 280 3.16 2.91 41.02
C GLY A 280 4.10 2.14 41.93
N TRP A 281 4.24 0.85 41.64
CA TRP A 281 5.09 -0.06 42.38
C TRP A 281 6.23 -0.55 41.50
N LEU A 282 7.46 -0.37 41.97
CA LEU A 282 8.63 -0.81 41.23
C LEU A 282 8.57 -2.32 41.01
N VAL A 283 8.47 -2.71 39.74
CA VAL A 283 8.35 -4.12 39.41
C VAL A 283 9.60 -4.87 39.82
N GLY A 284 9.43 -5.89 40.65
CA GLY A 284 10.56 -6.61 41.18
C GLY A 284 11.38 -5.84 42.21
N GLU A 285 10.99 -4.61 42.51
CA GLU A 285 11.72 -3.79 43.46
C GLU A 285 13.19 -3.69 43.09
N VAL A 286 13.47 -3.74 41.78
CA VAL A 286 14.79 -3.47 41.23
C VAL A 286 14.60 -2.49 40.09
N HIS A 287 15.70 -1.85 39.74
CA HIS A 287 15.75 -0.85 38.69
C HIS A 287 16.31 -1.54 37.44
N ASN A 288 15.42 -2.01 36.56
CA ASN A 288 15.85 -2.76 35.37
C ASN A 288 14.82 -2.58 34.22
N GLY A 289 14.33 -1.34 34.05
CA GLY A 289 13.10 -1.15 33.27
C GLY A 289 13.12 -1.64 31.84
N ILE A 290 14.18 -1.31 31.09
CA ILE A 290 14.09 -1.59 29.67
C ILE A 290 14.32 -3.06 29.39
N ALA A 291 15.04 -3.75 30.26
CA ALA A 291 15.14 -5.19 30.11
C ALA A 291 13.82 -5.85 30.50
N GLN A 292 13.22 -5.41 31.61
CA GLN A 292 11.93 -5.98 32.00
C GLN A 292 10.87 -5.74 30.92
N MET A 293 10.79 -4.51 30.43
CA MET A 293 9.79 -4.15 29.45
C MET A 293 9.99 -4.89 28.13
N PHE A 294 11.22 -5.28 27.83
CA PHE A 294 11.43 -6.02 26.59
C PHE A 294 10.83 -7.42 26.65
N ASP A 295 10.66 -8.03 27.83
CA ASP A 295 9.85 -9.24 27.87
C ASP A 295 8.50 -8.97 27.19
N VAL A 296 7.96 -7.77 27.39
CA VAL A 296 6.68 -7.41 26.81
C VAL A 296 6.84 -7.04 25.33
N ILE A 297 7.90 -6.32 24.99
CA ILE A 297 8.09 -5.91 23.61
C ILE A 297 8.19 -7.13 22.72
N GLU A 298 8.78 -8.19 23.25
CA GLU A 298 9.03 -9.36 22.42
C GLU A 298 7.73 -9.99 22.04
N GLN A 299 6.83 -10.09 23.01
CA GLN A 299 5.50 -10.62 22.76
C GLN A 299 4.75 -9.72 21.80
N ALA A 300 4.83 -8.39 22.00
CA ALA A 300 4.13 -7.46 21.12
C ALA A 300 4.63 -7.55 19.69
N ARG A 301 5.94 -7.73 19.50
CA ARG A 301 6.48 -7.82 18.15
C ARG A 301 6.00 -9.10 17.48
N MET A 302 5.91 -10.19 18.24
CA MET A 302 5.47 -11.45 17.65
C MET A 302 4.03 -11.33 17.23
N MET A 303 3.22 -10.67 18.10
CA MET A 303 1.80 -10.48 17.84
C MET A 303 1.57 -9.65 16.57
N VAL A 304 2.29 -8.53 16.42
CA VAL A 304 2.13 -7.67 15.24
C VAL A 304 2.48 -8.42 13.96
N GLY A 305 3.59 -9.16 13.98
CA GLY A 305 3.92 -9.94 12.80
C GLY A 305 2.84 -10.94 12.48
N THR A 306 2.44 -11.73 13.49
CA THR A 306 1.42 -12.73 13.26
C THR A 306 0.15 -12.07 12.76
N LYS A 307 -0.16 -10.89 13.30
CA LYS A 307 -1.35 -10.14 12.90
C LYS A 307 -1.30 -9.82 11.42
N ALA A 308 -0.19 -9.26 10.97
CA ALA A 308 -0.05 -8.90 9.57
C ALA A 308 -0.23 -10.13 8.71
N ILE A 309 0.35 -11.26 9.14
CA ILE A 309 0.26 -12.50 8.38
C ILE A 309 -1.17 -13.02 8.39
N ALA A 310 -1.84 -12.93 9.54
CA ALA A 310 -3.23 -13.35 9.63
C ALA A 310 -4.08 -12.56 8.65
N THR A 311 -3.82 -11.27 8.52
CA THR A 311 -4.61 -10.40 7.68
C THR A 311 -4.35 -10.64 6.20
N LEU A 312 -3.09 -10.86 5.83
CA LEU A 312 -2.81 -11.24 4.44
C LEU A 312 -3.50 -12.56 4.05
N SER A 313 -3.49 -13.54 4.94
CA SER A 313 -4.19 -14.80 4.66
C SER A 313 -5.68 -14.60 4.37
N THR A 314 -6.43 -14.03 5.30
CA THR A 314 -7.86 -13.86 5.01
C THR A 314 -8.09 -12.88 3.84
N GLY A 315 -7.16 -11.95 3.60
CA GLY A 315 -7.28 -11.13 2.41
C GLY A 315 -7.17 -11.95 1.15
N TYR A 316 -6.15 -12.81 1.08
CA TYR A 316 -5.95 -13.68 -0.08
C TYR A 316 -7.18 -14.55 -0.29
N LEU A 317 -7.64 -15.22 0.76
CA LEU A 317 -8.74 -16.15 0.57
C LEU A 317 -10.03 -15.44 0.16
N ASN A 318 -10.24 -14.18 0.58
CA ASN A 318 -11.36 -13.42 0.06
C ASN A 318 -11.18 -13.15 -1.42
N ALA A 319 -9.98 -12.77 -1.82
CA ALA A 319 -9.70 -12.52 -3.22
C ALA A 319 -9.89 -13.77 -4.07
N LEU A 320 -9.37 -14.90 -3.59
CA LEU A 320 -9.49 -16.15 -4.33
C LEU A 320 -10.94 -16.52 -4.54
N GLU A 321 -11.76 -16.45 -3.50
CA GLU A 321 -13.17 -16.80 -3.62
C GLU A 321 -13.83 -15.92 -4.68
N TYR A 322 -13.55 -14.62 -4.62
CA TYR A 322 -14.11 -13.66 -5.55
C TYR A 322 -13.71 -14.00 -6.96
N ALA A 323 -12.42 -14.26 -7.18
CA ALA A 323 -11.91 -14.58 -8.52
C ALA A 323 -12.58 -15.82 -9.10
N LYS A 324 -12.85 -16.83 -8.27
CA LYS A 324 -13.46 -18.06 -8.73
C LYS A 324 -14.84 -17.82 -9.30
N GLU A 325 -15.53 -16.81 -8.79
CA GLU A 325 -16.90 -16.59 -9.18
C GLU A 325 -17.09 -15.46 -10.18
N ARG A 326 -16.07 -14.66 -10.47
CA ARG A 326 -16.27 -13.45 -11.25
C ARG A 326 -16.01 -13.78 -12.71
N VAL A 327 -17.02 -13.58 -13.55
CA VAL A 327 -16.85 -13.80 -14.98
C VAL A 327 -16.46 -12.49 -15.63
N GLN A 328 -15.38 -12.49 -16.42
CA GLN A 328 -14.98 -11.28 -17.13
C GLN A 328 -13.97 -11.62 -18.22
N GLY A 329 -14.38 -11.41 -19.46
CA GLY A 329 -13.50 -11.62 -20.58
C GLY A 329 -13.47 -13.05 -21.10
N ALA A 330 -12.83 -13.19 -22.26
CA ALA A 330 -12.52 -14.49 -22.85
C ALA A 330 -11.14 -14.97 -22.44
N ASP A 331 -10.90 -16.26 -22.69
CA ASP A 331 -9.60 -16.82 -22.43
C ASP A 331 -8.57 -16.17 -23.32
N MET A 332 -7.37 -15.98 -22.81
CA MET A 332 -6.33 -15.32 -23.60
C MET A 332 -6.06 -16.03 -24.91
N THR A 333 -6.20 -17.36 -24.95
CA THR A 333 -6.05 -18.10 -26.21
C THR A 333 -7.10 -17.73 -27.25
N GLN A 334 -8.12 -16.95 -26.89
CA GLN A 334 -9.19 -16.59 -27.81
C GLN A 334 -9.39 -15.07 -27.84
N MET A 335 -8.31 -14.34 -27.53
CA MET A 335 -8.30 -12.89 -27.53
C MET A 335 -9.01 -12.29 -28.74
N THR A 336 -8.61 -12.72 -29.93
CA THR A 336 -9.10 -12.12 -31.16
C THR A 336 -10.60 -12.36 -31.36
N ASP A 337 -11.12 -13.49 -30.86
CA ASP A 337 -12.49 -13.91 -31.12
C ASP A 337 -13.41 -13.18 -30.13
N LYS A 338 -14.11 -12.15 -30.60
CA LYS A 338 -15.04 -11.40 -29.75
C LYS A 338 -16.39 -12.11 -29.53
N THR A 339 -16.48 -13.36 -29.99
CA THR A 339 -17.58 -14.26 -29.76
C THR A 339 -17.21 -15.37 -28.80
N ALA A 340 -15.97 -15.41 -28.31
CA ALA A 340 -15.49 -16.50 -27.48
C ALA A 340 -16.26 -16.53 -26.16
N PRO A 341 -16.38 -17.72 -25.56
CA PRO A 341 -17.08 -17.81 -24.27
C PRO A 341 -16.36 -16.97 -23.22
N ARG A 342 -17.13 -16.27 -22.41
CA ARG A 342 -16.59 -15.58 -21.24
C ARG A 342 -16.10 -16.60 -20.22
N VAL A 343 -15.08 -16.20 -19.45
CA VAL A 343 -14.49 -17.05 -18.43
C VAL A 343 -14.41 -16.33 -17.10
N THR A 344 -14.34 -17.13 -16.05
CA THR A 344 -13.97 -16.61 -14.75
C THR A 344 -12.50 -16.13 -14.73
N ILE A 345 -12.20 -15.16 -13.86
CA ILE A 345 -10.93 -14.45 -13.97
C ILE A 345 -9.76 -15.29 -13.48
N THR A 346 -10.00 -16.43 -12.82
CA THR A 346 -8.88 -17.32 -12.51
C THR A 346 -8.26 -17.92 -13.78
N HIS A 347 -8.92 -17.77 -14.93
CA HIS A 347 -8.34 -18.21 -16.18
C HIS A 347 -7.34 -17.20 -16.74
N HIS A 348 -7.27 -16.02 -16.19
CA HIS A 348 -6.42 -14.96 -16.73
C HIS A 348 -5.03 -15.07 -16.11
N PRO A 349 -3.99 -15.08 -16.94
CA PRO A 349 -2.64 -15.21 -16.39
C PRO A 349 -2.29 -14.19 -15.33
N ASP A 350 -2.63 -12.91 -15.48
CA ASP A 350 -2.22 -11.94 -14.47
C ASP A 350 -2.93 -12.18 -13.16
N VAL A 351 -4.20 -12.58 -13.21
CA VAL A 351 -4.92 -12.94 -11.99
C VAL A 351 -4.30 -14.18 -11.35
N ARG A 352 -3.97 -15.18 -12.17
CA ARG A 352 -3.31 -16.36 -11.60
C ARG A 352 -1.95 -16.00 -11.03
N ARG A 353 -1.19 -15.14 -11.71
CA ARG A 353 0.07 -14.64 -11.16
C ARG A 353 -0.18 -13.92 -9.84
N SER A 354 -1.27 -13.16 -9.77
CA SER A 354 -1.54 -12.38 -8.57
C SER A 354 -1.91 -13.29 -7.41
N LEU A 355 -2.77 -14.26 -7.66
CA LEU A 355 -3.20 -15.18 -6.63
C LEU A 355 -2.04 -16.00 -6.09
N MET A 356 -1.21 -16.55 -6.99
CA MET A 356 -0.07 -17.35 -6.54
C MET A 356 0.92 -16.51 -5.79
N THR A 357 1.03 -15.21 -6.12
CA THR A 357 1.87 -14.30 -5.35
C THR A 357 1.30 -14.11 -3.95
N GLN A 358 -0.02 -14.00 -3.86
CA GLN A 358 -0.64 -13.89 -2.54
C GLN A 358 -0.48 -15.19 -1.79
N LYS A 359 -0.73 -16.30 -2.46
CA LYS A 359 -0.70 -17.58 -1.79
C LYS A 359 0.69 -17.86 -1.25
N ALA A 360 1.72 -17.68 -2.09
CA ALA A 360 3.04 -18.15 -1.68
C ALA A 360 3.54 -17.31 -0.52
N TYR A 361 3.24 -16.01 -0.54
CA TYR A 361 3.70 -15.16 0.55
C TYR A 361 2.88 -15.39 1.81
N ALA A 362 1.57 -15.59 1.70
CA ALA A 362 0.77 -15.87 2.88
C ALA A 362 1.22 -17.17 3.54
N GLU A 363 1.25 -18.25 2.78
CA GLU A 363 1.64 -19.53 3.34
C GLU A 363 3.11 -19.54 3.76
N GLY A 364 4.00 -18.94 2.97
CA GLY A 364 5.37 -18.80 3.42
C GLY A 364 5.48 -18.03 4.72
N LEU A 365 4.65 -17.01 4.89
CA LEU A 365 4.75 -16.22 6.12
C LEU A 365 4.21 -17.01 7.30
N ARG A 366 3.19 -17.83 7.06
CA ARG A 366 2.67 -18.65 8.15
C ARG A 366 3.76 -19.60 8.61
N ALA A 367 4.44 -20.24 7.66
CA ALA A 367 5.54 -21.12 8.01
C ALA A 367 6.60 -20.39 8.85
N ILE A 368 6.91 -19.14 8.53
CA ILE A 368 7.94 -18.40 9.25
C ILE A 368 7.54 -18.19 10.70
N TYR A 369 6.34 -17.68 10.95
CA TYR A 369 5.87 -17.40 12.33
C TYR A 369 5.77 -18.71 13.10
N LEU A 370 5.30 -19.79 12.51
CA LEU A 370 5.27 -21.06 13.21
C LEU A 370 6.66 -21.66 13.40
N TYR A 371 7.50 -21.59 12.38
CA TYR A 371 8.90 -21.97 12.54
C TYR A 371 9.56 -21.18 13.68
N THR A 372 9.36 -19.87 13.71
CA THR A 372 9.88 -19.07 14.82
C THR A 372 9.37 -19.57 16.15
N ALA A 373 8.09 -19.94 16.20
CA ALA A 373 7.48 -20.37 17.44
C ALA A 373 8.03 -21.70 17.95
N THR A 374 8.54 -22.56 17.07
CA THR A 374 9.13 -23.79 17.55
C THR A 374 10.43 -23.59 18.32
N PHE A 375 11.03 -22.38 18.30
CA PHE A 375 12.21 -22.06 19.11
C PHE A 375 11.87 -21.29 20.38
N GLN A 376 10.60 -21.07 20.68
CA GLN A 376 10.21 -20.33 21.87
C GLN A 376 9.99 -21.21 23.09
N ASP A 377 9.89 -22.53 22.91
CA ASP A 377 9.84 -23.51 24.00
C ASP A 377 11.12 -24.33 23.95
N ALA A 378 11.79 -24.49 25.09
CA ALA A 378 13.00 -25.29 25.13
C ALA A 378 12.70 -26.72 24.69
N GLU A 379 11.58 -27.28 25.16
CA GLU A 379 11.25 -28.68 24.88
C GLU A 379 10.95 -28.90 23.42
N VAL A 380 10.24 -27.96 22.78
CA VAL A 380 9.92 -28.09 21.37
C VAL A 380 11.17 -27.93 20.55
N ALA A 381 11.99 -26.93 20.90
CA ALA A 381 13.24 -26.70 20.18
C ALA A 381 14.08 -27.97 20.19
N GLN A 382 14.22 -28.60 21.37
CA GLN A 382 15.01 -29.82 21.46
C GLN A 382 14.40 -30.94 20.64
N ALA A 383 13.09 -31.15 20.79
CA ALA A 383 12.42 -32.30 20.20
C ALA A 383 12.26 -32.16 18.69
N VAL A 384 11.97 -30.95 18.18
CA VAL A 384 11.80 -30.84 16.74
C VAL A 384 13.09 -30.42 16.02
N HIS A 385 14.06 -29.83 16.71
CA HIS A 385 15.26 -29.34 16.05
C HIS A 385 16.54 -29.92 16.61
N GLY A 386 16.51 -30.42 17.84
CA GLY A 386 17.71 -30.95 18.43
C GLY A 386 18.66 -29.88 18.89
N VAL A 387 18.14 -28.69 19.22
CA VAL A 387 18.96 -27.56 19.65
C VAL A 387 18.63 -27.29 21.11
N ASP A 388 19.64 -26.86 21.86
CA ASP A 388 19.49 -26.69 23.30
C ASP A 388 18.86 -25.32 23.60
N GLY A 389 18.68 -25.06 24.90
CA GLY A 389 17.88 -23.91 25.29
C GLY A 389 18.53 -22.61 24.89
N ASP A 390 19.86 -22.53 24.99
CA ASP A 390 20.55 -21.28 24.70
C ASP A 390 20.46 -20.96 23.23
N LEU A 391 20.74 -21.93 22.36
CA LEU A 391 20.69 -21.68 20.94
C LEU A 391 19.27 -21.39 20.49
N ALA A 392 18.29 -22.13 21.03
CA ALA A 392 16.88 -21.83 20.74
C ALA A 392 16.55 -20.37 21.03
N ALA A 393 17.00 -19.83 22.16
CA ALA A 393 16.65 -18.45 22.48
C ALA A 393 17.27 -17.49 21.49
N ARG A 394 18.51 -17.73 21.08
CA ARG A 394 19.15 -16.81 20.15
C ARG A 394 18.49 -16.85 18.77
N VAL A 395 18.08 -18.04 18.33
CA VAL A 395 17.42 -18.17 17.03
C VAL A 395 16.06 -17.46 17.07
N ASN A 396 15.27 -17.71 18.12
CA ASN A 396 14.01 -17.00 18.28
C ASN A 396 14.22 -15.50 18.21
N ASP A 397 15.23 -15.02 18.96
CA ASP A 397 15.54 -13.59 18.98
C ASP A 397 15.95 -13.09 17.61
N LEU A 398 16.67 -13.90 16.84
CA LEU A 398 17.01 -13.55 15.46
C LEU A 398 15.79 -13.41 14.56
N LEU A 399 14.77 -14.26 14.78
CA LEU A 399 13.65 -14.38 13.86
C LEU A 399 12.55 -13.39 14.16
N LEU A 400 12.46 -12.90 15.40
CA LEU A 400 11.42 -11.95 15.74
C LEU A 400 11.39 -10.73 14.83
N PRO A 401 12.49 -10.01 14.61
CA PRO A 401 12.43 -8.86 13.69
C PRO A 401 12.08 -9.29 12.27
N ILE A 402 12.23 -10.56 11.92
CA ILE A 402 11.73 -11.02 10.63
C ILE A 402 10.21 -11.14 10.66
N VAL A 403 9.68 -11.82 11.67
CA VAL A 403 8.24 -11.95 11.78
C VAL A 403 7.61 -10.57 11.76
N LYS A 404 8.14 -9.66 12.57
CA LYS A 404 7.58 -8.33 12.71
C LYS A 404 7.86 -7.47 11.48
N GLY A 405 9.13 -7.23 11.15
CA GLY A 405 9.44 -6.34 10.05
C GLY A 405 9.09 -6.93 8.68
N PHE A 406 9.60 -8.11 8.36
CA PHE A 406 9.32 -8.72 7.05
C PHE A 406 7.84 -9.11 6.96
N GLY A 407 7.28 -9.60 8.06
CA GLY A 407 5.84 -9.86 8.08
C GLY A 407 5.00 -8.60 7.90
N SER A 408 5.31 -7.54 8.66
CA SER A 408 4.63 -6.23 8.54
C SER A 408 4.68 -5.78 7.07
N GLU A 409 5.87 -5.69 6.50
CA GLU A 409 5.97 -5.03 5.21
C GLU A 409 5.35 -5.85 4.08
N THR A 410 5.50 -7.19 4.17
CA THR A 410 5.03 -8.06 3.11
C THR A 410 3.53 -8.14 3.08
N ALA A 411 2.90 -8.28 4.25
CA ALA A 411 1.45 -8.40 4.31
C ALA A 411 0.76 -7.22 3.67
N TYR A 412 1.13 -6.02 4.10
CA TYR A 412 0.55 -4.81 3.54
C TYR A 412 0.82 -4.70 2.04
N ALA A 413 2.04 -5.04 1.59
CA ALA A 413 2.36 -4.93 0.15
C ALA A 413 1.52 -5.87 -0.68
N LYS A 414 1.32 -7.12 -0.20
CA LYS A 414 0.61 -8.10 -1.03
C LYS A 414 -0.90 -8.02 -0.93
N LEU A 415 -1.43 -7.41 0.12
CA LEU A 415 -2.86 -7.13 0.16
C LEU A 415 -3.25 -6.28 -1.05
N THR A 416 -2.31 -5.47 -1.56
CA THR A 416 -2.55 -4.73 -2.80
C THR A 416 -2.96 -5.69 -3.91
N GLU A 417 -2.26 -6.84 -4.02
CA GLU A 417 -2.64 -7.83 -5.03
C GLU A 417 -4.02 -8.41 -4.70
N SER A 418 -4.31 -8.59 -3.41
CA SER A 418 -5.64 -9.08 -3.03
C SER A 418 -6.73 -8.11 -3.49
N LEU A 419 -6.57 -6.81 -3.19
CA LEU A 419 -7.56 -5.80 -3.59
C LEU A 419 -7.63 -5.67 -5.10
N GLN A 420 -6.48 -5.70 -5.79
CA GLN A 420 -6.48 -5.64 -7.25
C GLN A 420 -7.30 -6.75 -7.88
N THR A 421 -7.39 -7.91 -7.22
CA THR A 421 -8.11 -9.03 -7.80
C THR A 421 -9.60 -8.80 -7.87
N LEU A 422 -10.14 -7.99 -6.98
CA LEU A 422 -11.56 -7.67 -7.02
C LEU A 422 -11.87 -6.60 -8.05
N GLY A 423 -10.87 -6.06 -8.75
CA GLY A 423 -11.16 -4.96 -9.65
C GLY A 423 -11.68 -3.75 -8.89
N GLY A 424 -12.50 -2.96 -9.59
CA GLY A 424 -13.06 -1.76 -8.99
C GLY A 424 -13.80 -2.01 -7.69
N SER A 425 -14.40 -3.20 -7.55
CA SER A 425 -15.12 -3.57 -6.32
C SER A 425 -14.20 -3.69 -5.10
N GLY A 426 -12.91 -3.93 -5.30
CA GLY A 426 -11.97 -3.89 -4.20
C GLY A 426 -11.86 -2.57 -3.47
N PHE A 427 -12.17 -1.44 -4.15
CA PHE A 427 -12.21 -0.11 -3.57
C PHE A 427 -13.47 0.14 -2.75
N LEU A 428 -14.40 -0.80 -2.74
CA LEU A 428 -15.61 -0.60 -1.97
C LEU A 428 -15.43 -1.10 -0.53
N GLN A 429 -16.05 -0.42 0.41
CA GLN A 429 -16.16 -0.90 1.79
C GLN A 429 -17.03 -2.12 1.89
N ASP A 430 -17.80 -2.43 0.85
CA ASP A 430 -18.61 -3.64 0.83
C ASP A 430 -17.75 -4.88 1.01
N TYR A 431 -16.51 -4.86 0.54
CA TYR A 431 -15.62 -5.99 0.69
C TYR A 431 -14.58 -5.64 1.75
N PRO A 432 -14.01 -6.65 2.44
CA PRO A 432 -13.19 -6.37 3.61
C PRO A 432 -11.76 -5.95 3.30
N ILE A 433 -11.34 -5.94 2.04
CA ILE A 433 -9.93 -5.83 1.76
C ILE A 433 -9.42 -4.42 2.03
N GLU A 434 -10.16 -3.39 1.63
CA GLU A 434 -9.68 -2.04 1.91
C GLU A 434 -9.51 -1.83 3.41
N GLN A 435 -10.34 -2.45 4.24
CA GLN A 435 -10.13 -2.34 5.69
C GLN A 435 -8.92 -3.18 6.16
N TYR A 436 -8.75 -4.40 5.62
CA TYR A 436 -7.50 -5.14 5.84
C TYR A 436 -6.28 -4.24 5.61
N ILE A 437 -6.30 -3.44 4.53
CA ILE A 437 -5.15 -2.61 4.16
C ILE A 437 -4.96 -1.50 5.16
N ARG A 438 -6.05 -0.84 5.53
CA ARG A 438 -6.01 0.24 6.52
C ARG A 438 -5.65 -0.30 7.89
N ASP A 439 -6.22 -1.42 8.29
CA ASP A 439 -5.92 -1.97 9.60
C ASP A 439 -4.45 -2.40 9.73
N SER A 440 -3.82 -2.83 8.62
CA SER A 440 -2.47 -3.40 8.72
C SER A 440 -1.37 -2.39 8.43
N LYS A 441 -1.69 -1.19 7.94
CA LYS A 441 -0.65 -0.19 7.72
C LYS A 441 0.16 0.11 8.99
N ILE A 442 -0.49 -0.01 10.14
CA ILE A 442 0.19 0.28 11.39
C ILE A 442 1.18 -0.80 11.76
N ASP A 443 1.05 -2.00 11.22
CA ASP A 443 1.95 -3.07 11.63
C ASP A 443 3.41 -2.74 11.35
N SER A 444 3.67 -1.85 10.41
CA SER A 444 5.04 -1.47 10.12
C SER A 444 5.54 -0.36 11.02
N LEU A 445 4.74 0.10 11.97
CA LEU A 445 5.06 1.27 12.78
C LEU A 445 5.14 0.95 14.27
N TYR A 446 4.04 0.58 14.91
CA TYR A 446 4.03 0.29 16.37
C TYR A 446 4.83 -0.99 16.61
N ALA A 447 5.24 -1.23 17.87
CA ALA A 447 6.18 -2.26 18.28
C ALA A 447 7.54 -2.08 17.64
N GLY A 448 7.89 -0.87 17.25
CA GLY A 448 9.16 -0.62 16.59
C GLY A 448 9.07 -0.58 15.08
N THR A 449 9.46 0.53 14.43
CA THR A 449 9.33 0.64 12.98
C THR A 449 10.21 -0.40 12.28
N THR A 450 9.90 -0.61 10.99
CA THR A 450 10.66 -1.54 10.19
C THR A 450 12.15 -1.25 10.29
N ALA A 451 12.51 0.03 10.24
CA ALA A 451 13.94 0.38 10.31
C ALA A 451 14.54 -0.07 11.64
N ILE A 452 13.78 0.06 12.73
CA ILE A 452 14.26 -0.42 14.01
C ILE A 452 14.34 -1.94 14.03
N GLN A 453 13.41 -2.61 13.35
CA GLN A 453 13.49 -4.05 13.25
C GLN A 453 14.78 -4.45 12.56
N ALA A 454 15.15 -3.71 11.51
CA ALA A 454 16.31 -4.03 10.70
C ALA A 454 17.60 -3.77 11.45
N GLN A 455 17.64 -2.70 12.24
CA GLN A 455 18.80 -2.38 13.04
C GLN A 455 18.97 -3.41 14.14
N ASP A 456 17.88 -3.79 14.79
CA ASP A 456 17.96 -4.85 15.79
C ASP A 456 18.46 -6.16 15.17
N PHE A 457 17.94 -6.51 13.99
CA PHE A 457 18.31 -7.78 13.37
C PHE A 457 19.79 -7.83 13.12
N PHE A 458 20.35 -6.76 12.57
CA PHE A 458 21.74 -6.81 12.19
C PHE A 458 22.67 -6.52 13.38
N PHE A 459 22.45 -5.41 14.07
CA PHE A 459 23.39 -5.00 15.11
C PHE A 459 23.32 -5.92 16.32
N ARG A 460 22.12 -6.26 16.78
CA ARG A 460 22.00 -7.10 17.98
C ARG A 460 21.86 -8.59 17.69
N LYS A 461 21.01 -8.97 16.75
CA LYS A 461 20.71 -10.38 16.58
C LYS A 461 21.73 -11.12 15.72
N ILE A 462 22.65 -10.40 15.09
CA ILE A 462 23.68 -11.01 14.28
C ILE A 462 25.03 -10.61 14.85
N ILE A 463 25.38 -9.32 14.82
CA ILE A 463 26.75 -8.94 15.14
C ILE A 463 27.05 -9.23 16.60
N ARG A 464 26.27 -8.65 17.52
CA ARG A 464 26.45 -8.95 18.93
C ARG A 464 26.36 -10.44 19.19
N ASP A 465 25.49 -11.16 18.49
CA ASP A 465 25.37 -12.61 18.58
C ASP A 465 26.56 -13.32 18.00
N LYS A 466 27.52 -12.61 17.42
CA LYS A 466 28.59 -13.17 16.60
C LYS A 466 28.09 -14.23 15.62
N GLY A 467 26.90 -14.03 15.07
CA GLY A 467 26.41 -14.86 13.98
C GLY A 467 26.07 -16.29 14.32
N GLN A 468 25.93 -16.65 15.59
CA GLN A 468 25.66 -18.04 15.92
C GLN A 468 24.28 -18.46 15.44
N ALA A 469 23.25 -17.68 15.82
CA ALA A 469 21.89 -18.01 15.38
C ALA A 469 21.78 -17.96 13.88
N LEU A 470 22.41 -16.97 13.24
CA LEU A 470 22.31 -16.85 11.80
C LEU A 470 22.98 -18.02 11.12
N ALA A 471 24.15 -18.43 11.64
CA ALA A 471 24.85 -19.56 11.04
C ALA A 471 24.11 -20.87 11.22
N TYR A 472 23.32 -20.99 12.29
CA TYR A 472 22.52 -22.19 12.49
C TYR A 472 21.43 -22.27 11.44
N VAL A 473 20.76 -21.15 11.17
CA VAL A 473 19.67 -21.21 10.22
C VAL A 473 20.20 -21.44 8.82
N ALA A 474 21.30 -20.74 8.48
CA ALA A 474 21.96 -20.93 7.19
C ALA A 474 22.36 -22.39 7.00
N GLY A 475 22.77 -23.05 8.09
CA GLY A 475 23.12 -24.46 8.03
C GLY A 475 21.93 -25.36 7.74
N GLU A 476 20.75 -25.02 8.28
CA GLU A 476 19.56 -25.80 7.97
C GLU A 476 19.15 -25.63 6.51
N ILE A 477 19.28 -24.41 5.98
CA ILE A 477 18.96 -24.17 4.58
C ILE A 477 19.90 -24.96 3.70
N GLU A 478 21.20 -24.86 3.97
CA GLU A 478 22.19 -25.56 3.15
C GLU A 478 21.94 -27.06 3.17
N GLN A 479 21.50 -27.57 4.32
CA GLN A 479 21.29 -29.00 4.42
C GLN A 479 20.15 -29.43 3.49
N PHE A 480 19.03 -28.71 3.53
CA PHE A 480 17.95 -29.01 2.58
C PHE A 480 18.46 -28.95 1.15
N ILE A 481 19.29 -27.95 0.83
CA ILE A 481 19.80 -27.81 -0.53
C ILE A 481 20.60 -29.05 -0.93
N LYS A 482 21.48 -29.53 -0.06
CA LYS A 482 22.32 -30.67 -0.36
C LYS A 482 21.57 -32.00 -0.36
N ASN A 483 20.35 -32.05 0.16
CA ASN A 483 19.50 -33.24 0.10
C ASN A 483 20.17 -34.46 0.71
N GLY A 488 14.32 -35.09 -6.97
CA GLY A 488 14.78 -34.47 -8.20
C GLY A 488 13.77 -33.54 -8.90
N ARG A 489 12.49 -33.73 -8.58
CA ARG A 489 11.48 -32.74 -8.96
C ARG A 489 11.67 -31.44 -8.24
N LEU A 490 12.50 -31.42 -7.17
CA LEU A 490 12.86 -30.20 -6.44
C LEU A 490 14.28 -29.74 -6.74
N LYS A 491 14.88 -30.23 -7.83
CA LYS A 491 16.25 -29.84 -8.19
C LYS A 491 16.35 -28.35 -8.52
N THR A 492 15.45 -27.85 -9.36
CA THR A 492 15.51 -26.44 -9.73
C THR A 492 15.35 -25.54 -8.50
N GLU A 493 14.40 -25.87 -7.64
CA GLU A 493 14.16 -25.06 -6.45
C GLU A 493 15.42 -25.01 -5.60
N ARG A 494 16.05 -26.17 -5.36
CA ARG A 494 17.30 -26.25 -4.61
C ARG A 494 18.38 -25.41 -5.27
N GLU A 495 18.46 -25.43 -6.59
CA GLU A 495 19.48 -24.62 -7.25
C GLU A 495 19.20 -23.14 -7.04
N LEU A 496 17.93 -22.74 -7.14
CA LEU A 496 17.60 -21.33 -6.95
C LEU A 496 17.76 -20.91 -5.48
N LEU A 497 17.49 -21.84 -4.53
CA LEU A 497 17.70 -21.52 -3.13
C LEU A 497 19.18 -21.35 -2.84
N ALA A 498 19.99 -22.19 -3.52
CA ALA A 498 21.43 -22.13 -3.33
C ALA A 498 21.96 -20.77 -3.74
N THR A 499 21.54 -20.25 -4.90
CA THR A 499 21.84 -18.87 -5.31
C THR A 499 21.37 -17.85 -4.28
N ALA A 500 20.11 -17.96 -3.86
CA ALA A 500 19.56 -17.03 -2.87
C ALA A 500 20.38 -17.03 -1.57
N LEU A 501 20.79 -18.23 -1.11
CA LEU A 501 21.58 -18.31 0.11
C LEU A 501 22.92 -17.62 -0.08
N ALA A 502 23.59 -17.90 -1.19
CA ALA A 502 24.84 -17.22 -1.47
C ALA A 502 24.62 -15.71 -1.53
N ASP A 503 23.51 -15.28 -2.13
CA ASP A 503 23.18 -13.85 -2.20
C ASP A 503 23.08 -13.24 -0.80
N VAL A 504 22.29 -13.86 0.08
CA VAL A 504 22.17 -13.34 1.45
C VAL A 504 23.51 -13.40 2.18
N GLN A 505 24.31 -14.45 1.99
CA GLN A 505 25.67 -14.48 2.52
C GLN A 505 26.45 -13.26 2.07
N GLY A 506 26.43 -12.96 0.77
CA GLY A 506 27.11 -11.77 0.27
C GLY A 506 26.67 -10.51 1.00
N MET A 507 25.34 -10.31 1.11
CA MET A 507 24.83 -9.11 1.73
C MET A 507 25.33 -8.98 3.16
N ALA A 508 25.33 -10.10 3.89
CA ALA A 508 25.87 -10.15 5.23
C ALA A 508 27.32 -9.71 5.26
N ALA A 509 28.14 -10.30 4.38
CA ALA A 509 29.57 -9.99 4.38
C ALA A 509 29.81 -8.53 4.00
N SER A 510 29.04 -8.03 3.04
CA SER A 510 29.24 -6.65 2.62
C SER A 510 28.87 -5.65 3.71
N LEU A 511 27.76 -5.89 4.44
CA LEU A 511 27.35 -5.00 5.51
C LEU A 511 28.27 -5.12 6.72
N THR A 512 28.69 -6.35 7.07
CA THR A 512 29.71 -6.48 8.13
C THR A 512 30.99 -5.74 7.77
N GLY A 513 31.47 -5.86 6.54
CA GLY A 513 32.58 -5.04 6.13
C GLY A 513 32.33 -3.57 6.36
N TYR A 514 31.16 -3.06 5.93
CA TYR A 514 30.87 -1.65 6.11
C TYR A 514 30.93 -1.27 7.58
N LEU A 515 30.45 -2.15 8.45
CA LEU A 515 30.46 -1.85 9.88
C LEU A 515 31.88 -1.80 10.45
N MET A 516 32.64 -2.87 10.25
CA MET A 516 33.99 -3.05 10.79
C MET A 516 34.92 -1.97 10.24
N ALA A 517 34.75 -1.57 9.00
CA ALA A 517 35.55 -0.50 8.42
C ALA A 517 35.31 0.85 9.13
N ALA A 518 34.25 0.97 9.93
CA ALA A 518 33.90 2.24 10.55
C ALA A 518 34.89 2.64 11.62
N GLN A 519 35.76 1.72 12.07
CA GLN A 519 36.74 2.08 13.10
C GLN A 519 37.78 3.05 12.54
N GLU A 520 38.11 2.92 11.25
CA GLU A 520 39.03 3.81 10.56
C GLU A 520 38.31 4.89 9.78
N ASP A 521 37.01 4.74 9.50
CA ASP A 521 36.25 5.72 8.71
C ASP A 521 34.81 5.72 9.24
N ALA A 522 34.54 6.66 10.16
CA ALA A 522 33.28 6.64 10.89
C ALA A 522 32.08 6.56 9.97
N ALA A 523 32.08 7.37 8.90
CA ALA A 523 30.91 7.45 8.01
C ALA A 523 30.59 6.11 7.36
N SER A 524 31.51 5.15 7.40
CA SER A 524 31.25 3.84 6.82
C SER A 524 29.98 3.22 7.39
N ILE A 525 29.69 3.47 8.66
CA ILE A 525 28.52 2.85 9.27
C ILE A 525 27.23 3.21 8.55
N TYR A 526 27.21 4.35 7.85
CA TYR A 526 25.96 4.75 7.22
C TYR A 526 25.54 3.71 6.19
N LYS A 527 26.53 3.09 5.54
CA LYS A 527 26.18 2.11 4.51
C LYS A 527 25.46 0.92 5.12
N VAL A 528 25.71 0.64 6.40
CA VAL A 528 24.91 -0.35 7.09
C VAL A 528 23.45 0.10 7.22
N GLY A 529 23.23 1.33 7.67
CA GLY A 529 21.86 1.82 7.72
C GLY A 529 21.16 1.82 6.36
N LEU A 530 21.90 2.17 5.30
CA LEU A 530 21.32 2.25 3.97
C LEU A 530 20.83 0.91 3.52
N GLY A 531 21.54 -0.16 3.90
CA GLY A 531 21.20 -1.48 3.43
C GLY A 531 20.46 -2.38 4.39
N SER A 532 20.21 -1.90 5.61
CA SER A 532 19.76 -2.81 6.66
C SER A 532 18.37 -3.34 6.37
N VAL A 533 17.47 -2.48 5.89
CA VAL A 533 16.09 -2.92 5.67
C VAL A 533 16.03 -3.90 4.50
N ARG A 534 16.73 -3.60 3.41
CA ARG A 534 16.75 -4.53 2.28
C ARG A 534 17.35 -5.88 2.67
N PHE A 535 18.39 -5.88 3.52
CA PHE A 535 18.93 -7.13 4.03
C PHE A 535 17.87 -7.92 4.80
N LEU A 536 17.17 -7.25 5.71
CA LEU A 536 16.10 -7.92 6.45
C LEU A 536 15.08 -8.54 5.51
N MET A 537 14.71 -7.82 4.45
CA MET A 537 13.68 -8.34 3.58
C MET A 537 14.20 -9.54 2.79
N ALA A 538 15.48 -9.49 2.38
CA ALA A 538 16.07 -10.61 1.66
C ALA A 538 16.10 -11.88 2.50
N VAL A 539 16.56 -11.77 3.75
CA VAL A 539 16.52 -12.91 4.66
C VAL A 539 15.09 -13.45 4.74
N GLY A 540 14.10 -12.55 4.84
CA GLY A 540 12.71 -12.99 4.83
C GLY A 540 12.31 -13.75 3.57
N ASP A 541 12.69 -13.22 2.41
CA ASP A 541 12.40 -13.94 1.17
C ASP A 541 13.11 -15.29 1.11
N LEU A 542 14.35 -15.34 1.60
CA LEU A 542 15.09 -16.60 1.59
C LEU A 542 14.40 -17.63 2.48
N LEU A 543 13.99 -17.23 3.69
CA LEU A 543 13.30 -18.15 4.61
C LEU A 543 11.96 -18.61 4.02
N SER A 544 11.19 -17.70 3.42
CA SER A 544 9.95 -18.10 2.77
C SER A 544 10.20 -19.14 1.68
N GLY A 545 11.17 -18.88 0.81
CA GLY A 545 11.49 -19.83 -0.23
C GLY A 545 11.93 -21.18 0.33
N TRP A 546 12.79 -21.16 1.37
CA TRP A 546 13.25 -22.41 1.97
C TRP A 546 12.09 -23.18 2.59
N LEU A 547 11.30 -22.54 3.48
CA LEU A 547 10.20 -23.24 4.13
C LEU A 547 9.17 -23.72 3.11
N LEU A 548 8.84 -22.89 2.11
CA LEU A 548 7.94 -23.38 1.05
C LEU A 548 8.51 -24.61 0.34
N ALA A 549 9.81 -24.62 0.05
CA ALA A 549 10.43 -25.82 -0.53
C ALA A 549 10.35 -27.02 0.43
N ARG A 550 10.62 -26.80 1.72
CA ARG A 550 10.41 -27.86 2.70
C ARG A 550 8.99 -28.39 2.63
N GLN A 551 8.00 -27.48 2.55
CA GLN A 551 6.59 -27.92 2.46
C GLN A 551 6.33 -28.72 1.19
N ALA A 552 6.91 -28.33 0.06
CA ALA A 552 6.68 -29.07 -1.17
C ALA A 552 7.32 -30.47 -1.08
N ALA A 553 8.46 -30.58 -0.40
CA ALA A 553 9.10 -31.88 -0.25
C ALA A 553 8.21 -32.83 0.53
N VAL A 554 7.54 -32.34 1.57
CA VAL A 554 6.56 -33.16 2.28
C VAL A 554 5.36 -33.47 1.41
N ALA A 555 4.88 -32.47 0.66
CA ALA A 555 3.74 -32.69 -0.24
C ALA A 555 4.02 -33.75 -1.28
N ILE A 556 5.27 -33.82 -1.76
CA ILE A 556 5.66 -34.86 -2.72
C ILE A 556 5.52 -36.24 -2.07
N GLU A 557 6.08 -36.39 -0.86
CA GLU A 557 5.98 -37.65 -0.15
C GLU A 557 4.53 -38.08 -0.01
N LYS A 558 3.64 -37.13 0.34
CA LYS A 558 2.25 -37.48 0.62
C LYS A 558 1.51 -37.87 -0.67
N LEU A 559 1.84 -37.23 -1.78
CA LEU A 559 1.21 -37.57 -3.05
C LEU A 559 1.70 -38.92 -3.55
N ASP A 560 3.01 -39.15 -3.50
CA ASP A 560 3.55 -40.48 -3.75
C ASP A 560 2.91 -41.53 -2.84
N ALA A 561 2.62 -41.18 -1.59
CA ALA A 561 1.94 -42.11 -0.70
C ALA A 561 0.47 -42.34 -1.01
N GLY A 562 -0.10 -41.59 -1.95
CA GLY A 562 -1.45 -41.83 -2.39
C GLY A 562 -2.54 -40.83 -2.03
N ALA A 563 -2.19 -39.62 -1.62
CA ALA A 563 -3.20 -38.65 -1.23
C ALA A 563 -4.22 -38.48 -2.34
N THR A 564 -5.44 -38.17 -1.95
CA THR A 564 -6.51 -37.97 -2.91
C THR A 564 -7.40 -36.80 -2.50
N GLY A 565 -8.27 -36.38 -3.42
CA GLY A 565 -9.35 -35.46 -3.07
C GLY A 565 -8.82 -34.13 -2.63
N ALA A 566 -9.42 -33.60 -1.57
CA ALA A 566 -9.04 -32.28 -1.09
C ALA A 566 -7.60 -32.26 -0.60
N ASP A 567 -7.12 -33.37 0.00
CA ASP A 567 -5.72 -33.42 0.41
C ASP A 567 -4.80 -33.24 -0.79
N LYS A 568 -5.04 -34.03 -1.84
CA LYS A 568 -4.19 -33.98 -3.04
C LYS A 568 -4.12 -32.56 -3.57
N SER A 569 -5.28 -31.90 -3.73
CA SER A 569 -5.31 -30.52 -4.22
C SER A 569 -4.43 -29.62 -3.34
N PHE A 570 -4.52 -29.79 -2.03
CA PHE A 570 -3.70 -29.00 -1.11
C PHE A 570 -2.20 -29.23 -1.35
N TYR A 571 -1.78 -30.49 -1.40
CA TYR A 571 -0.37 -30.81 -1.65
C TYR A 571 0.11 -30.30 -3.01
N GLU A 572 -0.70 -30.45 -4.04
CA GLU A 572 -0.33 -29.88 -5.33
C GLU A 572 -0.09 -28.38 -5.23
N GLY A 573 -0.92 -27.66 -4.49
CA GLY A 573 -0.71 -26.24 -4.37
C GLY A 573 0.58 -25.90 -3.65
N LYS A 574 0.97 -26.72 -2.67
CA LYS A 574 2.26 -26.48 -2.03
C LYS A 574 3.42 -26.61 -3.03
N ILE A 575 3.32 -27.58 -3.94
CA ILE A 575 4.38 -27.78 -4.93
C ILE A 575 4.44 -26.58 -5.88
N ALA A 576 3.27 -26.13 -6.37
CA ALA A 576 3.21 -24.96 -7.26
C ALA A 576 3.71 -23.69 -6.58
N ALA A 577 3.29 -23.41 -5.36
CA ALA A 577 3.76 -22.20 -4.68
C ALA A 577 5.27 -22.19 -4.49
N ALA A 578 5.84 -23.29 -4.00
CA ALA A 578 7.28 -23.38 -3.79
C ALA A 578 8.03 -23.11 -5.09
N SER A 579 7.58 -23.70 -6.18
CA SER A 579 8.26 -23.53 -7.45
C SER A 579 8.10 -22.10 -7.96
N PHE A 580 6.88 -21.58 -7.84
CA PHE A 580 6.65 -20.22 -8.28
C PHE A 580 7.49 -19.25 -7.48
N PHE A 581 7.54 -19.44 -6.15
CA PHE A 581 8.31 -18.52 -5.32
C PHE A 581 9.78 -18.58 -5.69
N ALA A 582 10.30 -19.80 -5.89
CA ALA A 582 11.72 -19.95 -6.22
C ALA A 582 12.06 -19.27 -7.53
N LYS A 583 11.12 -19.26 -8.49
CA LYS A 583 11.45 -18.74 -9.81
C LYS A 583 11.13 -17.27 -9.98
N ASN A 584 10.20 -16.73 -9.17
CA ASN A 584 9.70 -15.37 -9.38
C ASN A 584 10.07 -14.39 -8.29
N MET A 585 10.35 -14.87 -7.09
CA MET A 585 10.77 -14.03 -5.98
C MET A 585 12.25 -14.12 -5.68
N LEU A 586 12.83 -15.31 -5.63
CA LEU A 586 14.19 -15.44 -5.12
C LEU A 586 15.23 -14.80 -6.03
N PRO A 587 15.10 -14.83 -7.36
CA PRO A 587 16.19 -14.31 -8.20
C PRO A 587 16.48 -12.84 -7.98
N LEU A 588 15.46 -12.03 -7.65
CA LEU A 588 15.65 -10.61 -7.36
C LEU A 588 16.68 -10.39 -6.26
N LEU A 589 16.89 -11.35 -5.36
CA LEU A 589 17.95 -11.20 -4.35
C LEU A 589 19.35 -11.08 -4.96
N THR A 590 19.59 -11.60 -6.17
CA THR A 590 20.91 -11.40 -6.78
C THR A 590 21.18 -9.94 -7.05
N SER A 591 20.24 -9.24 -7.70
CA SER A 591 20.38 -7.81 -7.94
C SER A 591 20.46 -7.03 -6.64
N THR A 592 19.71 -7.44 -5.60
CA THR A 592 19.76 -6.75 -4.32
C THR A 592 21.13 -6.90 -3.67
N ARG A 593 21.76 -8.06 -3.79
CA ARG A 593 23.13 -8.18 -3.28
C ARG A 593 24.06 -7.21 -4.01
N GLN A 594 23.95 -7.15 -5.33
CA GLN A 594 24.87 -6.28 -6.07
C GLN A 594 24.64 -4.81 -5.74
N ILE A 595 23.39 -4.43 -5.50
CA ILE A 595 23.12 -3.06 -5.07
C ILE A 595 23.74 -2.82 -3.70
N ILE A 596 23.58 -3.80 -2.80
CA ILE A 596 24.16 -3.65 -1.47
C ILE A 596 25.69 -3.62 -1.54
N GLU A 597 26.29 -4.38 -2.46
CA GLU A 597 27.74 -4.39 -2.60
C GLU A 597 28.30 -3.07 -3.12
N ASN A 598 27.45 -2.21 -3.70
CA ASN A 598 27.91 -0.96 -4.28
C ASN A 598 27.37 0.28 -3.57
N LEU A 599 26.79 0.13 -2.40
CA LEU A 599 26.31 1.30 -1.68
C LEU A 599 27.43 2.31 -1.46
N ASP A 600 27.06 3.60 -1.53
CA ASP A 600 27.98 4.68 -1.26
C ASP A 600 27.26 5.71 -0.39
N ASN A 601 28.01 6.70 0.07
CA ASN A 601 27.44 7.71 0.96
C ASN A 601 27.07 9.03 0.27
N ASP A 602 26.98 9.06 -1.06
CA ASP A 602 26.49 10.26 -1.76
C ASP A 602 25.21 10.82 -1.14
N VAL A 603 24.22 9.96 -0.88
CA VAL A 603 22.97 10.41 -0.32
C VAL A 603 23.14 10.94 1.09
N MET A 604 24.21 10.54 1.79
CA MET A 604 24.46 11.01 3.15
C MET A 604 25.17 12.35 3.16
N GLU A 605 26.02 12.59 2.17
CA GLU A 605 26.76 13.82 2.02
C GLU A 605 25.91 14.94 1.43
N LEU A 606 24.85 14.61 0.70
CA LEU A 606 24.03 15.63 0.06
C LEU A 606 23.42 16.60 1.06
N ASP A 607 23.38 17.88 0.72
CA ASP A 607 22.79 18.86 1.61
C ASP A 607 21.31 18.57 1.76
N GLU A 608 20.83 18.63 3.00
CA GLU A 608 19.40 18.50 3.25
C GLU A 608 18.55 19.37 2.31
N ALA A 609 19.06 20.54 1.90
CA ALA A 609 18.25 21.48 1.12
C ALA A 609 18.11 21.07 -0.33
N ALA A 610 18.90 20.11 -0.77
CA ALA A 610 18.74 19.60 -2.12
C ALA A 610 17.62 18.58 -2.26
N PHE A 611 17.08 18.09 -1.15
CA PHE A 611 15.92 17.20 -1.15
C PHE A 611 14.66 17.99 -1.58
N SER B 2 -3.94 23.36 4.10
CA SER B 2 -2.60 23.47 3.55
C SER B 2 -1.85 22.13 3.61
N HIS B 3 -2.61 21.04 3.43
CA HIS B 3 -1.96 19.76 3.20
C HIS B 3 -1.11 19.76 1.94
N TYR B 4 -1.52 20.53 0.93
CA TYR B 4 -0.95 20.38 -0.39
C TYR B 4 0.36 21.16 -0.54
N LYS B 5 1.41 20.48 -0.94
CA LYS B 5 2.68 21.14 -1.16
C LYS B 5 3.03 20.98 -2.63
N SER B 6 3.10 22.10 -3.35
CA SER B 6 3.32 22.18 -4.78
C SER B 6 4.80 22.15 -5.11
N ASN B 7 5.09 21.96 -6.39
CA ASN B 7 6.44 22.03 -6.89
C ASN B 7 6.48 22.67 -8.28
N VAL B 8 6.16 23.97 -8.34
CA VAL B 8 6.27 24.72 -9.59
C VAL B 8 7.72 24.73 -10.11
N ARG B 9 8.70 24.96 -9.22
CA ARG B 9 10.09 24.95 -9.64
C ARG B 9 10.40 23.73 -10.49
N ASP B 10 10.02 22.53 -10.03
CA ASP B 10 10.35 21.33 -10.80
C ASP B 10 9.57 21.28 -12.12
N GLN B 11 8.32 21.71 -12.10
CA GLN B 11 7.56 21.78 -13.35
C GLN B 11 8.23 22.67 -14.38
N VAL B 12 8.61 23.88 -13.97
CA VAL B 12 9.22 24.83 -14.90
C VAL B 12 10.56 24.30 -15.38
N PHE B 13 11.34 23.70 -14.47
CA PHE B 13 12.60 23.06 -14.83
C PHE B 13 12.37 22.07 -15.98
N ASN B 14 11.38 21.17 -15.84
CA ASN B 14 11.03 20.22 -16.90
C ASN B 14 10.58 20.95 -18.18
N LEU B 15 9.60 21.83 -18.04
CA LEU B 15 8.97 22.40 -19.22
C LEU B 15 9.96 23.21 -20.05
N PHE B 16 10.86 23.92 -19.37
CA PHE B 16 11.66 24.95 -20.02
C PHE B 16 13.14 24.60 -20.10
N GLU B 17 13.73 24.24 -18.98
CA GLU B 17 15.14 23.87 -19.03
C GLU B 17 15.42 22.52 -19.68
N VAL B 18 14.46 21.58 -19.66
CA VAL B 18 14.71 20.20 -20.10
C VAL B 18 14.08 19.93 -21.45
N PHE B 19 12.78 20.14 -21.57
CA PHE B 19 12.08 19.87 -22.82
C PHE B 19 11.95 21.08 -23.73
N GLY B 20 12.18 22.29 -23.24
CA GLY B 20 12.09 23.45 -24.10
C GLY B 20 10.73 23.74 -24.69
N VAL B 21 9.67 23.49 -23.92
CA VAL B 21 8.33 23.78 -24.42
C VAL B 21 8.19 25.25 -24.74
N ASP B 22 9.01 26.10 -24.10
CA ASP B 22 8.93 27.53 -24.34
C ASP B 22 9.28 27.90 -25.78
N LYS B 23 9.89 26.98 -26.53
CA LYS B 23 10.19 27.25 -27.93
C LYS B 23 8.94 27.48 -28.77
N VAL B 24 7.77 26.98 -28.36
CA VAL B 24 6.55 27.22 -29.13
C VAL B 24 5.73 28.37 -28.56
N LEU B 25 6.04 28.83 -27.34
CA LEU B 25 5.29 29.91 -26.71
C LEU B 25 5.55 31.23 -27.45
N GLY B 26 4.46 31.93 -27.75
CA GLY B 26 4.53 33.18 -28.46
C GLY B 26 4.56 33.05 -29.96
N ALA B 27 4.34 31.85 -30.50
CA ALA B 27 4.37 31.64 -31.93
C ALA B 27 3.27 30.67 -32.35
N ASP B 28 2.81 30.84 -33.58
CA ASP B 28 1.82 29.93 -34.21
C ASP B 28 0.59 29.85 -33.32
N LYS B 29 0.12 28.64 -32.97
CA LYS B 29 -1.12 28.48 -32.20
C LYS B 29 -1.07 29.15 -30.82
N PHE B 30 0.12 29.31 -30.26
CA PHE B 30 0.40 29.92 -28.95
C PHE B 30 0.94 31.35 -29.07
N SER B 31 0.47 32.10 -30.04
CA SER B 31 0.87 33.48 -30.39
C SER B 31 0.66 34.42 -29.21
N ASP B 32 -0.40 34.23 -28.44
CA ASP B 32 -0.78 35.16 -27.35
C ASP B 32 -0.55 34.54 -25.97
N LEU B 33 0.45 33.67 -25.77
CA LEU B 33 0.82 33.17 -24.45
C LEU B 33 2.33 32.94 -24.45
N ASP B 34 3.06 33.78 -23.70
CA ASP B 34 4.51 33.73 -23.71
C ASP B 34 5.00 33.05 -22.44
N ALA B 35 6.30 32.77 -22.41
CA ALA B 35 6.89 31.98 -21.33
C ALA B 35 6.65 32.64 -19.99
N ASP B 36 6.76 33.96 -19.92
CA ASP B 36 6.47 34.65 -18.66
C ASP B 36 5.03 34.41 -18.23
N THR B 37 4.08 34.47 -19.15
CA THR B 37 2.69 34.23 -18.77
C THR B 37 2.50 32.80 -18.31
N ALA B 38 3.23 31.86 -18.91
CA ALA B 38 3.10 30.46 -18.52
C ALA B 38 3.51 30.27 -17.06
N ARG B 39 4.64 30.85 -16.66
CA ARG B 39 5.09 30.75 -15.28
C ARG B 39 4.08 31.32 -14.31
N GLU B 40 3.47 32.46 -14.66
CA GLU B 40 2.50 33.09 -13.78
C GLU B 40 1.28 32.21 -13.59
N MET B 41 0.78 31.61 -14.67
CA MET B 41 -0.33 30.68 -14.55
C MET B 41 0.00 29.53 -13.57
N LEU B 42 1.19 28.94 -13.70
CA LEU B 42 1.56 27.87 -12.79
C LEU B 42 1.55 28.34 -11.33
N THR B 43 2.23 29.45 -11.05
CA THR B 43 2.26 29.94 -9.67
C THR B 43 0.87 30.26 -9.18
N GLU B 44 0.05 30.82 -10.09
CA GLU B 44 -1.30 31.27 -9.75
C GLU B 44 -2.18 30.08 -9.41
N ILE B 45 -2.18 29.04 -10.25
CA ILE B 45 -2.99 27.87 -9.94
C ILE B 45 -2.46 27.16 -8.68
N ALA B 46 -1.15 27.17 -8.49
CA ALA B 46 -0.58 26.52 -7.32
C ALA B 46 -0.98 27.22 -6.04
N ARG B 47 -0.95 28.56 -6.04
CA ARG B 47 -1.48 29.30 -4.89
C ARG B 47 -2.94 28.95 -4.62
N LEU B 48 -3.77 28.96 -5.67
CA LEU B 48 -5.17 28.56 -5.53
C LEU B 48 -5.28 27.14 -4.99
N ALA B 49 -4.54 26.20 -5.56
CA ALA B 49 -4.63 24.82 -5.12
C ALA B 49 -4.23 24.70 -3.65
N GLU B 50 -3.14 25.37 -3.26
CA GLU B 50 -2.71 25.29 -1.87
C GLU B 50 -3.70 25.93 -0.92
N GLY B 51 -4.49 26.90 -1.40
CA GLY B 51 -5.43 27.61 -0.55
C GLY B 51 -6.81 27.05 -0.71
N PRO B 52 -7.66 27.75 -1.48
CA PRO B 52 -9.08 27.40 -1.51
C PRO B 52 -9.38 25.98 -1.96
N ILE B 53 -8.63 25.41 -2.90
CA ILE B 53 -8.89 24.03 -3.34
C ILE B 53 -8.57 23.01 -2.24
N ALA B 54 -7.35 23.07 -1.72
CA ALA B 54 -6.98 22.15 -0.63
C ALA B 54 -7.76 22.42 0.66
N GLU B 55 -8.44 23.56 0.75
CA GLU B 55 -9.16 23.87 1.97
C GLU B 55 -10.05 22.73 2.35
N SER B 56 -10.74 22.12 1.36
CA SER B 56 -11.81 21.16 1.65
C SER B 56 -11.37 19.71 1.40
N PHE B 57 -10.07 19.47 1.19
CA PHE B 57 -9.61 18.10 0.96
C PHE B 57 -10.05 17.17 2.08
N VAL B 58 -9.84 17.61 3.33
CA VAL B 58 -10.22 16.81 4.52
C VAL B 58 -11.75 16.75 4.66
N GLU B 59 -12.44 17.88 4.46
CA GLU B 59 -13.89 17.90 4.66
C GLU B 59 -14.57 16.93 3.72
N GLY B 60 -14.07 16.84 2.50
CA GLY B 60 -14.73 15.97 1.54
C GLY B 60 -14.65 14.53 1.95
N ASP B 61 -13.57 14.15 2.61
CA ASP B 61 -13.42 12.77 3.04
C ASP B 61 -14.18 12.50 4.32
N ARG B 62 -14.14 13.46 5.27
CA ARG B 62 -14.74 13.19 6.58
C ARG B 62 -16.24 13.37 6.54
N ASN B 63 -16.76 14.22 5.63
CA ASN B 63 -18.19 14.54 5.51
C ASN B 63 -18.59 14.32 4.06
N PRO B 64 -18.66 13.07 3.65
CA PRO B 64 -18.80 12.76 2.20
C PRO B 64 -20.22 13.00 1.73
N PRO B 65 -20.46 12.94 0.42
CA PRO B 65 -21.82 13.17 -0.09
C PRO B 65 -22.83 12.19 0.47
N VAL B 66 -24.04 12.67 0.60
CA VAL B 66 -25.15 11.87 1.08
C VAL B 66 -26.17 11.80 -0.05
N PHE B 67 -26.63 10.58 -0.33
CA PHE B 67 -27.62 10.32 -1.35
C PHE B 67 -29.05 10.43 -0.83
N ASP B 68 -29.88 11.15 -1.55
CA ASP B 68 -31.31 11.01 -1.36
C ASP B 68 -31.86 10.08 -2.43
N PRO B 69 -32.33 8.88 -2.08
CA PRO B 69 -32.79 7.96 -3.14
C PRO B 69 -34.14 8.34 -3.73
N GLU B 70 -34.93 9.19 -3.05
CA GLU B 70 -36.23 9.59 -3.60
C GLU B 70 -36.09 10.70 -4.63
N THR B 71 -35.18 11.63 -4.41
CA THR B 71 -34.84 12.63 -5.41
C THR B 71 -33.78 12.18 -6.43
N HIS B 72 -33.08 11.06 -6.19
CA HIS B 72 -31.96 10.63 -7.04
C HIS B 72 -30.92 11.74 -7.16
N THR B 73 -30.57 12.35 -6.03
CA THR B 73 -29.57 13.41 -6.00
C THR B 73 -28.63 13.20 -4.83
N VAL B 74 -27.45 13.78 -4.96
CA VAL B 74 -26.50 13.77 -3.85
C VAL B 74 -26.27 15.19 -3.36
N THR B 75 -26.04 15.32 -2.06
CA THR B 75 -25.63 16.58 -1.45
C THR B 75 -24.12 16.58 -1.18
N LEU B 76 -23.42 17.59 -1.73
CA LEU B 76 -22.00 17.66 -1.44
C LEU B 76 -21.75 18.61 -0.27
N PRO B 77 -20.64 18.41 0.46
CA PRO B 77 -20.32 19.32 1.57
C PRO B 77 -20.03 20.73 1.08
N GLU B 78 -20.52 21.71 1.86
CA GLU B 78 -20.41 23.12 1.51
C GLU B 78 -19.00 23.52 1.14
N GLY B 79 -18.03 23.24 2.03
CA GLY B 79 -16.64 23.61 1.75
C GLY B 79 -16.12 23.11 0.42
N PHE B 80 -16.45 21.88 0.03
CA PHE B 80 -16.01 21.39 -1.27
C PHE B 80 -16.68 22.14 -2.42
N LYS B 81 -17.97 22.48 -2.26
CA LYS B 81 -18.63 23.30 -3.28
C LYS B 81 -17.99 24.68 -3.38
N LYS B 82 -17.57 25.25 -2.25
CA LYS B 82 -16.84 26.50 -2.28
C LYS B 82 -15.51 26.38 -3.00
N SER B 83 -14.81 25.25 -2.87
CA SER B 83 -13.58 25.01 -3.64
C SER B 83 -13.88 24.88 -5.13
N MET B 84 -14.97 24.20 -5.47
CA MET B 84 -15.36 24.11 -6.88
C MET B 84 -15.59 25.51 -7.47
N ARG B 85 -16.30 26.39 -6.73
CA ARG B 85 -16.59 27.71 -7.28
C ARG B 85 -15.31 28.51 -7.46
N ALA B 86 -14.36 28.35 -6.56
CA ALA B 86 -13.08 29.01 -6.74
C ALA B 86 -12.42 28.55 -8.02
N LEU B 87 -12.52 27.25 -8.30
CA LEU B 87 -11.97 26.72 -9.53
C LEU B 87 -12.62 27.36 -10.75
N PHE B 88 -13.97 27.38 -10.79
CA PHE B 88 -14.66 27.97 -11.93
C PHE B 88 -14.37 29.46 -12.00
N ASP B 89 -14.36 30.16 -10.85
CA ASP B 89 -14.17 31.61 -10.85
C ASP B 89 -12.83 31.96 -11.46
N GLY B 90 -11.90 31.05 -11.45
CA GLY B 90 -10.62 31.30 -12.07
C GLY B 90 -10.50 30.85 -13.48
N GLY B 91 -11.56 30.28 -14.05
CA GLY B 91 -11.49 29.72 -15.38
C GLY B 91 -10.66 28.49 -15.51
N TRP B 92 -10.23 27.89 -14.42
CA TRP B 92 -9.32 26.75 -14.50
C TRP B 92 -9.96 25.49 -15.07
N ASP B 93 -11.29 25.36 -15.01
CA ASP B 93 -11.94 24.29 -15.76
C ASP B 93 -11.91 24.47 -17.27
N LYS B 94 -11.31 25.55 -17.77
CA LYS B 94 -11.25 25.81 -19.23
C LYS B 94 -9.80 25.97 -19.70
N VAL B 95 -8.84 25.53 -18.90
CA VAL B 95 -7.43 25.64 -19.30
C VAL B 95 -7.14 24.55 -20.32
N GLY B 96 -6.53 24.94 -21.43
CA GLY B 96 -6.33 24.02 -22.53
C GLY B 96 -7.52 23.84 -23.45
N LEU B 97 -8.72 24.19 -23.02
CA LEU B 97 -9.88 24.13 -23.89
C LEU B 97 -9.63 24.94 -25.15
N ALA B 98 -10.22 24.47 -26.24
CA ALA B 98 -10.10 25.13 -27.51
C ALA B 98 -10.65 26.55 -27.46
N GLU B 99 -10.03 27.42 -28.23
CA GLU B 99 -10.32 28.84 -28.12
C GLU B 99 -11.77 29.12 -28.48
N HIS B 100 -12.28 28.42 -29.51
CA HIS B 100 -13.67 28.67 -29.94
C HIS B 100 -14.68 28.26 -28.89
N LEU B 101 -14.26 27.53 -27.86
CA LEU B 101 -15.15 27.18 -26.75
C LEU B 101 -14.98 28.06 -25.53
N GLY B 102 -14.19 29.14 -25.62
CA GLY B 102 -13.84 29.93 -24.45
C GLY B 102 -12.54 29.58 -23.77
N GLY B 103 -11.74 28.77 -24.37
CA GLY B 103 -10.52 28.34 -23.73
C GLY B 103 -9.32 29.20 -24.09
N ILE B 104 -8.26 29.07 -23.30
CA ILE B 104 -6.95 29.65 -23.61
C ILE B 104 -6.11 28.60 -24.21
N PRO B 105 -5.62 28.75 -25.46
CA PRO B 105 -4.77 27.73 -26.07
C PRO B 105 -3.43 27.65 -25.38
N MET B 106 -2.92 26.43 -25.23
CA MET B 106 -1.68 26.14 -24.52
C MET B 106 -1.11 24.81 -25.04
N PRO B 107 0.20 24.59 -24.96
CA PRO B 107 0.71 23.21 -25.10
C PRO B 107 0.10 22.31 -24.03
N ARG B 108 -0.15 21.06 -24.42
CA ARG B 108 -0.71 20.12 -23.47
C ARG B 108 0.24 19.93 -22.30
N ALA B 109 1.55 20.03 -22.53
CA ALA B 109 2.50 19.91 -21.41
C ALA B 109 2.24 20.96 -20.33
N LEU B 110 1.90 22.19 -20.72
CA LEU B 110 1.57 23.21 -19.73
C LEU B 110 0.22 22.93 -19.07
N GLN B 111 -0.78 22.54 -19.87
CA GLN B 111 -2.10 22.20 -19.36
C GLN B 111 -2.02 21.16 -18.25
N TRP B 112 -1.28 20.06 -18.48
CA TRP B 112 -1.23 19.02 -17.46
C TRP B 112 -0.39 19.46 -16.26
N ALA B 113 0.59 20.33 -16.49
CA ALA B 113 1.32 20.91 -15.37
C ALA B 113 0.41 21.73 -14.47
N LEU B 114 -0.51 22.49 -15.08
CA LEU B 114 -1.44 23.28 -14.28
C LEU B 114 -2.42 22.38 -13.55
N ILE B 115 -2.93 21.36 -14.25
CA ILE B 115 -3.90 20.46 -13.66
C ILE B 115 -3.29 19.66 -12.53
N GLU B 116 -1.98 19.36 -12.60
CA GLU B 116 -1.35 18.65 -11.51
C GLU B 116 -1.66 19.25 -10.15
N HIS B 117 -1.77 20.57 -10.09
CA HIS B 117 -1.93 21.22 -8.79
C HIS B 117 -3.30 20.92 -8.20
N ILE B 118 -4.34 20.91 -9.03
CA ILE B 118 -5.68 20.58 -8.56
C ILE B 118 -5.74 19.11 -8.18
N LEU B 119 -5.12 18.26 -9.00
CA LEU B 119 -5.09 16.83 -8.70
C LEU B 119 -4.36 16.57 -7.39
N GLY B 120 -3.35 17.36 -7.09
CA GLY B 120 -2.65 17.21 -5.82
C GLY B 120 -3.43 17.77 -4.64
N ALA B 121 -4.21 18.82 -4.86
CA ALA B 121 -4.87 19.49 -3.76
C ALA B 121 -6.20 18.85 -3.42
N ASN B 122 -6.90 18.29 -4.42
CA ASN B 122 -8.27 17.84 -4.22
C ASN B 122 -8.66 17.17 -5.52
N PRO B 123 -8.20 15.93 -5.75
CA PRO B 123 -8.35 15.39 -7.11
C PRO B 123 -9.79 15.32 -7.58
N ALA B 124 -10.75 15.05 -6.69
CA ALA B 124 -12.14 14.91 -7.13
C ALA B 124 -12.68 16.22 -7.68
N ALA B 125 -12.12 17.33 -7.24
CA ALA B 125 -12.53 18.63 -7.76
C ALA B 125 -12.24 18.76 -9.26
N TYR B 126 -11.11 18.23 -9.71
CA TYR B 126 -10.84 18.30 -11.14
C TYR B 126 -11.79 17.37 -11.90
N MET B 127 -12.06 16.21 -11.32
CA MET B 127 -12.94 15.26 -11.99
C MET B 127 -14.31 15.89 -12.23
N TYR B 128 -14.91 16.52 -11.19
CA TYR B 128 -16.17 17.23 -11.37
C TYR B 128 -16.07 18.31 -12.44
N ALA B 129 -14.89 18.87 -12.66
CA ALA B 129 -14.69 20.04 -13.51
C ALA B 129 -14.25 19.66 -14.92
N MET B 130 -14.40 18.40 -15.30
CA MET B 130 -14.01 17.94 -16.62
C MET B 130 -15.11 18.08 -17.70
N GLY B 131 -16.25 18.69 -17.37
CA GLY B 131 -17.32 18.90 -18.32
C GLY B 131 -16.89 19.63 -19.59
N PRO B 132 -16.24 20.78 -19.44
CA PRO B 132 -15.78 21.48 -20.66
C PRO B 132 -14.88 20.63 -21.52
N GLY B 133 -13.93 19.92 -20.91
CA GLY B 133 -13.09 19.01 -21.69
C GLY B 133 -13.91 18.00 -22.47
N MET B 134 -14.98 17.48 -21.86
CA MET B 134 -15.90 16.58 -22.56
C MET B 134 -16.69 17.32 -23.65
N SER B 135 -17.14 18.55 -23.36
CA SER B 135 -17.79 19.35 -24.41
C SER B 135 -16.92 19.40 -25.65
N GLU B 136 -15.60 19.58 -25.49
CA GLU B 136 -14.72 19.71 -26.65
C GLU B 136 -14.62 18.39 -27.41
N ILE B 137 -14.57 17.26 -26.70
CA ILE B 137 -14.55 15.97 -27.39
C ILE B 137 -15.87 15.73 -28.13
N PHE B 138 -17.00 15.94 -27.45
CA PHE B 138 -18.31 15.89 -28.10
C PHE B 138 -18.32 16.79 -29.33
N TYR B 139 -17.73 17.98 -29.22
CA TYR B 139 -17.71 18.89 -30.35
C TYR B 139 -16.92 18.29 -31.51
N ASN B 140 -15.70 17.86 -31.23
CA ASN B 140 -14.88 17.27 -32.27
C ASN B 140 -15.52 16.06 -32.95
N ASN B 141 -16.35 15.31 -32.22
CA ASN B 141 -17.02 14.13 -32.75
C ASN B 141 -18.44 14.37 -33.25
N GLY B 142 -18.99 15.55 -33.08
CA GLY B 142 -20.40 15.74 -33.31
C GLY B 142 -20.70 16.24 -34.70
N THR B 143 -21.98 16.16 -35.05
CA THR B 143 -22.49 16.86 -36.22
C THR B 143 -22.39 18.36 -35.99
N ASP B 144 -22.65 19.11 -37.08
CA ASP B 144 -22.71 20.57 -37.01
C ASP B 144 -23.72 21.02 -35.97
N GLU B 145 -24.86 20.33 -35.89
CA GLU B 145 -25.89 20.69 -34.93
C GLU B 145 -25.45 20.36 -33.52
N GLN B 146 -24.83 19.19 -33.32
CA GLN B 146 -24.31 18.80 -32.01
C GLN B 146 -23.19 19.73 -31.57
N LYS B 147 -22.40 20.23 -32.54
CA LYS B 147 -21.39 21.23 -32.23
C LYS B 147 -22.01 22.48 -31.60
N LYS B 148 -23.24 22.84 -31.99
CA LYS B 148 -23.93 23.95 -31.33
C LYS B 148 -24.25 23.60 -29.89
N TRP B 149 -24.70 22.36 -29.65
CA TRP B 149 -24.94 21.94 -28.27
C TRP B 149 -23.65 21.95 -27.48
N ALA B 150 -22.57 21.42 -28.08
CA ALA B 150 -21.29 21.35 -27.38
C ALA B 150 -20.82 22.74 -26.97
N THR B 151 -20.99 23.73 -27.88
CA THR B 151 -20.55 25.10 -27.60
C THR B 151 -21.35 25.69 -26.46
N ILE B 152 -22.67 25.44 -26.44
CA ILE B 152 -23.53 25.88 -25.33
C ILE B 152 -23.06 25.25 -24.02
N ALA B 153 -22.77 23.95 -24.06
CA ALA B 153 -22.42 23.23 -22.83
C ALA B 153 -21.13 23.76 -22.24
N ALA B 154 -20.17 24.12 -23.09
CA ALA B 154 -18.90 24.68 -22.63
C ALA B 154 -19.12 26.05 -22.02
N GLU B 155 -19.84 26.93 -22.71
CA GLU B 155 -20.09 28.26 -22.19
C GLU B 155 -20.83 28.22 -20.86
N ARG B 156 -21.76 27.30 -20.71
CA ARG B 156 -22.53 27.20 -19.47
C ARG B 156 -21.86 26.31 -18.43
N GLY B 157 -20.71 25.73 -18.76
CA GLY B 157 -19.97 24.96 -17.76
C GLY B 157 -20.69 23.73 -17.28
N TRP B 158 -21.47 23.11 -18.16
CA TRP B 158 -22.17 21.88 -17.81
C TRP B 158 -21.15 20.83 -17.37
N GLY B 159 -21.54 20.02 -16.39
CA GLY B 159 -20.76 18.85 -16.04
C GLY B 159 -20.93 17.74 -17.04
N ALA B 160 -20.22 16.63 -16.79
CA ALA B 160 -20.26 15.52 -17.73
C ALA B 160 -19.81 14.25 -17.05
N THR B 161 -20.27 13.14 -17.61
CA THR B 161 -19.86 11.80 -17.19
C THR B 161 -19.53 10.96 -18.41
N MET B 162 -18.78 9.88 -18.19
CA MET B 162 -18.53 8.85 -19.19
C MET B 162 -19.11 7.57 -18.64
N VAL B 163 -19.99 6.95 -19.41
CA VAL B 163 -20.88 5.89 -18.89
C VAL B 163 -20.65 4.62 -19.73
N LEU B 164 -19.76 3.76 -19.24
CA LEU B 164 -19.47 2.49 -19.89
C LEU B 164 -19.90 1.31 -19.03
N THR B 165 -19.52 1.35 -17.75
CA THR B 165 -19.45 0.15 -16.92
C THR B 165 -20.83 -0.32 -16.46
N GLU B 166 -21.04 -1.66 -16.55
CA GLU B 166 -22.18 -2.34 -15.97
C GLU B 166 -21.65 -3.37 -14.97
N PRO B 167 -22.52 -3.96 -14.15
CA PRO B 167 -22.02 -4.98 -13.21
C PRO B 167 -21.28 -6.11 -13.88
N ASP B 168 -21.73 -6.57 -15.04
CA ASP B 168 -21.07 -7.64 -15.76
C ASP B 168 -20.11 -7.17 -16.85
N ALA B 169 -19.90 -5.87 -17.01
CA ALA B 169 -19.08 -5.35 -18.10
C ALA B 169 -18.22 -4.22 -17.54
N GLY B 170 -17.07 -4.58 -16.95
CA GLY B 170 -16.09 -3.62 -16.48
C GLY B 170 -14.88 -3.56 -17.38
N SER B 171 -13.90 -4.42 -17.15
CA SER B 171 -12.80 -4.54 -18.09
C SER B 171 -13.31 -4.92 -19.47
N ASP B 172 -14.30 -5.83 -19.54
CA ASP B 172 -14.85 -6.32 -20.80
C ASP B 172 -16.02 -5.41 -21.17
N VAL B 173 -15.68 -4.24 -21.70
CA VAL B 173 -16.71 -3.25 -22.03
C VAL B 173 -17.69 -3.81 -23.03
N GLY B 174 -17.22 -4.68 -23.93
CA GLY B 174 -18.02 -5.24 -24.99
C GLY B 174 -19.14 -6.14 -24.52
N ALA B 175 -19.18 -6.49 -23.24
CA ALA B 175 -20.22 -7.33 -22.69
C ALA B 175 -21.43 -6.55 -22.18
N GLY B 176 -21.43 -5.22 -22.34
CA GLY B 176 -22.54 -4.42 -21.86
C GLY B 176 -23.84 -4.76 -22.54
N ARG B 177 -24.94 -4.74 -21.76
CA ARG B 177 -26.30 -5.03 -22.24
C ARG B 177 -27.20 -3.79 -22.39
N THR B 178 -26.81 -2.65 -21.87
CA THR B 178 -27.63 -1.46 -22.06
C THR B 178 -27.99 -1.26 -23.53
N LYS B 179 -29.28 -1.12 -23.81
CA LYS B 179 -29.75 -1.10 -25.19
C LYS B 179 -30.19 0.30 -25.62
N ALA B 180 -30.13 0.53 -26.94
CA ALA B 180 -30.60 1.76 -27.56
C ALA B 180 -31.72 1.44 -28.54
N VAL B 181 -32.86 2.12 -28.40
CA VAL B 181 -34.04 1.87 -29.21
C VAL B 181 -34.32 3.10 -30.08
N GLN B 182 -34.22 2.95 -31.39
CA GLN B 182 -34.34 4.10 -32.26
C GLN B 182 -35.79 4.55 -32.40
N GLN B 183 -35.99 5.83 -32.31
CA GLN B 183 -37.30 6.43 -32.47
C GLN B 183 -37.51 6.94 -33.89
N PRO B 184 -38.77 7.09 -34.31
CA PRO B 184 -39.03 7.60 -35.68
C PRO B 184 -38.32 8.92 -35.97
N ASP B 185 -38.25 9.82 -35.00
CA ASP B 185 -37.66 11.12 -35.24
C ASP B 185 -36.16 11.13 -35.20
N GLY B 186 -35.51 9.99 -35.00
CA GLY B 186 -34.07 9.95 -35.05
C GLY B 186 -33.37 9.90 -33.69
N THR B 187 -34.06 10.25 -32.63
CA THR B 187 -33.45 10.07 -31.32
C THR B 187 -33.43 8.58 -30.97
N TRP B 188 -32.87 8.28 -29.83
CA TRP B 188 -32.84 6.93 -29.28
C TRP B 188 -33.35 6.96 -27.84
N HIS B 189 -33.95 5.87 -27.42
CA HIS B 189 -34.31 5.64 -26.02
C HIS B 189 -33.36 4.62 -25.41
N ILE B 190 -32.67 5.04 -24.35
CA ILE B 190 -31.60 4.26 -23.76
C ILE B 190 -32.18 3.52 -22.56
N GLU B 191 -31.87 2.24 -22.46
CA GLU B 191 -32.47 1.40 -21.44
C GLU B 191 -31.42 0.47 -20.85
N GLY B 192 -31.11 0.69 -19.58
CA GLY B 192 -30.18 -0.18 -18.88
C GLY B 192 -29.72 0.44 -17.57
N VAL B 193 -28.93 -0.35 -16.85
CA VAL B 193 -28.40 0.09 -15.57
C VAL B 193 -26.89 0.03 -15.63
N LYS B 194 -26.26 1.19 -15.48
CA LYS B 194 -24.83 1.35 -15.46
C LYS B 194 -24.31 1.49 -14.01
N ARG B 195 -23.05 1.12 -13.82
CA ARG B 195 -22.47 1.01 -12.50
C ARG B 195 -21.17 1.81 -12.41
N PHE B 196 -20.92 2.31 -11.19
CA PHE B 196 -19.69 3.00 -10.81
C PHE B 196 -19.48 4.29 -11.57
N ILE B 197 -20.52 5.03 -11.91
CA ILE B 197 -20.38 6.24 -12.73
C ILE B 197 -19.96 7.42 -11.86
N THR B 198 -18.76 7.92 -12.11
CA THR B 198 -18.25 9.10 -11.45
C THR B 198 -18.98 10.37 -11.87
N SER B 199 -19.44 11.12 -10.87
CA SER B 199 -20.10 12.42 -10.99
C SER B 199 -21.49 12.32 -11.61
N ALA B 200 -22.11 11.13 -11.60
CA ALA B 200 -23.41 10.96 -12.23
C ALA B 200 -24.45 11.93 -11.65
N ASP B 201 -24.27 12.33 -10.39
CA ASP B 201 -24.94 13.51 -9.86
C ASP B 201 -23.91 14.31 -9.09
N SER B 202 -24.14 15.62 -8.99
CA SER B 202 -23.14 16.52 -8.42
C SER B 202 -23.81 17.70 -7.73
N ASP B 203 -24.91 17.45 -7.04
CA ASP B 203 -25.62 18.44 -6.23
C ASP B 203 -25.95 19.59 -7.20
N ASP B 204 -25.77 20.85 -6.86
CA ASP B 204 -26.14 22.01 -7.68
C ASP B 204 -24.90 22.68 -8.23
N LEU B 205 -23.82 21.93 -8.41
CA LEU B 205 -22.66 22.54 -9.04
C LEU B 205 -23.00 23.06 -10.43
N PHE B 206 -23.81 22.32 -11.20
CA PHE B 206 -24.05 22.66 -12.60
C PHE B 206 -25.55 22.73 -12.87
N GLU B 207 -25.89 23.38 -13.96
CA GLU B 207 -27.28 23.41 -14.37
C GLU B 207 -27.66 22.23 -15.23
N ASN B 208 -26.66 21.48 -15.72
CA ASN B 208 -26.90 20.27 -16.49
C ASN B 208 -25.69 19.36 -16.43
N ILE B 209 -25.92 18.09 -16.78
CA ILE B 209 -24.86 17.08 -16.89
C ILE B 209 -25.04 16.35 -18.22
N MET B 210 -23.98 16.27 -18.98
CA MET B 210 -24.00 15.52 -20.23
C MET B 210 -23.47 14.13 -19.95
N HIS B 211 -24.34 13.13 -20.04
CA HIS B 211 -23.91 11.75 -19.91
C HIS B 211 -23.59 11.23 -21.31
N LEU B 212 -22.32 10.84 -21.51
CA LEU B 212 -21.88 10.16 -22.72
C LEU B 212 -21.93 8.66 -22.49
N VAL B 213 -22.95 8.02 -23.05
CA VAL B 213 -23.32 6.65 -22.71
C VAL B 213 -23.05 5.68 -23.87
N LEU B 214 -22.31 4.60 -23.58
CA LEU B 214 -22.24 3.48 -24.50
C LEU B 214 -23.49 2.61 -24.34
N ALA B 215 -24.11 2.29 -25.46
CA ALA B 215 -25.27 1.40 -25.50
C ALA B 215 -25.26 0.67 -26.84
N ARG B 216 -25.91 -0.48 -26.86
CA ARG B 216 -25.92 -1.32 -28.05
C ARG B 216 -27.23 -1.12 -28.79
N PRO B 217 -27.24 -0.55 -29.99
CA PRO B 217 -28.50 -0.46 -30.74
C PRO B 217 -29.13 -1.83 -30.92
N GLU B 218 -30.46 -1.86 -30.83
CA GLU B 218 -31.18 -3.10 -31.08
C GLU B 218 -30.74 -3.69 -32.41
N GLY B 219 -30.40 -4.98 -32.38
CA GLY B 219 -29.95 -5.72 -33.54
C GLY B 219 -28.49 -5.54 -33.95
N ALA B 220 -27.72 -4.74 -33.24
CA ALA B 220 -26.32 -4.56 -33.54
C ALA B 220 -25.51 -5.77 -33.09
N GLY B 221 -24.33 -5.92 -33.68
CA GLY B 221 -23.47 -7.01 -33.38
C GLY B 221 -22.91 -6.96 -31.97
N PRO B 222 -22.12 -8.01 -31.61
CA PRO B 222 -21.66 -8.14 -30.22
C PRO B 222 -20.33 -7.46 -29.99
N GLY B 223 -19.87 -7.45 -28.74
CA GLY B 223 -18.57 -6.90 -28.47
C GLY B 223 -18.62 -5.39 -28.49
N THR B 224 -17.42 -4.81 -28.38
CA THR B 224 -17.31 -3.37 -28.42
C THR B 224 -17.61 -2.83 -29.82
N LYS B 225 -17.42 -3.64 -30.87
CA LYS B 225 -17.66 -3.12 -32.22
C LYS B 225 -19.13 -2.76 -32.43
N GLY B 226 -20.08 -3.48 -31.79
CA GLY B 226 -21.50 -3.19 -31.87
C GLY B 226 -22.03 -2.06 -31.01
N LEU B 227 -21.20 -1.43 -30.18
CA LEU B 227 -21.64 -0.37 -29.29
C LEU B 227 -21.59 0.99 -29.98
N SER B 228 -22.55 1.83 -29.61
CA SER B 228 -22.63 3.20 -30.08
C SER B 228 -22.62 4.14 -28.87
N LEU B 229 -22.31 5.40 -29.14
CA LEU B 229 -22.11 6.39 -28.08
C LEU B 229 -23.21 7.43 -28.22
N PHE B 230 -23.80 7.81 -27.09
CA PHE B 230 -24.98 8.66 -27.05
C PHE B 230 -24.83 9.82 -26.07
N PHE B 231 -25.23 11.01 -26.52
CA PHE B 231 -25.39 12.18 -25.67
C PHE B 231 -26.73 12.10 -24.94
N VAL B 232 -26.67 11.95 -23.63
CA VAL B 232 -27.87 11.78 -22.80
C VAL B 232 -27.84 12.84 -21.71
N PRO B 233 -28.48 13.99 -21.94
CA PRO B 233 -28.42 15.06 -20.94
C PRO B 233 -29.33 14.77 -19.76
N LYS B 234 -28.84 15.17 -18.59
CA LYS B 234 -29.66 15.01 -17.40
C LYS B 234 -30.95 15.77 -17.56
N PHE B 235 -30.88 16.96 -18.14
CA PHE B 235 -32.05 17.78 -18.43
C PHE B 235 -32.12 17.97 -19.94
N HIS B 236 -33.29 17.75 -20.54
CA HIS B 236 -33.57 18.33 -21.85
C HIS B 236 -33.35 19.84 -21.81
N PHE B 237 -32.99 20.43 -22.94
CA PHE B 237 -32.66 21.84 -23.00
C PHE B 237 -33.02 22.34 -24.38
N ASP B 238 -33.27 23.64 -24.46
CA ASP B 238 -33.52 24.30 -25.72
C ASP B 238 -32.27 24.24 -26.57
N HIS B 239 -32.38 23.57 -27.72
CA HIS B 239 -31.22 23.36 -28.56
C HIS B 239 -30.71 24.66 -29.17
N GLU B 240 -31.47 25.74 -29.08
CA GLU B 240 -30.98 27.00 -29.62
C GLU B 240 -30.33 27.86 -28.55
N THR B 241 -31.03 28.08 -27.44
CA THR B 241 -30.58 28.99 -26.39
C THR B 241 -29.87 28.31 -25.22
N GLY B 242 -30.03 27.01 -25.05
CA GLY B 242 -29.46 26.36 -23.92
C GLY B 242 -30.36 26.30 -22.71
N GLU B 243 -31.51 26.95 -22.75
CA GLU B 243 -32.37 27.00 -21.60
C GLU B 243 -32.74 25.60 -21.15
N ILE B 244 -32.66 25.38 -19.83
CA ILE B 244 -32.93 24.06 -19.27
C ILE B 244 -34.42 23.77 -19.35
N GLY B 245 -34.75 22.55 -19.76
CA GLY B 245 -36.13 22.12 -19.74
C GLY B 245 -36.45 20.96 -18.82
N GLU B 246 -37.37 20.08 -19.20
CA GLU B 246 -37.84 18.99 -18.34
C GLU B 246 -36.75 17.93 -18.11
N ARG B 247 -36.73 17.32 -16.93
CA ARG B 247 -35.80 16.24 -16.59
C ARG B 247 -35.92 15.06 -17.55
N ASN B 248 -34.77 14.60 -18.06
CA ASN B 248 -34.62 13.41 -18.87
C ASN B 248 -34.52 12.21 -17.95
N GLY B 249 -34.76 11.05 -18.52
CA GLY B 249 -35.00 9.83 -17.78
C GLY B 249 -33.78 9.04 -17.41
N VAL B 250 -32.83 9.71 -16.77
CA VAL B 250 -31.56 9.12 -16.39
C VAL B 250 -31.36 9.54 -14.92
N PHE B 251 -31.41 8.56 -14.02
CA PHE B 251 -31.46 8.86 -12.59
C PHE B 251 -30.44 8.01 -11.85
N VAL B 252 -29.74 8.64 -10.90
CA VAL B 252 -28.86 7.93 -9.99
C VAL B 252 -29.72 7.18 -8.99
N THR B 253 -29.47 5.88 -8.85
CA THR B 253 -30.16 5.02 -7.93
C THR B 253 -29.28 4.45 -6.81
N ASN B 254 -27.99 4.79 -6.77
CA ASN B 254 -27.11 4.34 -5.71
C ASN B 254 -25.81 5.12 -5.77
N VAL B 255 -25.17 5.27 -4.61
CA VAL B 255 -23.89 5.96 -4.48
C VAL B 255 -23.05 5.10 -3.56
N GLU B 256 -21.88 4.69 -4.03
CA GLU B 256 -21.06 3.72 -3.31
C GLU B 256 -20.34 4.33 -2.11
N HIS B 257 -20.05 3.45 -1.13
CA HIS B 257 -19.19 3.76 0.02
C HIS B 257 -17.79 3.19 -0.28
N LYS B 258 -16.83 4.09 -0.49
CA LYS B 258 -15.52 3.75 -1.02
C LYS B 258 -14.42 3.91 0.02
N MET B 259 -13.30 3.22 -0.23
CA MET B 259 -12.10 3.34 0.62
C MET B 259 -11.60 4.79 0.70
N GLY B 260 -11.57 5.47 -0.45
CA GLY B 260 -11.12 6.83 -0.59
C GLY B 260 -11.80 7.54 -1.72
N LEU B 261 -11.27 8.72 -2.08
CA LEU B 261 -11.90 9.56 -3.08
C LEU B 261 -13.39 9.70 -2.77
N LYS B 262 -13.67 9.91 -1.47
CA LYS B 262 -15.05 9.79 -1.01
C LYS B 262 -15.92 10.90 -1.56
N VAL B 263 -15.39 12.12 -1.69
CA VAL B 263 -16.22 13.25 -2.12
C VAL B 263 -16.63 13.14 -3.58
N SER B 264 -16.07 12.18 -4.35
CA SER B 264 -16.48 11.92 -5.74
C SER B 264 -17.64 10.91 -5.78
N ALA B 265 -18.84 11.40 -6.10
CA ALA B 265 -19.99 10.52 -6.09
C ALA B 265 -19.88 9.48 -7.21
N THR B 266 -19.80 8.22 -6.83
CA THR B 266 -19.64 7.09 -7.73
C THR B 266 -20.96 6.34 -7.69
N CYS B 267 -21.64 6.29 -8.83
CA CYS B 267 -23.08 6.07 -8.82
C CYS B 267 -23.54 4.96 -9.75
N GLU B 268 -24.59 4.29 -9.30
CA GLU B 268 -25.39 3.44 -10.17
C GLU B 268 -26.34 4.33 -10.96
N LEU B 269 -26.36 4.20 -12.28
CA LEU B 269 -27.11 5.12 -13.14
C LEU B 269 -28.17 4.34 -13.94
N SER B 270 -29.44 4.63 -13.66
CA SER B 270 -30.54 3.88 -14.26
C SER B 270 -31.13 4.71 -15.39
N LEU B 271 -31.15 4.13 -16.57
CA LEU B 271 -31.59 4.80 -17.77
C LEU B 271 -32.89 4.18 -18.21
N GLY B 272 -33.95 4.97 -18.26
CA GLY B 272 -35.23 4.51 -18.76
C GLY B 272 -35.90 3.49 -17.90
N GLN B 273 -35.61 3.48 -16.60
CA GLN B 273 -36.19 2.50 -15.70
C GLN B 273 -37.27 3.06 -14.79
N HIS B 274 -37.49 4.37 -14.79
CA HIS B 274 -38.47 5.02 -13.92
C HIS B 274 -39.66 5.59 -14.68
N GLY B 275 -40.07 4.93 -15.77
CA GLY B 275 -41.22 5.37 -16.52
C GLY B 275 -41.03 6.63 -17.36
N ILE B 276 -39.83 7.18 -17.42
CA ILE B 276 -39.48 8.33 -18.26
C ILE B 276 -38.39 7.93 -19.14
N PRO B 277 -38.50 8.10 -20.48
CA PRO B 277 -37.45 7.63 -21.38
C PRO B 277 -36.17 8.43 -21.17
N ALA B 278 -35.05 7.75 -21.31
CA ALA B 278 -33.74 8.38 -21.36
C ALA B 278 -33.44 8.66 -22.83
N VAL B 279 -33.78 9.87 -23.29
CA VAL B 279 -33.55 10.19 -24.68
C VAL B 279 -32.05 10.38 -24.91
N GLY B 280 -31.52 9.74 -25.94
CA GLY B 280 -30.12 9.91 -26.31
C GLY B 280 -29.99 10.24 -27.78
N TRP B 281 -28.95 10.98 -28.11
CA TRP B 281 -28.62 11.42 -29.45
C TRP B 281 -27.34 10.72 -29.88
N LEU B 282 -27.40 10.03 -31.00
CA LEU B 282 -26.24 9.32 -31.50
C LEU B 282 -25.14 10.31 -31.85
N VAL B 283 -24.03 10.21 -31.12
CA VAL B 283 -22.92 11.16 -31.30
C VAL B 283 -22.39 11.07 -32.71
N GLY B 284 -22.40 12.22 -33.41
CA GLY B 284 -21.95 12.33 -34.78
C GLY B 284 -22.89 11.64 -35.73
N GLU B 285 -24.00 11.15 -35.22
CA GLU B 285 -24.99 10.44 -36.05
C GLU B 285 -24.34 9.33 -36.86
N VAL B 286 -23.29 8.74 -36.30
CA VAL B 286 -22.65 7.56 -36.86
C VAL B 286 -22.56 6.52 -35.77
N HIS B 287 -22.33 5.28 -36.18
CA HIS B 287 -22.22 4.16 -35.24
C HIS B 287 -20.73 3.82 -35.14
N ASN B 288 -20.07 4.32 -34.08
CA ASN B 288 -18.62 4.21 -33.87
C ASN B 288 -18.25 4.43 -32.39
N GLY B 289 -19.01 3.79 -31.49
CA GLY B 289 -19.02 4.21 -30.09
C GLY B 289 -17.70 3.97 -29.39
N ILE B 290 -17.10 2.78 -29.56
CA ILE B 290 -15.91 2.48 -28.76
C ILE B 290 -14.76 3.39 -29.19
N ALA B 291 -14.63 3.63 -30.48
CA ALA B 291 -13.60 4.55 -30.94
C ALA B 291 -13.81 5.97 -30.41
N GLN B 292 -15.05 6.47 -30.49
CA GLN B 292 -15.36 7.81 -29.99
C GLN B 292 -15.09 7.89 -28.49
N MET B 293 -15.54 6.89 -27.75
CA MET B 293 -15.35 6.93 -26.31
C MET B 293 -13.87 6.84 -25.92
N PHE B 294 -13.04 6.22 -26.76
CA PHE B 294 -11.61 6.16 -26.42
C PHE B 294 -10.93 7.51 -26.48
N ASP B 295 -11.47 8.47 -27.24
CA ASP B 295 -11.02 9.85 -27.08
C ASP B 295 -11.13 10.29 -25.64
N VAL B 296 -12.20 9.85 -24.98
CA VAL B 296 -12.46 10.19 -23.60
C VAL B 296 -11.62 9.33 -22.69
N ILE B 297 -11.49 8.04 -23.02
CA ILE B 297 -10.71 7.15 -22.19
C ILE B 297 -9.25 7.58 -22.18
N GLU B 298 -8.76 8.10 -23.30
CA GLU B 298 -7.37 8.53 -23.32
C GLU B 298 -7.15 9.69 -22.36
N GLN B 299 -8.07 10.66 -22.36
CA GLN B 299 -7.97 11.77 -21.41
C GLN B 299 -8.02 11.27 -19.98
N ALA B 300 -8.97 10.38 -19.68
CA ALA B 300 -9.12 9.83 -18.34
C ALA B 300 -7.84 9.14 -17.88
N ARG B 301 -7.25 8.33 -18.75
CA ARG B 301 -6.08 7.56 -18.35
C ARG B 301 -4.93 8.51 -18.08
N MET B 302 -4.83 9.58 -18.88
CA MET B 302 -3.78 10.55 -18.66
C MET B 302 -3.97 11.23 -17.33
N MET B 303 -5.23 11.62 -17.02
CA MET B 303 -5.59 12.29 -15.76
C MET B 303 -5.31 11.41 -14.53
N VAL B 304 -5.65 10.11 -14.59
CA VAL B 304 -5.46 9.24 -13.43
C VAL B 304 -3.98 9.09 -13.11
N GLY B 305 -3.16 8.87 -14.14
CA GLY B 305 -1.72 8.84 -13.91
C GLY B 305 -1.23 10.13 -13.30
N THR B 306 -1.57 11.26 -13.92
CA THR B 306 -1.15 12.56 -13.39
C THR B 306 -1.68 12.73 -11.98
N LYS B 307 -2.87 12.20 -11.69
CA LYS B 307 -3.39 12.26 -10.33
C LYS B 307 -2.51 11.51 -9.37
N ALA B 308 -2.20 10.25 -9.69
CA ALA B 308 -1.36 9.45 -8.82
C ALA B 308 -0.04 10.16 -8.57
N ILE B 309 0.51 10.80 -9.61
CA ILE B 309 1.84 11.37 -9.50
C ILE B 309 1.78 12.63 -8.66
N ALA B 310 0.74 13.43 -8.85
CA ALA B 310 0.57 14.63 -8.06
C ALA B 310 0.46 14.26 -6.60
N THR B 311 -0.19 13.14 -6.30
CA THR B 311 -0.41 12.79 -4.91
C THR B 311 0.87 12.33 -4.25
N LEU B 312 1.68 11.53 -4.98
CA LEU B 312 2.99 11.14 -4.46
C LEU B 312 3.89 12.35 -4.23
N SER B 313 3.92 13.30 -5.16
CA SER B 313 4.71 14.52 -4.94
C SER B 313 4.35 15.23 -3.63
N THR B 314 3.07 15.50 -3.39
CA THR B 314 2.76 16.16 -2.14
C THR B 314 2.94 15.20 -0.97
N GLY B 315 2.82 13.91 -1.21
CA GLY B 315 3.14 12.97 -0.16
C GLY B 315 4.59 13.07 0.25
N TYR B 316 5.49 13.14 -0.73
CA TYR B 316 6.92 13.25 -0.45
C TYR B 316 7.22 14.55 0.28
N LEU B 317 6.63 15.66 -0.20
CA LEU B 317 7.02 16.95 0.35
C LEU B 317 6.53 17.09 1.77
N ASN B 318 5.38 16.51 2.08
CA ASN B 318 4.93 16.42 3.46
C ASN B 318 5.89 15.60 4.29
N ALA B 319 6.28 14.41 3.80
CA ALA B 319 7.25 13.61 4.54
C ALA B 319 8.57 14.33 4.73
N LEU B 320 9.01 15.11 3.72
CA LEU B 320 10.29 15.79 3.84
C LEU B 320 10.24 16.86 4.92
N GLU B 321 9.18 17.64 4.94
CA GLU B 321 9.02 18.73 5.92
C GLU B 321 8.98 18.14 7.33
N TYR B 322 8.30 17.02 7.52
CA TYR B 322 8.24 16.35 8.82
C TYR B 322 9.63 15.89 9.23
N ALA B 323 10.29 15.17 8.34
CA ALA B 323 11.60 14.63 8.64
C ALA B 323 12.58 15.73 9.05
N LYS B 324 12.43 16.91 8.46
CA LYS B 324 13.39 18.00 8.71
C LYS B 324 13.27 18.53 10.13
N GLU B 325 12.09 18.43 10.72
CA GLU B 325 11.86 18.98 12.03
C GLU B 325 11.82 17.93 13.14
N ARG B 326 11.69 16.67 12.81
CA ARG B 326 11.49 15.59 13.78
C ARG B 326 12.83 15.18 14.40
N VAL B 327 13.03 15.40 15.69
CA VAL B 327 14.24 14.97 16.38
C VAL B 327 13.96 13.60 16.95
N GLN B 328 14.82 12.62 16.63
CA GLN B 328 14.70 11.31 17.25
C GLN B 328 16.03 10.60 17.06
N GLY B 329 16.73 10.36 18.13
CA GLY B 329 17.88 9.49 18.11
C GLY B 329 19.18 10.24 17.89
N ALA B 330 20.26 9.47 17.96
CA ALA B 330 21.61 9.98 17.75
C ALA B 330 22.06 9.62 16.34
N ASP B 331 23.01 10.38 15.82
CA ASP B 331 23.68 9.97 14.60
C ASP B 331 24.22 8.54 14.75
N MET B 332 24.14 7.77 13.67
CA MET B 332 24.62 6.40 13.72
C MET B 332 26.11 6.33 14.04
N THR B 333 26.86 7.40 13.73
CA THR B 333 28.29 7.36 14.04
C THR B 333 28.50 7.43 15.53
N GLN B 334 27.44 7.73 16.28
CA GLN B 334 27.50 7.85 17.73
C GLN B 334 26.47 6.98 18.44
N MET B 335 25.97 5.94 17.76
CA MET B 335 24.86 5.16 18.29
C MET B 335 25.25 4.46 19.59
N THR B 336 26.55 4.21 19.80
CA THR B 336 26.97 3.53 21.02
C THR B 336 27.00 4.48 22.22
N ASP B 337 27.35 5.75 21.99
CA ASP B 337 27.36 6.78 23.03
C ASP B 337 25.93 7.27 23.25
N LYS B 338 25.36 6.92 24.40
CA LYS B 338 23.96 7.18 24.66
C LYS B 338 23.73 8.46 25.44
N THR B 339 24.73 9.35 25.48
CA THR B 339 24.56 10.76 25.81
C THR B 339 24.83 11.67 24.61
N ALA B 340 25.02 11.10 23.41
CA ALA B 340 25.26 11.90 22.23
C ALA B 340 24.08 12.80 21.92
N PRO B 341 24.32 13.91 21.24
CA PRO B 341 23.19 14.78 20.84
C PRO B 341 22.13 14.03 20.02
N ARG B 342 20.87 14.33 20.33
CA ARG B 342 19.78 13.95 19.44
C ARG B 342 19.84 14.72 18.11
N VAL B 343 19.41 14.07 17.04
CA VAL B 343 19.51 14.68 15.73
C VAL B 343 18.14 14.58 15.07
N THR B 344 17.89 15.49 14.14
CA THR B 344 16.74 15.36 13.25
C THR B 344 16.91 14.13 12.38
N ILE B 345 15.78 13.52 12.04
CA ILE B 345 15.78 12.20 11.45
C ILE B 345 16.30 12.18 10.03
N THR B 346 16.44 13.34 9.35
CA THR B 346 17.08 13.33 8.05
C THR B 346 18.55 12.92 8.13
N HIS B 347 19.12 12.85 9.34
CA HIS B 347 20.47 12.36 9.54
C HIS B 347 20.57 10.85 9.46
N HIS B 348 19.47 10.15 9.62
CA HIS B 348 19.49 8.70 9.67
C HIS B 348 19.53 8.12 8.27
N PRO B 349 20.39 7.13 8.00
CA PRO B 349 20.46 6.64 6.62
C PRO B 349 19.15 6.09 6.10
N ASP B 350 18.40 5.32 6.88
CA ASP B 350 17.20 4.73 6.32
C ASP B 350 16.21 5.81 5.92
N VAL B 351 16.12 6.87 6.72
CA VAL B 351 15.25 7.98 6.37
C VAL B 351 15.71 8.66 5.09
N ARG B 352 17.03 8.79 4.90
CA ARG B 352 17.57 9.38 3.68
C ARG B 352 17.37 8.46 2.48
N ARG B 353 17.57 7.16 2.67
CA ARG B 353 17.22 6.20 1.64
C ARG B 353 15.77 6.37 1.21
N SER B 354 14.89 6.54 2.21
CA SER B 354 13.45 6.59 1.95
C SER B 354 13.07 7.88 1.25
N LEU B 355 13.64 8.99 1.72
CA LEU B 355 13.34 10.29 1.12
C LEU B 355 13.85 10.36 -0.30
N MET B 356 15.03 9.81 -0.55
CA MET B 356 15.56 9.83 -1.91
C MET B 356 14.79 8.88 -2.85
N THR B 357 14.26 7.79 -2.31
CA THR B 357 13.35 6.94 -3.06
C THR B 357 12.07 7.68 -3.42
N GLN B 358 11.46 8.34 -2.45
CA GLN B 358 10.27 9.12 -2.74
C GLN B 358 10.55 10.21 -3.78
N LYS B 359 11.67 10.93 -3.61
CA LYS B 359 12.00 12.04 -4.50
C LYS B 359 12.29 11.54 -5.91
N ALA B 360 13.18 10.56 -6.08
CA ALA B 360 13.52 10.13 -7.43
C ALA B 360 12.29 9.63 -8.20
N TYR B 361 11.42 8.85 -7.55
CA TYR B 361 10.22 8.38 -8.24
C TYR B 361 9.22 9.52 -8.48
N ALA B 362 9.07 10.43 -7.52
CA ALA B 362 8.13 11.54 -7.74
C ALA B 362 8.59 12.41 -8.90
N GLU B 363 9.85 12.81 -8.88
CA GLU B 363 10.36 13.66 -9.92
C GLU B 363 10.51 12.91 -11.24
N GLY B 364 10.82 11.61 -11.20
CA GLY B 364 10.89 10.84 -12.43
C GLY B 364 9.53 10.64 -13.07
N LEU B 365 8.51 10.48 -12.24
CA LEU B 365 7.16 10.40 -12.77
C LEU B 365 6.68 11.74 -13.31
N ARG B 366 6.97 12.84 -12.61
CA ARG B 366 6.64 14.13 -13.21
C ARG B 366 7.28 14.30 -14.58
N ALA B 367 8.55 13.91 -14.72
CA ALA B 367 9.16 13.97 -16.04
C ALA B 367 8.42 13.10 -17.05
N ILE B 368 7.96 11.93 -16.64
CA ILE B 368 7.33 11.01 -17.59
C ILE B 368 6.02 11.60 -18.13
N TYR B 369 5.17 12.12 -17.26
CA TYR B 369 3.88 12.62 -17.77
C TYR B 369 4.08 13.90 -18.58
N LEU B 370 5.06 14.73 -18.22
CA LEU B 370 5.32 15.92 -19.03
C LEU B 370 5.98 15.55 -20.34
N TYR B 371 6.95 14.65 -20.31
CA TYR B 371 7.47 14.10 -21.56
C TYR B 371 6.33 13.59 -22.45
N THR B 372 5.46 12.74 -21.88
CA THR B 372 4.35 12.20 -22.65
C THR B 372 3.54 13.33 -23.27
N ALA B 373 3.36 14.41 -22.50
CA ALA B 373 2.52 15.50 -22.96
C ALA B 373 3.15 16.28 -24.12
N THR B 374 4.49 16.23 -24.24
CA THR B 374 5.14 16.92 -25.34
C THR B 374 4.92 16.25 -26.68
N PHE B 375 4.38 15.03 -26.71
CA PHE B 375 3.95 14.38 -27.94
C PHE B 375 2.45 14.51 -28.21
N GLN B 376 1.73 15.29 -27.39
CA GLN B 376 0.29 15.44 -27.53
C GLN B 376 -0.11 16.62 -28.39
N ASP B 377 0.83 17.47 -28.77
CA ASP B 377 0.62 18.49 -29.81
C ASP B 377 1.61 18.19 -30.92
N ALA B 378 1.12 18.19 -32.18
CA ALA B 378 2.01 17.99 -33.31
C ALA B 378 3.05 19.09 -33.35
N GLU B 379 2.67 20.30 -32.99
CA GLU B 379 3.58 21.43 -33.07
C GLU B 379 4.64 21.44 -31.98
N VAL B 380 4.35 20.89 -30.81
CA VAL B 380 5.38 20.76 -29.77
C VAL B 380 6.29 19.58 -30.07
N ALA B 381 5.71 18.50 -30.58
CA ALA B 381 6.50 17.34 -30.95
C ALA B 381 7.52 17.68 -32.03
N GLN B 382 7.11 18.55 -32.98
CA GLN B 382 8.01 18.98 -34.03
C GLN B 382 9.12 19.87 -33.47
N ALA B 383 8.76 20.80 -32.62
CA ALA B 383 9.73 21.78 -32.17
C ALA B 383 10.69 21.18 -31.14
N VAL B 384 10.18 20.35 -30.22
CA VAL B 384 11.06 19.84 -29.17
C VAL B 384 11.67 18.48 -29.48
N HIS B 385 11.10 17.71 -30.39
CA HIS B 385 11.61 16.38 -30.70
C HIS B 385 11.95 16.14 -32.16
N GLY B 386 11.48 16.98 -33.08
CA GLY B 386 11.78 16.72 -34.46
C GLY B 386 10.98 15.60 -35.06
N VAL B 387 9.80 15.33 -34.50
CA VAL B 387 8.97 14.19 -34.87
C VAL B 387 7.72 14.73 -35.55
N ASP B 388 7.26 14.03 -36.57
CA ASP B 388 6.07 14.44 -37.30
C ASP B 388 4.82 13.99 -36.54
N GLY B 389 3.67 14.35 -37.08
CA GLY B 389 2.45 14.16 -36.32
C GLY B 389 2.12 12.69 -36.11
N ASP B 390 2.38 11.85 -37.12
CA ASP B 390 1.96 10.45 -37.04
C ASP B 390 2.74 9.71 -35.97
N LEU B 391 4.07 9.88 -35.95
CA LEU B 391 4.89 9.27 -34.91
C LEU B 391 4.60 9.84 -33.53
N ALA B 392 4.31 11.14 -33.44
CA ALA B 392 3.97 11.77 -32.17
C ALA B 392 2.73 11.14 -31.55
N ALA B 393 1.68 10.91 -32.36
CA ALA B 393 0.48 10.26 -31.83
C ALA B 393 0.76 8.83 -31.37
N ARG B 394 1.60 8.11 -32.10
CA ARG B 394 1.90 6.75 -31.70
C ARG B 394 2.74 6.71 -30.44
N VAL B 395 3.67 7.66 -30.30
CA VAL B 395 4.50 7.69 -29.10
C VAL B 395 3.63 8.03 -27.90
N ASN B 396 2.76 9.00 -28.05
CA ASN B 396 1.82 9.30 -26.99
C ASN B 396 0.98 8.09 -26.66
N ASP B 397 0.47 7.39 -27.68
CA ASP B 397 -0.30 6.19 -27.41
C ASP B 397 0.53 5.15 -26.69
N LEU B 398 1.83 5.12 -26.97
CA LEU B 398 2.69 4.16 -26.28
C LEU B 398 2.82 4.52 -24.80
N LEU B 399 2.95 5.80 -24.49
CA LEU B 399 3.29 6.24 -23.15
C LEU B 399 2.07 6.33 -22.23
N LEU B 400 0.86 6.40 -22.76
CA LEU B 400 -0.30 6.53 -21.90
C LEU B 400 -0.42 5.39 -20.90
N PRO B 401 -0.35 4.12 -21.29
CA PRO B 401 -0.43 3.06 -20.27
C PRO B 401 0.71 3.09 -19.25
N ILE B 402 1.82 3.75 -19.56
CA ILE B 402 2.84 3.90 -18.52
C ILE B 402 2.47 5.00 -17.56
N VAL B 403 2.07 6.15 -18.08
CA VAL B 403 1.60 7.21 -17.21
C VAL B 403 0.55 6.64 -16.27
N LYS B 404 -0.45 5.94 -16.84
CA LYS B 404 -1.54 5.43 -16.02
C LYS B 404 -1.09 4.23 -15.18
N GLY B 405 -0.66 3.17 -15.82
CA GLY B 405 -0.31 1.93 -15.16
C GLY B 405 0.87 2.03 -14.23
N PHE B 406 2.04 2.43 -14.75
CA PHE B 406 3.23 2.64 -13.93
C PHE B 406 3.05 3.82 -12.97
N GLY B 407 2.38 4.88 -13.38
CA GLY B 407 2.21 5.97 -12.44
C GLY B 407 1.36 5.58 -11.25
N SER B 408 0.21 4.98 -11.52
CA SER B 408 -0.69 4.62 -10.43
C SER B 408 -0.02 3.66 -9.46
N GLU B 409 0.65 2.62 -9.98
CA GLU B 409 1.19 1.60 -9.10
C GLU B 409 2.36 2.15 -8.29
N THR B 410 3.19 2.98 -8.91
CA THR B 410 4.38 3.47 -8.22
C THR B 410 3.97 4.44 -7.13
N ALA B 411 3.03 5.34 -7.44
CA ALA B 411 2.69 6.40 -6.50
C ALA B 411 2.22 5.79 -5.21
N TYR B 412 1.26 4.84 -5.33
CA TYR B 412 0.70 4.13 -4.19
C TYR B 412 1.79 3.40 -3.40
N ALA B 413 2.67 2.69 -4.09
CA ALA B 413 3.71 1.93 -3.41
C ALA B 413 4.63 2.85 -2.65
N LYS B 414 5.11 3.91 -3.31
CA LYS B 414 6.06 4.81 -2.65
C LYS B 414 5.41 5.67 -1.57
N LEU B 415 4.11 5.95 -1.68
CA LEU B 415 3.47 6.66 -0.58
C LEU B 415 3.63 5.91 0.72
N THR B 416 3.80 4.57 0.66
CA THR B 416 4.12 3.78 1.85
C THR B 416 5.34 4.35 2.55
N GLU B 417 6.36 4.76 1.78
CA GLU B 417 7.56 5.37 2.36
C GLU B 417 7.28 6.73 2.98
N SER B 418 6.48 7.55 2.30
CA SER B 418 6.11 8.82 2.89
C SER B 418 5.50 8.61 4.26
N LEU B 419 4.60 7.63 4.38
CA LEU B 419 3.89 7.45 5.64
C LEU B 419 4.84 6.97 6.70
N GLN B 420 5.72 6.02 6.32
CA GLN B 420 6.72 5.47 7.23
C GLN B 420 7.64 6.58 7.80
N THR B 421 7.90 7.62 7.03
CA THR B 421 8.81 8.68 7.45
C THR B 421 8.25 9.41 8.65
N LEU B 422 6.93 9.45 8.76
CA LEU B 422 6.26 10.08 9.88
C LEU B 422 6.20 9.19 11.11
N GLY B 423 6.67 7.95 11.03
CA GLY B 423 6.52 7.05 12.15
C GLY B 423 5.07 6.87 12.52
N GLY B 424 4.80 6.77 13.82
CA GLY B 424 3.48 6.41 14.23
C GLY B 424 2.48 7.48 13.86
N SER B 425 2.93 8.74 13.85
CA SER B 425 2.06 9.85 13.48
C SER B 425 1.57 9.72 12.04
N GLY B 426 2.30 8.95 11.21
CA GLY B 426 1.88 8.72 9.84
C GLY B 426 0.55 8.03 9.73
N PHE B 427 0.19 7.23 10.75
CA PHE B 427 -1.06 6.47 10.85
C PHE B 427 -2.23 7.32 11.29
N LEU B 428 -1.98 8.57 11.70
CA LEU B 428 -3.06 9.42 12.16
C LEU B 428 -3.69 10.21 11.01
N GLN B 429 -5.00 10.47 11.12
CA GLN B 429 -5.68 11.33 10.17
C GLN B 429 -5.27 12.78 10.30
N ASP B 430 -4.68 13.18 11.42
CA ASP B 430 -4.16 14.54 11.56
C ASP B 430 -3.21 14.92 10.44
N TYR B 431 -2.67 13.92 9.73
CA TYR B 431 -1.70 14.14 8.66
C TYR B 431 -2.28 13.58 7.38
N PRO B 432 -1.89 14.12 6.23
CA PRO B 432 -2.67 13.89 5.00
C PRO B 432 -2.32 12.58 4.30
N ILE B 433 -1.25 11.92 4.72
CA ILE B 433 -0.67 10.85 3.91
C ILE B 433 -1.61 9.65 3.88
N GLU B 434 -2.23 9.29 5.00
CA GLU B 434 -3.12 8.13 4.98
C GLU B 434 -4.31 8.35 4.04
N GLN B 435 -4.82 9.57 3.92
CA GLN B 435 -5.80 9.88 2.90
C GLN B 435 -5.19 9.81 1.51
N TYR B 436 -3.96 10.31 1.33
CA TYR B 436 -3.28 10.13 0.03
C TYR B 436 -3.33 8.66 -0.42
N ILE B 437 -3.01 7.77 0.51
CA ILE B 437 -2.96 6.34 0.22
C ILE B 437 -4.34 5.88 -0.19
N ARG B 438 -5.36 6.25 0.60
CA ARG B 438 -6.71 5.79 0.34
C ARG B 438 -7.26 6.39 -0.93
N ASP B 439 -7.03 7.69 -1.16
CA ASP B 439 -7.54 8.32 -2.37
C ASP B 439 -6.85 7.77 -3.61
N SER B 440 -5.61 7.28 -3.47
CA SER B 440 -4.85 6.91 -4.66
C SER B 440 -4.92 5.43 -4.97
N LYS B 441 -5.41 4.59 -4.05
CA LYS B 441 -5.50 3.15 -4.33
C LYS B 441 -6.37 2.88 -5.58
N ILE B 442 -7.39 3.70 -5.81
CA ILE B 442 -8.27 3.48 -6.94
C ILE B 442 -7.58 3.67 -8.26
N ASP B 443 -6.51 4.47 -8.34
CA ASP B 443 -5.87 4.79 -9.62
C ASP B 443 -5.34 3.55 -10.35
N SER B 444 -5.05 2.49 -9.63
CA SER B 444 -4.71 1.24 -10.30
C SER B 444 -5.91 0.47 -10.86
N LEU B 445 -7.14 0.96 -10.68
CA LEU B 445 -8.37 0.25 -11.02
C LEU B 445 -9.24 0.97 -12.05
N TYR B 446 -9.77 2.17 -11.77
CA TYR B 446 -10.62 2.88 -12.74
C TYR B 446 -9.77 3.30 -13.93
N ALA B 447 -10.40 3.67 -15.03
CA ALA B 447 -9.82 3.93 -16.35
C ALA B 447 -9.06 2.74 -16.92
N GLY B 448 -9.42 1.53 -16.49
CA GLY B 448 -8.78 0.31 -16.90
C GLY B 448 -7.66 -0.12 -15.99
N THR B 449 -7.72 -1.37 -15.53
CA THR B 449 -6.82 -1.85 -14.49
C THR B 449 -5.42 -2.01 -15.06
N THR B 450 -4.46 -2.13 -14.13
CA THR B 450 -3.05 -2.27 -14.49
C THR B 450 -2.83 -3.42 -15.47
N ALA B 451 -3.47 -4.57 -15.25
CA ALA B 451 -3.32 -5.68 -16.18
C ALA B 451 -3.82 -5.29 -17.57
N ILE B 452 -4.96 -4.59 -17.65
CA ILE B 452 -5.48 -4.06 -18.92
C ILE B 452 -4.52 -3.04 -19.50
N GLN B 453 -3.91 -2.22 -18.63
CA GLN B 453 -2.88 -1.29 -19.11
C GLN B 453 -1.74 -2.06 -19.79
N ALA B 454 -1.20 -3.07 -19.10
CA ALA B 454 -0.07 -3.80 -19.64
C ALA B 454 -0.43 -4.56 -20.92
N GLN B 455 -1.66 -5.09 -21.01
CA GLN B 455 -2.13 -5.72 -22.24
C GLN B 455 -2.18 -4.71 -23.37
N ASP B 456 -2.65 -3.51 -23.07
CA ASP B 456 -2.76 -2.49 -24.11
C ASP B 456 -1.38 -2.12 -24.63
N PHE B 457 -0.45 -1.90 -23.68
CA PHE B 457 0.92 -1.56 -24.00
C PHE B 457 1.52 -2.58 -24.97
N PHE B 458 1.44 -3.86 -24.63
CA PHE B 458 2.16 -4.86 -25.41
C PHE B 458 1.49 -5.12 -26.75
N PHE B 459 0.20 -5.44 -26.74
CA PHE B 459 -0.45 -5.92 -27.96
C PHE B 459 -0.79 -4.79 -28.91
N ARG B 460 -1.38 -3.72 -28.41
CA ARG B 460 -1.76 -2.61 -29.27
C ARG B 460 -0.69 -1.55 -29.48
N LYS B 461 0.02 -1.14 -28.43
CA LYS B 461 1.00 -0.04 -28.54
C LYS B 461 2.41 -0.50 -28.96
N ILE B 462 2.69 -1.81 -28.96
CA ILE B 462 3.95 -2.29 -29.48
C ILE B 462 3.73 -3.21 -30.69
N ILE B 463 3.05 -4.33 -30.49
CA ILE B 463 2.90 -5.34 -31.54
C ILE B 463 2.13 -4.78 -32.72
N ARG B 464 0.89 -4.36 -32.51
CA ARG B 464 0.11 -3.76 -33.58
C ARG B 464 0.78 -2.50 -34.14
N ASP B 465 1.55 -1.77 -33.35
CA ASP B 465 2.31 -0.61 -33.82
C ASP B 465 3.55 -1.02 -34.59
N LYS B 466 3.84 -2.33 -34.66
CA LYS B 466 5.09 -2.86 -35.22
C LYS B 466 6.32 -2.24 -34.53
N GLY B 467 6.17 -1.87 -33.27
CA GLY B 467 7.31 -1.41 -32.51
C GLY B 467 7.90 -0.10 -32.94
N GLN B 468 7.18 0.72 -33.72
CA GLN B 468 7.76 1.95 -34.23
C GLN B 468 7.97 2.97 -33.11
N ALA B 469 6.91 3.23 -32.33
CA ALA B 469 7.03 4.18 -31.23
C ALA B 469 8.06 3.69 -30.23
N LEU B 470 7.95 2.43 -29.81
CA LEU B 470 8.92 1.87 -28.88
C LEU B 470 10.33 2.06 -29.40
N ALA B 471 10.55 1.80 -30.69
CA ALA B 471 11.88 1.95 -31.28
C ALA B 471 12.34 3.40 -31.22
N TYR B 472 11.44 4.33 -31.49
CA TYR B 472 11.84 5.73 -31.44
C TYR B 472 12.35 6.07 -30.05
N VAL B 473 11.60 5.68 -29.01
CA VAL B 473 12.00 6.03 -27.64
C VAL B 473 13.27 5.30 -27.27
N ALA B 474 13.38 4.03 -27.64
CA ALA B 474 14.63 3.29 -27.44
C ALA B 474 15.83 4.03 -28.04
N GLY B 475 15.66 4.60 -29.23
CA GLY B 475 16.76 5.29 -29.87
C GLY B 475 17.17 6.55 -29.12
N GLU B 476 16.21 7.27 -28.54
CA GLU B 476 16.54 8.46 -27.76
C GLU B 476 17.29 8.07 -26.48
N ILE B 477 16.98 6.90 -25.92
CA ILE B 477 17.72 6.45 -24.75
C ILE B 477 19.13 6.03 -25.17
N GLU B 478 19.23 5.29 -26.28
CA GLU B 478 20.55 4.90 -26.76
C GLU B 478 21.40 6.15 -27.06
N GLN B 479 20.80 7.18 -27.66
CA GLN B 479 21.55 8.38 -28.00
C GLN B 479 22.10 9.05 -26.76
N PHE B 480 21.30 9.13 -25.69
CA PHE B 480 21.81 9.72 -24.46
C PHE B 480 22.95 8.89 -23.87
N ILE B 481 22.82 7.56 -23.90
CA ILE B 481 23.87 6.72 -23.35
C ILE B 481 25.18 6.92 -24.10
N LYS B 482 25.10 7.08 -25.42
CA LYS B 482 26.25 7.12 -26.32
C LYS B 482 26.94 8.47 -26.37
N ASN B 483 26.31 9.54 -25.88
CA ASN B 483 26.98 10.85 -25.88
C ASN B 483 28.05 10.89 -24.76
N ASN B 487 30.74 15.38 -20.82
CA ASN B 487 31.44 15.16 -19.56
C ASN B 487 31.58 13.65 -19.29
N GLY B 488 32.09 13.30 -18.12
CA GLY B 488 32.19 11.92 -17.72
C GLY B 488 31.76 11.71 -16.28
N ARG B 489 31.18 12.76 -15.69
CA ARG B 489 30.59 12.65 -14.36
C ARG B 489 29.29 11.88 -14.36
N LEU B 490 28.80 11.48 -15.55
CA LEU B 490 27.61 10.64 -15.67
C LEU B 490 27.95 9.26 -16.25
N LYS B 491 29.22 8.86 -16.21
CA LYS B 491 29.65 7.60 -16.82
C LYS B 491 28.97 6.40 -16.18
N THR B 492 28.94 6.36 -14.84
CA THR B 492 28.28 5.28 -14.11
C THR B 492 26.79 5.22 -14.44
N GLU B 493 26.13 6.38 -14.46
CA GLU B 493 24.70 6.39 -14.73
C GLU B 493 24.44 5.85 -16.14
N ARG B 494 25.24 6.28 -17.11
CA ARG B 494 25.06 5.81 -18.49
C ARG B 494 25.33 4.32 -18.62
N GLU B 495 26.30 3.79 -17.86
CA GLU B 495 26.53 2.36 -17.89
C GLU B 495 25.34 1.61 -17.30
N LEU B 496 24.77 2.14 -16.21
CA LEU B 496 23.60 1.49 -15.63
C LEU B 496 22.38 1.60 -16.55
N LEU B 497 22.23 2.72 -17.27
CA LEU B 497 21.12 2.82 -18.22
C LEU B 497 21.31 1.88 -19.39
N ALA B 498 22.56 1.72 -19.87
CA ALA B 498 22.82 0.74 -20.94
C ALA B 498 22.39 -0.66 -20.53
N THR B 499 22.76 -1.11 -19.35
CA THR B 499 22.27 -2.41 -18.89
C THR B 499 20.75 -2.43 -18.81
N ALA B 500 20.14 -1.42 -18.18
CA ALA B 500 18.69 -1.39 -18.09
C ALA B 500 18.02 -1.45 -19.46
N LEU B 501 18.50 -0.64 -20.42
CA LEU B 501 17.99 -0.68 -21.79
C LEU B 501 18.14 -2.07 -22.44
N ALA B 502 19.31 -2.67 -22.34
CA ALA B 502 19.43 -4.07 -22.78
C ALA B 502 18.46 -5.01 -22.04
N ASP B 503 18.26 -4.83 -20.74
CA ASP B 503 17.30 -5.65 -20.01
C ASP B 503 15.87 -5.48 -20.57
N VAL B 504 15.46 -4.25 -20.84
CA VAL B 504 14.10 -4.07 -21.35
C VAL B 504 14.01 -4.61 -22.77
N GLN B 505 15.05 -4.41 -23.56
CA GLN B 505 15.13 -5.07 -24.86
C GLN B 505 14.97 -6.58 -24.72
N GLY B 506 15.67 -7.18 -23.75
CA GLY B 506 15.55 -8.61 -23.53
C GLY B 506 14.12 -9.03 -23.21
N MET B 507 13.49 -8.30 -22.28
CA MET B 507 12.10 -8.60 -21.92
C MET B 507 11.20 -8.58 -23.14
N ALA B 508 11.34 -7.52 -23.95
CA ALA B 508 10.54 -7.37 -25.16
C ALA B 508 10.74 -8.54 -26.09
N ALA B 509 12.02 -8.90 -26.34
CA ALA B 509 12.29 -10.01 -27.25
C ALA B 509 11.66 -11.31 -26.73
N SER B 510 11.78 -11.53 -25.43
CA SER B 510 11.28 -12.75 -24.81
C SER B 510 9.77 -12.82 -24.95
N LEU B 511 9.08 -11.73 -24.65
CA LEU B 511 7.63 -11.73 -24.74
C LEU B 511 7.15 -11.87 -26.18
N THR B 512 7.84 -11.23 -27.10
CA THR B 512 7.54 -11.46 -28.51
C THR B 512 7.76 -12.92 -28.89
N GLY B 513 8.82 -13.54 -28.36
CA GLY B 513 9.06 -14.95 -28.65
C GLY B 513 7.89 -15.81 -28.24
N TYR B 514 7.39 -15.59 -27.02
CA TYR B 514 6.23 -16.34 -26.53
C TYR B 514 5.03 -16.15 -27.47
N LEU B 515 4.82 -14.92 -27.93
CA LEU B 515 3.71 -14.65 -28.81
C LEU B 515 3.82 -15.47 -30.11
N MET B 516 4.97 -15.45 -30.74
CA MET B 516 5.08 -16.22 -31.98
C MET B 516 5.03 -17.72 -31.73
N ALA B 517 5.51 -18.21 -30.59
CA ALA B 517 5.31 -19.61 -30.25
C ALA B 517 3.82 -19.96 -30.19
N ALA B 518 2.97 -18.99 -29.91
CA ALA B 518 1.55 -19.24 -29.82
C ALA B 518 0.95 -19.52 -31.18
N GLN B 519 1.68 -19.26 -32.27
CA GLN B 519 1.28 -19.77 -33.58
C GLN B 519 1.17 -21.30 -33.59
N GLU B 520 2.01 -21.99 -32.84
CA GLU B 520 2.05 -23.44 -32.75
C GLU B 520 1.38 -24.01 -31.50
N ASP B 521 1.47 -23.33 -30.38
CA ASP B 521 0.94 -23.80 -29.10
C ASP B 521 0.22 -22.60 -28.48
N ALA B 522 -1.08 -22.55 -28.70
CA ALA B 522 -1.89 -21.43 -28.20
C ALA B 522 -1.56 -21.08 -26.75
N ALA B 523 -1.38 -22.10 -25.91
CA ALA B 523 -1.13 -21.89 -24.49
C ALA B 523 0.10 -21.03 -24.22
N SER B 524 1.03 -20.94 -25.17
CA SER B 524 2.21 -20.12 -24.94
C SER B 524 1.86 -18.63 -24.76
N ILE B 525 0.71 -18.20 -25.25
CA ILE B 525 0.32 -16.79 -25.08
C ILE B 525 0.22 -16.44 -23.60
N TYR B 526 -0.13 -17.40 -22.75
CA TYR B 526 -0.24 -17.11 -21.33
C TYR B 526 1.04 -16.51 -20.78
N LYS B 527 2.21 -16.94 -21.28
CA LYS B 527 3.46 -16.40 -20.75
C LYS B 527 3.56 -14.89 -20.94
N VAL B 528 3.11 -14.39 -22.10
CA VAL B 528 3.01 -12.96 -22.30
C VAL B 528 2.17 -12.32 -21.18
N GLY B 529 0.99 -12.87 -20.90
CA GLY B 529 0.19 -12.30 -19.83
C GLY B 529 0.91 -12.35 -18.49
N LEU B 530 1.60 -13.44 -18.23
CA LEU B 530 2.26 -13.56 -16.93
C LEU B 530 3.31 -12.47 -16.76
N GLY B 531 3.97 -12.10 -17.84
CA GLY B 531 5.01 -11.11 -17.74
C GLY B 531 4.62 -9.68 -18.11
N SER B 532 3.37 -9.47 -18.56
CA SER B 532 2.88 -8.19 -19.11
C SER B 532 3.14 -7.06 -18.12
N VAL B 533 2.67 -7.24 -16.89
CA VAL B 533 2.73 -6.16 -15.91
C VAL B 533 4.18 -5.88 -15.49
N ARG B 534 4.98 -6.92 -15.25
CA ARG B 534 6.38 -6.67 -14.92
C ARG B 534 7.09 -5.96 -16.07
N PHE B 535 6.71 -6.28 -17.31
CA PHE B 535 7.34 -5.59 -18.43
C PHE B 535 7.00 -4.11 -18.42
N LEU B 536 5.72 -3.77 -18.25
CA LEU B 536 5.30 -2.37 -18.17
C LEU B 536 6.08 -1.64 -17.09
N MET B 537 6.19 -2.25 -15.90
CA MET B 537 6.88 -1.57 -14.80
C MET B 537 8.36 -1.42 -15.12
N ALA B 538 8.89 -2.36 -15.89
CA ALA B 538 10.29 -2.23 -16.22
C ALA B 538 10.49 -1.03 -17.13
N VAL B 539 9.66 -0.93 -18.16
CA VAL B 539 9.82 0.19 -19.06
C VAL B 539 9.71 1.51 -18.27
N GLY B 540 8.75 1.57 -17.35
CA GLY B 540 8.61 2.78 -16.57
C GLY B 540 9.83 3.09 -15.73
N ASP B 541 10.42 2.07 -15.12
CA ASP B 541 11.68 2.29 -14.42
C ASP B 541 12.78 2.79 -15.36
N LEU B 542 12.84 2.24 -16.58
CA LEU B 542 13.85 2.68 -17.54
C LEU B 542 13.65 4.15 -17.88
N LEU B 543 12.41 4.53 -18.24
CA LEU B 543 12.12 5.92 -18.60
C LEU B 543 12.44 6.86 -17.44
N SER B 544 12.13 6.45 -16.20
CA SER B 544 12.41 7.31 -15.06
C SER B 544 13.90 7.56 -14.94
N GLY B 545 14.69 6.48 -14.98
CA GLY B 545 16.14 6.62 -14.85
C GLY B 545 16.76 7.41 -15.98
N TRP B 546 16.21 7.27 -17.19
CA TRP B 546 16.71 8.02 -18.34
C TRP B 546 16.39 9.49 -18.19
N LEU B 547 15.13 9.82 -17.87
CA LEU B 547 14.74 11.22 -17.74
C LEU B 547 15.38 11.85 -16.53
N LEU B 548 15.54 11.13 -15.42
CA LEU B 548 16.32 11.69 -14.32
C LEU B 548 17.75 12.02 -14.77
N ALA B 549 18.38 11.10 -15.53
CA ALA B 549 19.77 11.32 -15.95
C ALA B 549 19.86 12.51 -16.87
N ARG B 550 18.89 12.65 -17.77
CA ARG B 550 18.81 13.85 -18.58
C ARG B 550 18.75 15.07 -17.69
N GLN B 551 17.97 14.98 -16.62
CA GLN B 551 17.81 16.14 -15.76
C GLN B 551 19.11 16.44 -15.06
N ALA B 552 19.85 15.37 -14.74
CA ALA B 552 21.16 15.54 -14.10
C ALA B 552 22.13 16.23 -15.04
N ALA B 553 22.07 15.87 -16.33
CA ALA B 553 22.94 16.49 -17.33
C ALA B 553 22.67 17.99 -17.43
N VAL B 554 21.40 18.39 -17.45
CA VAL B 554 21.09 19.82 -17.46
C VAL B 554 21.52 20.49 -16.15
N ALA B 555 21.27 19.82 -15.00
CA ALA B 555 21.70 20.34 -13.72
C ALA B 555 23.20 20.52 -13.62
N ILE B 556 24.00 19.65 -14.26
CA ILE B 556 25.45 19.80 -14.26
C ILE B 556 25.86 21.05 -15.05
N GLU B 557 25.30 21.22 -16.25
CA GLU B 557 25.60 22.42 -17.01
C GLU B 557 25.29 23.70 -16.23
N LYS B 558 24.15 23.73 -15.54
CA LYS B 558 23.74 24.91 -14.79
C LYS B 558 24.60 25.12 -13.54
N LEU B 559 25.07 24.03 -12.93
CA LEU B 559 25.98 24.19 -11.81
C LEU B 559 27.34 24.67 -12.29
N ASP B 560 27.85 24.07 -13.37
CA ASP B 560 29.12 24.53 -13.94
C ASP B 560 29.08 26.00 -14.32
N ALA B 561 27.94 26.49 -14.84
CA ALA B 561 27.84 27.90 -15.24
C ALA B 561 27.82 28.88 -14.06
N GLY B 562 27.57 28.39 -12.84
CA GLY B 562 27.66 29.19 -11.62
C GLY B 562 26.40 29.37 -10.80
N ALA B 563 25.52 28.39 -10.83
CA ALA B 563 24.32 28.44 -10.02
C ALA B 563 24.69 28.56 -8.55
N THR B 564 23.91 29.37 -7.84
CA THR B 564 24.07 29.62 -6.42
C THR B 564 22.74 29.40 -5.71
N GLY B 565 22.78 29.47 -4.38
CA GLY B 565 21.59 29.47 -3.54
C GLY B 565 20.64 28.29 -3.76
N ALA B 566 19.35 28.61 -3.74
CA ALA B 566 18.36 27.57 -3.88
C ALA B 566 18.45 26.88 -5.23
N ASP B 567 18.80 27.59 -6.31
CA ASP B 567 19.11 26.95 -7.60
C ASP B 567 20.17 25.87 -7.46
N LYS B 568 21.31 26.21 -6.83
CA LYS B 568 22.38 25.24 -6.61
C LYS B 568 21.81 23.99 -5.94
N SER B 569 21.04 24.20 -4.87
CA SER B 569 20.48 23.10 -4.09
C SER B 569 19.60 22.22 -4.94
N PHE B 570 18.75 22.85 -5.77
CA PHE B 570 17.87 22.12 -6.68
C PHE B 570 18.69 21.26 -7.65
N TYR B 571 19.60 21.87 -8.36
CA TYR B 571 20.38 21.10 -9.31
C TYR B 571 21.16 19.99 -8.62
N GLU B 572 21.71 20.25 -7.44
CA GLU B 572 22.40 19.19 -6.70
C GLU B 572 21.47 18.03 -6.44
N GLY B 573 20.23 18.33 -6.07
CA GLY B 573 19.26 17.28 -5.82
C GLY B 573 18.97 16.42 -7.04
N LYS B 574 18.91 17.05 -8.23
CA LYS B 574 18.70 16.28 -9.46
C LYS B 574 19.85 15.33 -9.72
N ILE B 575 21.09 15.77 -9.46
CA ILE B 575 22.25 14.91 -9.68
C ILE B 575 22.19 13.71 -8.74
N ALA B 576 21.83 13.95 -7.47
CA ALA B 576 21.78 12.87 -6.49
C ALA B 576 20.66 11.91 -6.81
N ALA B 577 19.55 12.41 -7.32
CA ALA B 577 18.42 11.53 -7.55
C ALA B 577 18.68 10.64 -8.77
N ALA B 578 19.28 11.21 -9.81
CA ALA B 578 19.53 10.41 -11.00
C ALA B 578 20.56 9.33 -10.68
N SER B 579 21.56 9.67 -9.88
CA SER B 579 22.57 8.69 -9.52
C SER B 579 22.00 7.61 -8.59
N PHE B 580 21.16 8.01 -7.64
CA PHE B 580 20.58 7.06 -6.71
C PHE B 580 19.66 6.11 -7.46
N PHE B 581 18.83 6.65 -8.32
CA PHE B 581 17.90 5.79 -9.05
C PHE B 581 18.64 4.78 -9.89
N ALA B 582 19.71 5.21 -10.57
CA ALA B 582 20.42 4.27 -11.40
C ALA B 582 21.06 3.17 -10.59
N LYS B 583 21.49 3.45 -9.36
CA LYS B 583 22.27 2.47 -8.62
C LYS B 583 21.39 1.59 -7.75
N ASN B 584 20.16 2.03 -7.45
CA ASN B 584 19.30 1.33 -6.49
C ASN B 584 18.04 0.74 -7.08
N MET B 585 17.58 1.25 -8.22
CA MET B 585 16.35 0.83 -8.86
C MET B 585 16.62 0.08 -10.15
N LEU B 586 17.45 0.63 -11.04
CA LEU B 586 17.60 0.03 -12.35
C LEU B 586 18.20 -1.37 -12.34
N PRO B 587 19.19 -1.73 -11.49
CA PRO B 587 19.80 -3.08 -11.59
C PRO B 587 18.76 -4.19 -11.43
N LEU B 588 17.67 -3.94 -10.70
CA LEU B 588 16.66 -4.97 -10.47
C LEU B 588 16.02 -5.45 -11.77
N LEU B 589 16.07 -4.63 -12.82
CA LEU B 589 15.50 -5.05 -14.08
C LEU B 589 16.25 -6.24 -14.66
N THR B 590 17.53 -6.41 -14.28
CA THR B 590 18.31 -7.55 -14.76
C THR B 590 17.69 -8.85 -14.25
N SER B 591 17.40 -8.88 -12.96
CA SER B 591 16.69 -10.02 -12.40
C SER B 591 15.31 -10.21 -13.02
N THR B 592 14.58 -9.11 -13.22
CA THR B 592 13.27 -9.23 -13.84
C THR B 592 13.35 -9.80 -15.23
N ARG B 593 14.37 -9.40 -16.01
CA ARG B 593 14.56 -9.97 -17.34
C ARG B 593 14.76 -11.48 -17.27
N GLN B 594 15.64 -11.93 -16.38
CA GLN B 594 15.87 -13.36 -16.21
C GLN B 594 14.63 -14.10 -15.73
N ILE B 595 13.80 -13.50 -14.85
CA ILE B 595 12.51 -14.12 -14.48
C ILE B 595 11.59 -14.25 -15.70
N ILE B 596 11.42 -13.17 -16.47
CA ILE B 596 10.62 -13.23 -17.71
C ILE B 596 11.17 -14.23 -18.71
N GLU B 597 12.50 -14.39 -18.81
CA GLU B 597 13.08 -15.36 -19.73
C GLU B 597 12.84 -16.80 -19.31
N ASN B 598 12.37 -17.04 -18.09
CA ASN B 598 12.11 -18.39 -17.62
C ASN B 598 10.65 -18.62 -17.19
N LEU B 599 9.72 -17.74 -17.54
CA LEU B 599 8.32 -18.03 -17.26
C LEU B 599 7.89 -19.37 -17.86
N ASP B 600 6.99 -20.05 -17.17
CA ASP B 600 6.39 -21.28 -17.68
C ASP B 600 4.92 -21.29 -17.30
N ASN B 601 4.22 -22.33 -17.77
CA ASN B 601 2.77 -22.44 -17.65
C ASN B 601 2.36 -23.37 -16.52
N ASP B 602 3.29 -23.74 -15.65
CA ASP B 602 2.91 -24.46 -14.43
C ASP B 602 1.74 -23.79 -13.72
N VAL B 603 1.81 -22.47 -13.49
CA VAL B 603 0.78 -21.79 -12.73
C VAL B 603 -0.53 -21.72 -13.51
N MET B 604 -0.49 -21.87 -14.83
CA MET B 604 -1.73 -21.94 -15.59
C MET B 604 -2.35 -23.34 -15.53
N GLU B 605 -1.52 -24.38 -15.61
CA GLU B 605 -2.04 -25.73 -15.64
C GLU B 605 -2.54 -26.18 -14.30
N LEU B 606 -2.12 -25.53 -13.20
CA LEU B 606 -2.48 -25.93 -11.85
C LEU B 606 -3.99 -25.94 -11.73
N ASP B 607 -4.50 -26.92 -10.97
CA ASP B 607 -5.93 -27.03 -10.72
C ASP B 607 -6.43 -25.87 -9.86
N GLU B 608 -7.53 -25.23 -10.26
CA GLU B 608 -8.08 -24.12 -9.49
C GLU B 608 -8.30 -24.50 -8.03
N ALA B 609 -8.64 -25.76 -7.76
CA ALA B 609 -8.83 -26.18 -6.38
C ALA B 609 -7.54 -26.24 -5.54
N ALA B 610 -6.38 -26.08 -6.17
CA ALA B 610 -5.12 -26.16 -5.44
C ALA B 610 -4.68 -24.82 -4.87
N PHE B 611 -5.22 -23.72 -5.40
CA PHE B 611 -5.09 -22.39 -4.80
C PHE B 611 -5.72 -22.46 -3.39
PA FAD C . 9.80 8.21 15.22
O1A FAD C . 10.66 7.57 16.23
O2A FAD C . 9.70 9.70 15.32
O5B FAD C . 10.30 7.78 13.79
C5B FAD C . 9.96 8.54 12.61
C4B FAD C . 10.74 7.94 11.47
O4B FAD C . 12.16 7.99 11.77
C3B FAD C . 10.42 6.47 11.16
O3B FAD C . 10.48 6.18 9.77
C2B FAD C . 11.56 5.72 11.86
O2B FAD C . 11.77 4.46 11.24
C1B FAD C . 12.71 6.69 11.67
N9A FAD C . 13.73 6.57 12.70
C8A FAD C . 13.63 6.95 14.01
N7A FAD C . 14.70 6.69 14.72
C5A FAD C . 15.57 6.13 13.81
C6A FAD C . 16.88 5.62 13.94
N6A FAD C . 17.56 5.65 15.09
N1A FAD C . 17.47 5.12 12.84
C2A FAD C . 16.77 5.07 11.70
N3A FAD C . 15.53 5.52 11.46
C4A FAD C . 15.01 6.06 12.55
N1 FAD C . 3.75 2.81 22.18
C2 FAD C . 3.65 2.35 23.46
O2 FAD C . 4.58 2.48 24.26
N3 FAD C . 2.52 1.65 23.83
C4 FAD C . 1.40 1.41 23.03
O4 FAD C . 0.45 0.76 23.45
C4X FAD C . 1.53 1.93 21.69
N5 FAD C . 0.52 1.78 20.86
C5X FAD C . 0.62 2.36 19.62
C6 FAD C . -0.45 2.24 18.76
C7 FAD C . -0.43 2.82 17.51
C7M FAD C . -1.62 2.67 16.60
C8 FAD C . 0.70 3.54 17.11
C8M FAD C . 0.80 4.15 15.74
C9 FAD C . 1.81 3.63 17.95
C9A FAD C . 1.77 3.05 19.21
N10 FAD C . 2.84 3.14 20.13
C10 FAD C . 2.75 2.61 21.37
C1' FAD C . 4.02 3.93 19.82
C2' FAD C . 4.77 3.41 18.62
O2' FAD C . 5.51 2.29 19.11
C3' FAD C . 5.66 4.51 18.05
O3' FAD C . 4.85 5.31 17.21
C4' FAD C . 6.77 3.87 17.21
O4' FAD C . 7.75 3.19 18.03
C5' FAD C . 7.43 4.88 16.28
O5' FAD C . 7.81 6.04 17.06
P FAD C . 7.44 7.49 16.58
O1P FAD C . 5.96 7.55 16.20
O2P FAD C . 7.85 8.54 17.55
O3P FAD C . 8.35 7.56 15.26
H51A FAD C . 10.19 9.44 12.73
H52A FAD C . 9.03 8.48 12.44
H4B FAD C . 10.60 8.45 10.69
H3B FAD C . 9.58 6.29 11.52
HO3A FAD C . 9.94 6.66 9.36
H2B FAD C . 11.39 5.60 12.78
HO2A FAD C . 11.34 4.41 10.54
H1B FAD C . 13.10 6.58 10.82
H8A FAD C . 12.86 7.34 14.35
H61A FAD C . 17.20 5.99 15.80
H62A FAD C . 18.36 5.31 15.13
H2A FAD C . 17.22 4.73 10.96
HN3 FAD C . 2.54 1.27 24.62
H6 FAD C . -1.13 1.73 19.15
HM71 FAD C . -2.10 3.47 16.57
HM72 FAD C . -2.17 1.98 16.91
HM73 FAD C . -1.32 2.47 15.73
HM81 FAD C . 1.55 3.82 15.30
HM82 FAD C . 0.86 5.09 15.82
HM83 FAD C . 0.02 3.93 15.25
H9 FAD C . 2.51 3.80 17.37
H1'1 FAD C . 4.59 3.93 20.56
H1'2 FAD C . 3.75 4.82 19.63
H2' FAD C . 4.23 3.15 17.90
HO2' FAD C . 6.20 2.57 19.50
H3' FAD C . 6.02 5.06 18.72
HO3' FAD C . 5.00 6.12 17.36
H4' FAD C . 6.40 3.20 16.69
HO4' FAD C . 8.36 3.72 18.22
H5'1 FAD C . 6.82 5.13 15.62
H5'2 FAD C . 8.19 4.50 15.89
C1 MYR D . 3.72 -0.77 21.16
O1 MYR D . 3.92 -0.10 20.19
C2 MYR D . 2.71 -1.98 21.18
C3 MYR D . 1.66 -1.86 20.05
C4 MYR D . 0.72 -3.11 20.13
C5 MYR D . -0.15 -2.96 21.40
C6 MYR D . -0.67 -4.38 21.85
C7 MYR D . -0.21 -4.61 23.31
C8 MYR D . -1.24 -4.05 24.32
C9 MYR D . -1.33 -4.93 25.60
C10 MYR D . 0.00 -4.91 26.41
C11 MYR D . 0.27 -6.29 27.10
C12 MYR D . 1.25 -7.16 26.23
C13 MYR D . 1.71 -8.39 27.08
C14 MYR D . 2.15 -9.58 26.18
H21 MYR D . 2.26 -2.01 22.03
H22 MYR D . 3.21 -2.80 21.05
H31 MYR D . 2.10 -1.83 19.19
H32 MYR D . 1.14 -1.05 20.18
H41 MYR D . 0.16 -3.16 19.34
H42 MYR D . 1.26 -3.92 20.19
H51 MYR D . -0.90 -2.38 21.20
H52 MYR D . 0.39 -2.57 22.10
H61 MYR D . -0.32 -5.06 21.28
H62 MYR D . -1.64 -4.39 21.82
H71 MYR D . -0.10 -5.56 23.46
H72 MYR D . 0.65 -4.17 23.45
H81 MYR D . -0.98 -3.14 24.57
H82 MYR D . -2.12 -4.01 23.90
H91 MYR D . -1.51 -5.85 25.34
H92 MYR D . -2.05 -4.60 26.16
H101 MYR D . 0.73 -4.69 25.82
H102 MYR D . -0.06 -4.23 27.10
H111 MYR D . 0.66 -6.14 27.98
H112 MYR D . -0.57 -6.77 27.19
H121 MYR D . 0.80 -7.47 25.43
H122 MYR D . 2.03 -6.63 25.99
H131 MYR D . 0.98 -8.69 27.65
H132 MYR D . 2.46 -8.13 27.64
H141 MYR D . 1.38 -10.16 26.05
H142 MYR D . 2.42 -9.21 25.32
N1A COA E . 15.42 -7.88 22.88
C2A COA E . 15.51 -7.90 24.24
N3A COA E . 16.09 -6.84 24.87
C4A COA E . 16.52 -5.78 24.16
C5A COA E . 16.42 -5.78 22.83
C6A COA E . 15.84 -6.84 22.17
N6A COA E . 15.63 -7.07 20.75
N7A COA E . 16.93 -4.62 22.36
C8A COA E . 17.33 -3.91 23.44
N9A COA E . 17.07 -4.61 24.54
C1B COA E . 17.35 -4.24 25.92
C2B COA E . 18.36 -4.80 26.44
O2B COA E . 18.01 -4.98 27.93
C3B COA E . 19.55 -3.86 26.33
O3B COA E . 20.47 -3.97 27.33
P3B COA E . 21.87 -4.79 26.92
O7A COA E . 21.59 -6.29 26.85
O8A COA E . 22.41 -4.32 25.59
O9A COA E . 22.90 -4.52 28.00
C4B COA E . 18.79 -2.47 26.35
O4B COA E . 17.63 -2.63 25.84
C5B COA E . 19.60 -1.41 25.55
O5B COA E . 19.99 -1.94 24.30
P1A COA E . 20.35 -0.75 23.20
O1A COA E . 21.49 0.13 23.71
O2A COA E . 20.63 -1.32 21.84
O3A COA E . 18.98 0.16 23.11
P2A COA E . 18.94 1.83 23.13
O4A COA E . 19.23 2.32 24.55
O5A COA E . 19.86 2.40 22.07
O6A COA E . 17.37 2.14 22.72
CBP COA E . 15.80 0.85 21.40
CCP COA E . 16.99 1.82 21.40
CDP COA E . 16.28 -0.55 21.78
CEP COA E . 14.68 1.28 22.38
CAP COA E . 15.28 0.91 19.95
OAP COA E . 16.15 0.17 19.16
C9P COA E . 13.88 0.33 19.82
O9P COA E . 13.70 -0.82 20.02
N8P COA E . 12.80 1.24 19.44
C7P COA E . 11.41 0.82 19.33
C6P COA E . 10.87 0.76 20.77
C5P COA E . 9.53 0.00 20.76
O5P COA E . 9.46 -1.07 20.30
N4P COA E . 8.32 0.62 21.31
C3P COA E . 7.05 -0.13 21.31
C2P COA E . 6.02 0.70 22.12
S1P COA E . 4.63 -0.35 22.71
H2A COA E . 15.20 -8.62 24.73
H61A COA E . 16.16 -6.71 20.18
H62A COA E . 14.98 -7.57 20.49
H8A COA E . 17.72 -3.06 23.42
H1B COA E . 16.62 -4.50 26.52
H2B COA E . 18.60 -5.61 25.98
HO2A COA E . 18.07 -5.81 28.13
H3B COA E . 20.06 -4.01 25.52
H4B COA E . 18.67 -2.21 27.28
H51A COA E . 20.40 -1.17 26.06
H52A COA E . 19.05 -0.63 25.41
H10 COA E . 15.24 1.84 19.67
HO1 COA E . 16.22 0.54 18.39
HN8 COA E . 12.99 2.06 19.28
H71 COA E . 10.91 1.46 18.80
H72 COA E . 11.36 -0.05 18.91
H61 COA E . 11.50 0.29 21.34
H62 COA E . 10.72 1.66 21.10
HN4 COA E . 8.36 1.41 21.64
H31 COA E . 6.73 -0.24 20.39
H32 COA E . 7.17 -1.01 21.71
H21 COA E . 5.66 1.41 21.57
H22 COA E . 6.47 1.09 22.89
PA FAD F . -13.04 -6.67 -13.38
O1A FAD F . -13.03 -6.33 -14.81
O2A FAD F . -14.04 -7.76 -12.99
O5B FAD F . -11.61 -7.09 -12.85
C5B FAD F . -11.42 -8.20 -11.95
C4B FAD F . -9.98 -8.64 -12.02
O4B FAD F . -9.74 -9.42 -13.22
C3B FAD F . -9.00 -7.46 -12.07
O3B FAD F . -7.80 -7.72 -11.34
C2B FAD F . -8.68 -7.35 -13.56
O2B FAD F . -7.40 -6.80 -13.81
C1B FAD F . -8.73 -8.81 -13.99
N9A FAD F . -9.07 -8.99 -15.40
C8A FAD F . -10.27 -8.79 -16.01
N7A FAD F . -10.27 -9.05 -17.30
C5A FAD F . -8.96 -9.43 -17.55
C6A FAD F . -8.31 -9.82 -18.73
N6A FAD F . -8.89 -9.90 -19.93
N1A FAD F . -6.99 -10.12 -18.64
C2A FAD F . -6.38 -10.05 -17.44
N3A FAD F . -6.92 -9.71 -16.27
C4A FAD F . -8.21 -9.41 -16.39
N1 FAD F . -16.44 3.26 -15.21
C2 FAD F . -17.09 4.14 -16.04
O2 FAD F . -17.46 3.86 -17.18
N3 FAD F . -17.30 5.44 -15.66
C4 FAD F . -16.98 5.98 -14.47
O4 FAD F . -17.30 7.16 -14.26
C4X FAD F . -16.29 5.07 -13.57
N5 FAD F . -15.95 5.50 -12.39
C5X FAD F . -15.38 4.60 -11.49
C6 FAD F . -15.08 5.06 -10.23
C7 FAD F . -14.51 4.22 -9.29
C7M FAD F . -14.16 4.78 -7.93
C8 FAD F . -14.25 2.89 -9.64
C8M FAD F . -13.62 1.94 -8.68
C9 FAD F . -14.55 2.41 -10.91
C9A FAD F . -15.10 3.28 -11.85
N10 FAD F . -15.45 2.85 -13.14
C10 FAD F . -16.08 3.72 -14.03
C1' FAD F . -15.31 1.47 -13.54
C2' FAD F . -13.88 0.98 -13.54
O2' FAD F . -13.31 1.45 -14.76
C3' FAD F . -13.90 -0.54 -13.49
O3' FAD F . -14.00 -0.91 -12.11
C4' FAD F . -12.59 -1.14 -14.00
O4' FAD F . -12.41 -1.11 -15.41
C5' FAD F . -12.40 -2.57 -13.54
O5' FAD F . -13.57 -3.34 -13.92
P FAD F . -14.37 -4.18 -12.87
O1P FAD F . -14.65 -3.40 -11.58
O2P FAD F . -15.68 -4.75 -13.41
O3P FAD F . -13.31 -5.38 -12.53
H51A FAD F . -11.99 -8.91 -12.20
H52A FAD F . -11.62 -7.93 -11.07
H4B FAD F . -9.77 -9.20 -11.30
H3B FAD F . -9.44 -6.71 -11.74
HO3A FAD F . -7.67 -7.09 -10.82
H2B FAD F . -9.35 -6.85 -14.00
HO2A FAD F . -6.90 -6.98 -13.17
H1B FAD F . -7.91 -9.22 -13.81
H8A FAD F . -11.03 -8.52 -15.53
H61A FAD F . -9.75 -9.72 -20.00
H62A FAD F . -8.44 -10.13 -20.62
H2A FAD F . -5.49 -10.27 -17.43
HN3 FAD F . -17.67 5.95 -16.26
H6 FAD F . -15.32 5.95 -10.15
HM71 FAD F . -14.77 4.43 -7.30
HM72 FAD F . -14.23 5.71 -7.96
HM73 FAD F . -13.29 4.52 -7.71
HM81 FAD F . -12.86 1.53 -9.07
HM82 FAD F . -14.23 1.28 -8.43
HM83 FAD F . -13.34 2.42 -7.91
H9 FAD F . -14.04 1.65 -10.99
H1'1 FAD F . -15.66 1.37 -14.40
H1'2 FAD F . -15.80 0.94 -12.93
H2' FAD F . -13.38 1.28 -12.80
HO2' FAD F . -13.14 2.26 -14.68
H3' FAD F . -14.63 -0.89 -13.96
HO3' FAD F . -14.64 -1.44 -12.00
H4' FAD F . -11.93 -0.56 -13.66
HO4' FAD F . -12.57 -0.34 -15.70
H5'1 FAD F . -12.30 -2.60 -12.62
H5'2 FAD F . -11.63 -2.94 -13.95
C1 MYR G . -13.53 5.26 -15.79
O1 MYR G . -13.05 4.26 -15.41
C2 MYR G . -13.47 6.64 -15.06
C3 MYR G . -12.07 7.07 -14.59
C4 MYR G . -11.95 8.56 -14.12
C5 MYR G . -13.33 9.23 -14.02
C6 MYR G . -13.16 10.72 -14.55
C7 MYR G . -14.51 11.45 -14.49
C8 MYR G . -14.59 12.55 -15.59
C9 MYR G . -15.32 12.04 -16.86
C10 MYR G . -16.23 13.17 -17.45
C11 MYR G . -15.74 13.61 -18.88
C12 MYR G . -14.21 13.30 -19.13
C13 MYR G . -13.80 13.96 -20.49
C14 MYR G . -12.26 14.11 -20.52
H21 MYR G . -14.04 6.58 -14.28
H22 MYR G . -13.80 7.31 -15.67
H31 MYR G . -11.81 6.50 -13.84
H32 MYR G . -11.44 6.94 -15.32
H41 MYR G . -11.53 8.58 -13.24
H42 MYR G . -11.40 9.05 -14.75
H51 MYR G . -13.96 8.75 -14.58
H52 MYR G . -13.63 9.24 -13.10
H61 MYR G . -12.52 11.18 -13.99
H62 MYR G . -12.84 10.69 -15.47
H71 MYR G . -15.23 10.81 -14.64
H72 MYR G . -14.62 11.85 -13.62
H81 MYR G . -15.07 13.32 -15.24
H82 MYR G . -13.69 12.82 -15.83
H91 MYR G . -15.86 11.28 -16.63
H92 MYR G . -14.66 11.79 -17.53
H101 MYR G . -17.13 12.84 -17.51
H102 MYR G . -16.20 13.93 -16.86
H111 MYR G . -16.27 13.13 -19.54
H112 MYR G . -15.89 14.56 -18.97
H121 MYR G . -13.69 13.69 -18.41
H122 MYR G . -14.08 12.35 -19.17
H131 MYR G . -14.21 14.83 -20.57
H132 MYR G . -14.08 13.38 -21.22
H141 MYR G . -12.04 14.94 -20.06
H142 MYR G . -11.87 13.37 -20.04
N1A COA H . -6.75 3.63 -27.53
C2A COA H . -7.69 4.05 -28.42
N3A COA H . -8.62 3.17 -28.90
C4A COA H . -8.63 1.89 -28.49
C5A COA H . -7.70 1.45 -27.62
C6A COA H . -6.78 2.37 -27.15
N6A COA H . -5.70 2.16 -26.22
N7A COA H . -7.90 0.11 -27.35
C8A COA H . -8.97 -0.22 -28.10
N9A COA H . -9.43 0.87 -28.79
C1B COA H . -10.55 0.95 -29.73
C2B COA H . -10.26 0.79 -30.96
O2B COA H . -11.34 1.47 -31.79
C3B COA H . -10.41 -0.66 -31.35
O3B COA H . -10.78 -0.81 -32.64
P3B COA H . -9.58 -1.16 -33.75
O7A COA H . -8.73 0.07 -34.04
O8A COA H . -8.67 -2.24 -33.21
O9A COA H . -10.21 -1.62 -35.04
C4B COA H . -11.60 -1.03 -30.37
O4B COA H . -11.51 -0.30 -29.30
C5B COA H . -11.58 -2.56 -30.02
O5B COA H . -10.20 -2.84 -29.81
P1A COA H . -9.91 -4.26 -29.02
O1A COA H . -10.42 -5.39 -29.89
O2A COA H . -8.44 -4.40 -28.66
O3A COA H . -10.84 -4.09 -27.68
P2A COA H . -11.93 -5.18 -27.10
O4A COA H . -13.12 -5.15 -28.00
O5A COA H . -11.30 -6.55 -26.93
O6A COA H . -12.31 -4.54 -25.60
CBP COA H . -11.16 -3.23 -23.92
CCP COA H . -11.31 -4.60 -24.62
CDP COA H . -10.53 -2.22 -24.87
CEP COA H . -12.50 -2.68 -23.41
CAP COA H . -10.23 -3.51 -22.72
OAP COA H . -8.98 -3.93 -23.20
C9P COA H . -10.15 -2.25 -21.84
O9P COA H . -9.55 -1.28 -22.18
N8P COA H . -10.88 -2.33 -20.57
C7P COA H . -10.94 -1.23 -19.61
C6P COA H . -12.04 -0.27 -20.12
C5P COA H . -11.90 1.10 -19.42
O5P COA H . -10.87 1.76 -19.40
N4P COA H . -13.12 1.57 -18.74
C3P COA H . -13.06 2.90 -18.11
C2P COA H . -14.53 3.32 -17.71
S1P COA H . -14.55 5.12 -17.28
H2A COA H . -7.70 4.93 -28.71
H61A COA H . -5.55 2.74 -25.61
H62A COA H . -5.21 1.46 -26.28
H8A COA H . -9.36 -1.07 -28.13
H1B COA H . -10.96 1.83 -29.70
H2B COA H . -9.34 1.09 -31.07
HO2A COA H . -11.01 2.11 -32.23
H3B COA H . -9.61 -1.19 -31.23
H4B COA H . -12.44 -0.80 -30.81
H51A COA H . -12.09 -2.73 -29.21
H52A COA H . -11.94 -3.08 -30.75
H10 COA H . -10.56 -4.21 -22.15
HO1 COA H . -8.71 -4.60 -22.75
HN8 COA H . -11.28 -3.06 -20.37
H71 COA H . -11.18 -1.56 -18.73
H72 COA H . -10.09 -0.77 -19.56
H61 COA H . -12.92 -0.63 -19.92
H62 COA H . -11.95 -0.14 -21.08
HN4 COA H . -13.82 1.10 -18.72
H31 COA H . -12.70 3.55 -18.73
H32 COA H . -12.50 2.86 -17.31
H21 COA H . -15.13 3.15 -18.45
H22 COA H . -14.82 2.79 -16.93
#